data_7K7A
#
_entry.id   7K7A
#
_entity_poly.entity_id   1
_entity_poly.type   'polypeptide(L)'
_entity_poly.pdbx_seq_one_letter_code
;GTTVLLPLVIFFGLALLSLLFIGLAYRYQR
;
_entity_poly.pdbx_strand_id   A,B,C
#
# COMPACT_ATOMS: atom_id res chain seq x y z
N GLY A 1 19.83 2.76 -16.63
CA GLY A 1 20.96 2.97 -15.68
C GLY A 1 20.48 3.82 -14.50
N THR A 2 21.23 3.77 -13.39
CA THR A 2 20.89 4.54 -12.18
C THR A 2 19.40 4.40 -11.84
N THR A 3 18.90 3.16 -11.85
CA THR A 3 17.49 2.90 -11.55
C THR A 3 17.32 2.56 -10.06
N VAL A 4 18.13 3.20 -9.23
CA VAL A 4 18.09 3.00 -7.78
C VAL A 4 16.82 3.64 -7.17
N LEU A 5 16.30 4.67 -7.84
CA LEU A 5 15.10 5.39 -7.37
C LEU A 5 13.85 4.52 -7.51
N LEU A 6 13.80 3.67 -8.55
CA LEU A 6 12.64 2.82 -8.79
C LEU A 6 12.22 2.06 -7.50
N PRO A 7 13.09 1.27 -6.87
CA PRO A 7 12.72 0.53 -5.62
C PRO A 7 12.39 1.45 -4.44
N LEU A 8 13.11 2.57 -4.32
CA LEU A 8 12.90 3.51 -3.21
C LEU A 8 11.49 4.09 -3.23
N VAL A 9 11.01 4.50 -4.40
CA VAL A 9 9.67 5.07 -4.52
C VAL A 9 8.60 4.02 -4.21
N ILE A 10 8.83 2.75 -4.60
CA ILE A 10 7.86 1.69 -4.31
C ILE A 10 7.75 1.50 -2.79
N PHE A 11 8.90 1.48 -2.11
CA PHE A 11 8.93 1.31 -0.66
C PHE A 11 8.37 2.56 0.04
N PHE A 12 8.66 3.74 -0.53
CA PHE A 12 8.19 5.02 0.02
C PHE A 12 6.67 5.09 -0.02
N GLY A 13 6.07 4.54 -1.08
CA GLY A 13 4.62 4.54 -1.24
C GLY A 13 3.96 3.78 -0.07
N LEU A 14 4.66 2.75 0.40
CA LEU A 14 4.19 1.93 1.51
C LEU A 14 3.96 2.77 2.77
N ALA A 15 4.68 3.90 2.88
CA ALA A 15 4.56 4.80 4.03
C ALA A 15 3.14 5.34 4.15
N LEU A 16 2.53 5.64 3.00
CA LEU A 16 1.17 6.16 2.97
C LEU A 16 0.19 5.16 3.61
N LEU A 17 0.41 3.87 3.34
CA LEU A 17 -0.44 2.81 3.90
C LEU A 17 -0.37 2.82 5.42
N SER A 18 0.84 3.01 5.96
CA SER A 18 1.04 3.04 7.40
C SER A 18 0.20 4.15 8.03
N LEU A 19 0.23 5.34 7.43
CA LEU A 19 -0.54 6.48 7.93
C LEU A 19 -2.04 6.19 7.83
N LEU A 20 -2.45 5.57 6.71
CA LEU A 20 -3.85 5.23 6.48
C LEU A 20 -4.33 4.19 7.51
N PHE A 21 -3.46 3.26 7.89
CA PHE A 21 -3.81 2.22 8.87
C PHE A 21 -4.07 2.87 10.25
N ILE A 22 -3.22 3.83 10.62
CA ILE A 22 -3.36 4.52 11.91
C ILE A 22 -4.68 5.30 11.94
N GLY A 23 -5.00 5.96 10.83
CA GLY A 23 -6.23 6.75 10.72
C GLY A 23 -7.47 5.87 10.88
N LEU A 24 -7.39 4.61 10.44
CA LEU A 24 -8.52 3.69 10.54
C LEU A 24 -8.98 3.54 11.99
N ALA A 25 -8.01 3.42 12.89
CA ALA A 25 -8.29 3.26 14.32
C ALA A 25 -8.93 4.53 14.89
N TYR A 26 -8.49 5.69 14.40
CA TYR A 26 -9.02 6.98 14.86
C TYR A 26 -10.53 7.06 14.59
N ARG A 27 -10.93 6.64 13.39
CA ARG A 27 -12.34 6.67 12.99
C ARG A 27 -13.18 5.78 13.92
N TYR A 28 -12.58 4.70 14.42
CA TYR A 28 -13.28 3.77 15.31
C TYR A 28 -13.20 4.23 16.78
N GLN A 29 -12.42 5.29 17.06
CA GLN A 29 -12.28 5.81 18.41
C GLN A 29 -12.51 7.34 18.43
N ARG A 30 -13.59 7.77 17.75
CA ARG A 30 -13.94 9.20 17.67
C ARG A 30 -12.81 10.01 17.03
N GLY B 1 14.17 -10.83 -17.60
CA GLY B 1 15.30 -11.27 -16.73
C GLY B 1 14.98 -12.64 -16.12
N THR B 2 14.38 -12.62 -14.92
CA THR B 2 14.02 -13.86 -14.23
C THR B 2 12.81 -13.63 -13.31
N THR B 3 12.81 -12.49 -12.61
CA THR B 3 11.72 -12.15 -11.69
C THR B 3 11.23 -10.71 -11.95
N VAL B 4 10.97 -10.42 -13.22
CA VAL B 4 10.49 -9.10 -13.64
C VAL B 4 9.05 -8.88 -13.14
N LEU B 5 8.25 -9.95 -13.15
CA LEU B 5 6.85 -9.89 -12.72
C LEU B 5 6.74 -9.62 -11.21
N LEU B 6 7.69 -10.17 -10.42
CA LEU B 6 7.64 -9.99 -8.97
C LEU B 6 7.47 -8.50 -8.59
N PRO B 7 8.35 -7.59 -9.02
CA PRO B 7 8.19 -6.13 -8.68
C PRO B 7 6.92 -5.51 -9.29
N LEU B 8 6.54 -5.97 -10.48
CA LEU B 8 5.38 -5.45 -11.18
C LEU B 8 4.09 -5.63 -10.37
N VAL B 9 3.91 -6.83 -9.81
CA VAL B 9 2.72 -7.12 -9.02
C VAL B 9 2.72 -6.27 -7.73
N ILE B 10 3.91 -6.05 -7.13
CA ILE B 10 4.00 -5.24 -5.91
C ILE B 10 3.55 -3.80 -6.24
N PHE B 11 3.99 -3.30 -7.39
CA PHE B 11 3.62 -1.95 -7.84
C PHE B 11 2.12 -1.90 -8.13
N PHE B 12 1.58 -3.00 -8.67
CA PHE B 12 0.15 -3.09 -9.00
C PHE B 12 -0.73 -2.83 -7.78
N GLY B 13 -0.26 -3.24 -6.59
CA GLY B 13 -1.01 -3.03 -5.35
C GLY B 13 -1.02 -1.55 -4.97
N LEU B 14 0.08 -0.86 -5.29
CA LEU B 14 0.24 0.55 -5.00
C LEU B 14 -0.80 1.39 -5.76
N ALA B 15 -1.18 0.94 -6.96
CA ALA B 15 -2.17 1.65 -7.77
C ALA B 15 -3.51 1.74 -7.06
N LEU B 16 -3.90 0.66 -6.38
CA LEU B 16 -5.15 0.61 -5.65
C LEU B 16 -5.16 1.64 -4.51
N LEU B 17 -4.02 1.75 -3.81
CA LEU B 17 -3.90 2.71 -2.70
C LEU B 17 -4.11 4.14 -3.22
N SER B 18 -3.77 4.39 -4.48
CA SER B 18 -3.93 5.70 -5.08
C SER B 18 -5.39 6.15 -4.99
N LEU B 19 -6.32 5.24 -5.34
CA LEU B 19 -7.75 5.55 -5.28
C LEU B 19 -8.19 5.81 -3.84
N LEU B 20 -7.69 4.99 -2.90
CA LEU B 20 -8.02 5.14 -1.49
C LEU B 20 -7.53 6.52 -0.99
N PHE B 21 -6.37 6.95 -1.50
CA PHE B 21 -5.80 8.25 -1.14
C PHE B 21 -6.76 9.38 -1.49
N ILE B 22 -7.49 9.23 -2.61
CA ILE B 22 -8.43 10.25 -3.08
C ILE B 22 -9.54 10.46 -2.04
N GLY B 23 -10.04 9.36 -1.49
CA GLY B 23 -11.11 9.40 -0.48
C GLY B 23 -10.65 10.14 0.79
N LEU B 24 -9.37 10.02 1.13
CA LEU B 24 -8.82 10.67 2.33
C LEU B 24 -8.97 12.19 2.25
N ALA B 25 -8.65 12.75 1.10
CA ALA B 25 -8.74 14.20 0.89
C ALA B 25 -10.19 14.68 0.96
N TYR B 26 -11.11 13.89 0.39
CA TYR B 26 -12.52 14.24 0.39
C TYR B 26 -13.06 14.34 1.82
N ARG B 27 -12.72 13.35 2.65
CA ARG B 27 -13.16 13.32 4.05
C ARG B 27 -12.60 14.52 4.82
N TYR B 28 -11.37 14.92 4.50
CA TYR B 28 -10.72 16.04 5.17
C TYR B 28 -11.10 17.39 4.51
N GLN B 29 -11.82 17.33 3.38
CA GLN B 29 -12.24 18.55 2.68
C GLN B 29 -13.65 19.00 3.12
N ARG B 30 -14.49 18.03 3.48
CA ARG B 30 -15.86 18.32 3.92
C ARG B 30 -16.43 17.12 4.69
N GLY C 1 22.90 -13.90 -2.19
CA GLY C 1 21.89 -13.37 -1.21
C GLY C 1 22.38 -12.03 -0.66
N THR C 2 21.54 -10.99 -0.81
CA THR C 2 21.89 -9.65 -0.33
C THR C 2 20.61 -8.85 -0.05
N THR C 3 20.44 -8.42 1.22
CA THR C 3 19.28 -7.64 1.65
C THR C 3 17.98 -8.13 1.01
N VAL C 4 17.82 -9.46 1.02
CA VAL C 4 16.62 -10.11 0.46
C VAL C 4 15.39 -9.84 1.34
N LEU C 5 15.62 -9.64 2.64
CA LEU C 5 14.55 -9.38 3.59
C LEU C 5 13.87 -8.04 3.33
N LEU C 6 14.64 -7.03 2.89
CA LEU C 6 14.08 -5.70 2.63
C LEU C 6 12.86 -5.79 1.68
N PRO C 7 13.00 -6.34 0.47
CA PRO C 7 11.84 -6.45 -0.49
C PRO C 7 10.71 -7.36 0.05
N LEU C 8 11.08 -8.38 0.82
CA LEU C 8 10.11 -9.34 1.36
C LEU C 8 9.10 -8.65 2.29
N VAL C 9 9.61 -7.79 3.18
CA VAL C 9 8.75 -7.07 4.12
C VAL C 9 7.85 -6.07 3.36
N ILE C 10 8.39 -5.44 2.30
CA ILE C 10 7.62 -4.48 1.52
C ILE C 10 6.43 -5.20 0.88
N PHE C 11 6.68 -6.40 0.32
CA PHE C 11 5.60 -7.20 -0.29
C PHE C 11 4.56 -7.58 0.77
N PHE C 12 5.03 -7.86 1.98
CA PHE C 12 4.15 -8.24 3.09
C PHE C 12 3.11 -7.15 3.34
N GLY C 13 3.56 -5.89 3.28
CA GLY C 13 2.67 -4.75 3.49
C GLY C 13 1.57 -4.74 2.43
N LEU C 14 1.92 -5.20 1.22
CA LEU C 14 0.97 -5.25 0.11
C LEU C 14 -0.23 -6.14 0.48
N ALA C 15 0.06 -7.26 1.15
CA ALA C 15 -0.99 -8.19 1.57
C ALA C 15 -1.95 -7.50 2.54
N LEU C 16 -1.38 -6.67 3.43
CA LEU C 16 -2.18 -5.94 4.42
C LEU C 16 -3.24 -5.07 3.71
N LEU C 17 -2.85 -4.48 2.58
CA LEU C 17 -3.76 -3.62 1.81
C LEU C 17 -5.01 -4.43 1.40
N SER C 18 -4.81 -5.70 1.07
CA SER C 18 -5.93 -6.56 0.66
C SER C 18 -6.97 -6.66 1.77
N LEU C 19 -6.50 -6.75 3.02
CA LEU C 19 -7.39 -6.83 4.18
C LEU C 19 -8.14 -5.50 4.35
N LEU C 20 -7.42 -4.38 4.19
CA LEU C 20 -8.00 -3.05 4.33
C LEU C 20 -9.04 -2.79 3.23
N PHE C 21 -8.76 -3.29 2.02
CA PHE C 21 -9.67 -3.09 0.88
C PHE C 21 -10.90 -3.98 1.00
N ILE C 22 -10.69 -5.24 1.42
CA ILE C 22 -11.79 -6.19 1.57
C ILE C 22 -12.73 -5.73 2.69
N GLY C 23 -12.16 -5.22 3.78
CA GLY C 23 -12.95 -4.76 4.91
C GLY C 23 -13.83 -3.56 4.52
N LEU C 24 -13.31 -2.71 3.64
CA LEU C 24 -14.04 -1.52 3.19
C LEU C 24 -15.26 -1.89 2.35
N ALA C 25 -15.10 -2.90 1.50
CA ALA C 25 -16.19 -3.35 0.62
C ALA C 25 -17.37 -3.91 1.42
N TYR C 26 -17.07 -4.63 2.50
CA TYR C 26 -18.12 -5.21 3.35
C TYR C 26 -18.94 -4.12 4.04
N ARG C 27 -18.24 -3.15 4.64
CA ARG C 27 -18.90 -2.05 5.34
C ARG C 27 -19.67 -1.16 4.37
N TYR C 28 -19.02 -0.82 3.26
CA TYR C 28 -19.63 0.03 2.22
C TYR C 28 -20.46 -0.78 1.21
N GLN C 29 -20.60 -2.10 1.46
CA GLN C 29 -21.37 -2.96 0.57
C GLN C 29 -21.48 -4.38 1.16
N ARG C 30 -22.60 -4.66 1.82
CA ARG C 30 -22.84 -5.97 2.44
C ARG C 30 -22.40 -7.13 1.54
N GLY A 1 22.45 4.37 -15.42
CA GLY A 1 22.24 2.94 -15.80
C GLY A 1 21.84 2.13 -14.56
N THR A 2 21.02 2.73 -13.70
CA THR A 2 20.56 2.07 -12.48
C THR A 2 19.10 2.44 -12.18
N THR A 3 18.35 1.50 -11.59
CA THR A 3 16.95 1.73 -11.25
C THR A 3 16.76 1.69 -9.73
N VAL A 4 17.58 2.45 -9.02
CA VAL A 4 17.53 2.53 -7.56
C VAL A 4 16.25 3.29 -7.13
N LEU A 5 15.79 4.22 -7.98
CA LEU A 5 14.59 5.02 -7.69
C LEU A 5 13.34 4.14 -7.74
N LEU A 6 13.34 3.11 -8.58
CA LEU A 6 12.18 2.22 -8.72
C LEU A 6 11.76 1.66 -7.33
N PRO A 7 12.63 0.97 -6.60
CA PRO A 7 12.27 0.42 -5.24
C PRO A 7 11.96 1.53 -4.22
N LEU A 8 12.64 2.67 -4.36
CA LEU A 8 12.47 3.78 -3.43
C LEU A 8 11.03 4.31 -3.45
N VAL A 9 10.48 4.50 -4.65
CA VAL A 9 9.12 5.00 -4.79
C VAL A 9 8.10 3.95 -4.28
N ILE A 10 8.39 2.66 -4.50
CA ILE A 10 7.49 1.59 -4.06
C ILE A 10 7.51 1.51 -2.52
N PHE A 11 8.70 1.59 -1.92
CA PHE A 11 8.84 1.54 -0.46
C PHE A 11 8.21 2.81 0.17
N PHE A 12 8.39 3.95 -0.49
CA PHE A 12 7.85 5.22 -0.01
C PHE A 12 6.33 5.13 0.16
N GLY A 13 5.67 4.50 -0.81
CA GLY A 13 4.22 4.34 -0.77
C GLY A 13 3.82 3.42 0.40
N LEU A 14 4.68 2.45 0.70
CA LEU A 14 4.45 1.51 1.79
C LEU A 14 4.36 2.25 3.12
N ALA A 15 5.25 3.22 3.32
CA ALA A 15 5.27 4.00 4.56
C ALA A 15 3.96 4.77 4.73
N LEU A 16 3.43 5.29 3.63
CA LEU A 16 2.18 6.05 3.65
C LEU A 16 1.04 5.19 4.20
N LEU A 17 1.04 3.89 3.87
CA LEU A 17 0.01 2.96 4.34
C LEU A 17 -0.01 2.94 5.88
N SER A 18 1.16 3.06 6.50
CA SER A 18 1.26 3.07 7.95
C SER A 18 0.46 4.24 8.54
N LEU A 19 0.51 5.39 7.86
CA LEU A 19 -0.22 6.58 8.31
C LEU A 19 -1.74 6.33 8.27
N LEU A 20 -2.20 5.69 7.19
CA LEU A 20 -3.63 5.39 7.05
C LEU A 20 -4.06 4.28 8.02
N PHE A 21 -3.16 3.33 8.27
CA PHE A 21 -3.44 2.20 9.17
C PHE A 21 -3.51 2.65 10.64
N ILE A 22 -2.59 3.52 11.06
CA ILE A 22 -2.55 3.99 12.44
C ILE A 22 -3.84 4.79 12.78
N GLY A 23 -4.32 5.54 11.80
CA GLY A 23 -5.53 6.35 11.96
C GLY A 23 -6.78 5.47 12.08
N LEU A 24 -6.77 4.30 11.42
CA LEU A 24 -7.90 3.39 11.46
C LEU A 24 -8.20 2.99 12.91
N ALA A 25 -7.16 2.66 13.64
CA ALA A 25 -7.30 2.27 15.05
C ALA A 25 -7.96 3.40 15.85
N TYR A 26 -7.63 4.64 15.51
CA TYR A 26 -8.19 5.80 16.19
C TYR A 26 -9.72 5.86 16.00
N ARG A 27 -10.16 5.55 14.77
CA ARG A 27 -11.60 5.57 14.44
C ARG A 27 -12.33 4.42 15.13
N TYR A 28 -11.67 3.27 15.23
CA TYR A 28 -12.26 2.09 15.89
C TYR A 28 -12.03 2.13 17.41
N GLN A 29 -11.16 3.03 17.88
CA GLN A 29 -10.85 3.14 19.31
C GLN A 29 -11.31 4.49 19.90
N ARG A 30 -11.82 5.40 19.05
CA ARG A 30 -12.30 6.74 19.45
C ARG A 30 -11.59 7.30 20.71
N GLY B 1 12.85 -16.77 -17.03
CA GLY B 1 14.24 -16.25 -17.20
C GLY B 1 14.48 -15.10 -16.23
N THR B 2 13.48 -14.22 -16.09
CA THR B 2 13.59 -13.07 -15.20
C THR B 2 12.34 -12.95 -14.32
N THR B 3 12.47 -12.26 -13.18
CA THR B 3 11.36 -12.07 -12.25
C THR B 3 10.79 -10.65 -12.39
N VAL B 4 10.42 -10.30 -13.62
CA VAL B 4 9.85 -8.98 -13.91
C VAL B 4 8.43 -8.87 -13.31
N LEU B 5 7.75 -10.01 -13.19
CA LEU B 5 6.40 -10.06 -12.63
C LEU B 5 6.39 -9.71 -11.14
N LEU B 6 7.45 -10.12 -10.42
CA LEU B 6 7.53 -9.86 -8.98
C LEU B 6 7.33 -8.35 -8.68
N PRO B 7 8.14 -7.45 -9.24
CA PRO B 7 7.98 -5.97 -8.99
C PRO B 7 6.65 -5.43 -9.53
N LEU B 8 6.17 -6.01 -10.63
CA LEU B 8 4.92 -5.55 -11.26
C LEU B 8 3.73 -5.72 -10.33
N VAL B 9 3.63 -6.88 -9.69
CA VAL B 9 2.53 -7.16 -8.78
C VAL B 9 2.63 -6.27 -7.52
N ILE B 10 3.86 -6.01 -7.05
CA ILE B 10 4.06 -5.15 -5.87
C ILE B 10 3.69 -3.71 -6.22
N PHE B 11 4.11 -3.26 -7.40
CA PHE B 11 3.81 -1.90 -7.85
C PHE B 11 2.31 -1.74 -8.13
N PHE B 12 1.70 -2.79 -8.70
CA PHE B 12 0.28 -2.78 -9.02
C PHE B 12 -0.55 -2.53 -7.77
N GLY B 13 -0.19 -3.20 -6.67
CA GLY B 13 -0.92 -3.04 -5.40
C GLY B 13 -0.82 -1.59 -4.91
N LEU B 14 0.33 -0.97 -5.19
CA LEU B 14 0.59 0.42 -4.79
C LEU B 14 -0.42 1.37 -5.44
N ALA B 15 -0.84 1.04 -6.66
CA ALA B 15 -1.79 1.87 -7.41
C ALA B 15 -3.12 1.99 -6.67
N LEU B 16 -3.55 0.89 -6.05
CA LEU B 16 -4.81 0.87 -5.32
C LEU B 16 -4.79 1.92 -4.19
N LEU B 17 -3.63 2.09 -3.55
CA LEU B 17 -3.48 3.06 -2.47
C LEU B 17 -3.72 4.48 -2.98
N SER B 18 -3.29 4.76 -4.21
CA SER B 18 -3.48 6.08 -4.80
C SER B 18 -4.97 6.43 -4.84
N LEU B 19 -5.80 5.47 -5.29
CA LEU B 19 -7.24 5.68 -5.36
C LEU B 19 -7.82 5.93 -3.96
N LEU B 20 -7.33 5.17 -2.98
CA LEU B 20 -7.79 5.33 -1.59
C LEU B 20 -7.50 6.75 -1.10
N PHE B 21 -6.34 7.29 -1.50
CA PHE B 21 -5.93 8.63 -1.10
C PHE B 21 -6.92 9.67 -1.67
N ILE B 22 -7.33 9.48 -2.92
CA ILE B 22 -8.28 10.39 -3.57
C ILE B 22 -9.63 10.38 -2.85
N GLY B 23 -10.10 9.18 -2.54
CA GLY B 23 -11.38 9.00 -1.85
C GLY B 23 -11.32 9.52 -0.42
N LEU B 24 -10.16 9.32 0.24
CA LEU B 24 -9.98 9.76 1.63
C LEU B 24 -10.09 11.28 1.75
N ALA B 25 -9.41 11.99 0.85
CA ALA B 25 -9.42 13.45 0.85
C ALA B 25 -10.80 13.99 0.47
N TYR B 26 -11.48 13.31 -0.46
CA TYR B 26 -12.81 13.73 -0.90
C TYR B 26 -13.78 13.72 0.29
N ARG B 27 -13.70 12.65 1.09
CA ARG B 27 -14.56 12.52 2.27
C ARG B 27 -14.26 13.63 3.28
N TYR B 28 -12.97 13.95 3.45
CA TYR B 28 -12.55 14.99 4.38
C TYR B 28 -12.51 16.38 3.71
N GLN B 29 -12.95 16.47 2.44
CA GLN B 29 -12.96 17.75 1.72
C GLN B 29 -14.20 18.57 2.14
N ARG B 30 -15.31 18.43 1.40
CA ARG B 30 -16.54 19.16 1.72
C ARG B 30 -17.77 18.36 1.27
N GLY C 1 25.76 -11.75 2.72
CA GLY C 1 25.17 -10.41 3.03
C GLY C 1 24.32 -9.95 1.84
N THR C 2 23.00 -10.06 1.98
CA THR C 2 22.07 -9.65 0.92
C THR C 2 20.87 -8.90 1.51
N THR C 3 20.12 -8.20 0.66
CA THR C 3 18.96 -7.44 1.09
C THR C 3 17.66 -8.18 0.72
N VAL C 4 17.60 -9.46 1.12
CA VAL C 4 16.43 -10.30 0.84
C VAL C 4 15.23 -9.83 1.68
N LEU C 5 15.51 -9.27 2.86
CA LEU C 5 14.46 -8.78 3.77
C LEU C 5 13.76 -7.55 3.19
N LEU C 6 14.51 -6.72 2.44
CA LEU C 6 13.94 -5.50 1.86
C LEU C 6 12.67 -5.82 1.04
N PRO C 7 12.71 -6.68 0.02
CA PRO C 7 11.49 -7.04 -0.77
C PRO C 7 10.40 -7.73 0.06
N LEU C 8 10.82 -8.54 1.03
CA LEU C 8 9.87 -9.28 1.87
C LEU C 8 8.96 -8.34 2.66
N VAL C 9 9.55 -7.29 3.26
CA VAL C 9 8.76 -6.33 4.03
C VAL C 9 7.85 -5.51 3.10
N ILE C 10 8.33 -5.18 1.89
CA ILE C 10 7.52 -4.40 0.94
C ILE C 10 6.31 -5.24 0.50
N PHE C 11 6.55 -6.52 0.19
CA PHE C 11 5.46 -7.43 -0.23
C PHE C 11 4.51 -7.67 0.95
N PHE C 12 5.08 -7.82 2.15
CA PHE C 12 4.27 -8.07 3.36
C PHE C 12 3.30 -6.91 3.60
N GLY C 13 3.80 -5.68 3.45
CA GLY C 13 2.96 -4.49 3.64
C GLY C 13 1.80 -4.48 2.64
N LEU C 14 2.06 -5.00 1.45
CA LEU C 14 1.07 -5.07 0.39
C LEU C 14 -0.15 -5.89 0.82
N ALA C 15 0.09 -6.95 1.58
CA ALA C 15 -0.98 -7.83 2.05
C ALA C 15 -1.96 -7.07 2.94
N LEU C 16 -1.44 -6.16 3.76
CA LEU C 16 -2.27 -5.36 4.66
C LEU C 16 -3.29 -4.54 3.84
N LEU C 17 -2.84 -4.02 2.69
CA LEU C 17 -3.73 -3.22 1.82
C LEU C 17 -4.93 -4.06 1.39
N SER C 18 -4.71 -5.34 1.10
CA SER C 18 -5.78 -6.24 0.68
C SER C 18 -6.87 -6.31 1.75
N LEU C 19 -6.45 -6.44 3.01
CA LEU C 19 -7.40 -6.51 4.13
C LEU C 19 -8.24 -5.24 4.21
N LEU C 20 -7.59 -4.08 4.04
CA LEU C 20 -8.28 -2.80 4.08
C LEU C 20 -9.21 -2.64 2.87
N PHE C 21 -8.78 -3.15 1.71
CA PHE C 21 -9.59 -3.06 0.49
C PHE C 21 -10.86 -3.89 0.62
N ILE C 22 -10.74 -5.09 1.20
CA ILE C 22 -11.89 -5.98 1.38
C ILE C 22 -12.90 -5.32 2.34
N GLY C 23 -12.39 -4.71 3.39
CA GLY C 23 -13.23 -4.04 4.39
C GLY C 23 -13.93 -2.81 3.81
N LEU C 24 -13.25 -2.13 2.88
CA LEU C 24 -13.81 -0.93 2.25
C LEU C 24 -15.11 -1.25 1.51
N ALA C 25 -15.08 -2.33 0.74
CA ALA C 25 -16.25 -2.76 -0.02
C ALA C 25 -17.41 -3.13 0.91
N TYR C 26 -17.08 -3.71 2.07
CA TYR C 26 -18.10 -4.09 3.05
C TYR C 26 -18.87 -2.86 3.55
N ARG C 27 -18.14 -1.75 3.74
CA ARG C 27 -18.75 -0.49 4.20
C ARG C 27 -19.54 0.19 3.08
N TYR C 28 -19.05 0.07 1.84
CA TYR C 28 -19.73 0.68 0.69
C TYR C 28 -20.83 -0.25 0.14
N GLN C 29 -20.83 -1.52 0.56
CA GLN C 29 -21.82 -2.49 0.10
C GLN C 29 -22.86 -2.80 1.20
N ARG C 30 -22.43 -2.71 2.46
CA ARG C 30 -23.31 -2.98 3.60
C ARG C 30 -23.78 -4.44 3.61
N GLY A 1 20.18 6.65 -15.34
CA GLY A 1 21.10 5.49 -15.52
C GLY A 1 21.15 4.68 -14.22
N THR A 2 20.00 4.53 -13.57
CA THR A 2 19.91 3.77 -12.31
C THR A 2 18.45 3.43 -12.01
N THR A 3 18.22 2.33 -11.27
CA THR A 3 16.86 1.91 -10.93
C THR A 3 16.68 1.70 -9.42
N VAL A 4 17.48 2.40 -8.63
CA VAL A 4 17.40 2.33 -7.16
C VAL A 4 16.11 3.01 -6.66
N LEU A 5 15.69 4.06 -7.35
CA LEU A 5 14.51 4.82 -6.99
C LEU A 5 13.22 4.02 -7.20
N LEU A 6 13.22 3.09 -8.17
CA LEU A 6 12.03 2.28 -8.45
C LEU A 6 11.55 1.58 -7.16
N PRO A 7 12.37 0.76 -6.49
CA PRO A 7 11.95 0.08 -5.22
C PRO A 7 11.67 1.07 -4.09
N LEU A 8 12.41 2.19 -4.08
CA LEU A 8 12.27 3.20 -3.03
C LEU A 8 10.87 3.81 -3.03
N VAL A 9 10.36 4.16 -4.21
CA VAL A 9 9.03 4.75 -4.31
C VAL A 9 7.94 3.74 -3.90
N ILE A 10 8.15 2.45 -4.23
CA ILE A 10 7.17 1.41 -3.85
C ILE A 10 7.10 1.34 -2.31
N PHE A 11 8.27 1.35 -1.66
CA PHE A 11 8.34 1.33 -0.21
C PHE A 11 7.74 2.61 0.37
N PHE A 12 7.97 3.74 -0.31
CA PHE A 12 7.46 5.04 0.13
C PHE A 12 5.95 4.97 0.27
N GLY A 13 5.30 4.37 -0.74
CA GLY A 13 3.84 4.23 -0.73
C GLY A 13 3.43 3.27 0.40
N LEU A 14 4.27 2.28 0.66
CA LEU A 14 4.04 1.30 1.72
C LEU A 14 3.93 2.00 3.08
N ALA A 15 4.81 2.98 3.30
CA ALA A 15 4.83 3.73 4.55
C ALA A 15 3.51 4.48 4.76
N LEU A 16 2.95 5.02 3.66
CA LEU A 16 1.69 5.75 3.73
C LEU A 16 0.59 4.84 4.30
N LEU A 17 0.62 3.55 3.93
CA LEU A 17 -0.38 2.58 4.41
C LEU A 17 -0.31 2.46 5.93
N SER A 18 0.91 2.43 6.46
CA SER A 18 1.09 2.31 7.91
C SER A 18 0.37 3.45 8.64
N LEU A 19 0.45 4.65 8.06
CA LEU A 19 -0.20 5.82 8.65
C LEU A 19 -1.72 5.66 8.60
N LEU A 20 -2.23 5.15 7.47
CA LEU A 20 -3.67 4.94 7.29
C LEU A 20 -4.17 3.93 8.33
N PHE A 21 -3.37 2.89 8.60
CA PHE A 21 -3.74 1.86 9.58
C PHE A 21 -3.97 2.51 10.95
N ILE A 22 -3.09 3.46 11.32
CA ILE A 22 -3.20 4.16 12.60
C ILE A 22 -4.52 4.96 12.64
N GLY A 23 -4.84 5.62 11.53
CA GLY A 23 -6.06 6.42 11.42
C GLY A 23 -7.33 5.55 11.56
N LEU A 24 -7.24 4.30 11.10
CA LEU A 24 -8.37 3.37 11.16
C LEU A 24 -8.84 3.16 12.59
N ALA A 25 -7.88 2.96 13.49
CA ALA A 25 -8.18 2.75 14.91
C ALA A 25 -8.92 3.96 15.50
N TYR A 26 -8.57 5.16 15.04
CA TYR A 26 -9.21 6.39 15.52
C TYR A 26 -10.71 6.35 15.24
N ARG A 27 -11.09 5.86 14.06
CA ARG A 27 -12.49 5.75 13.68
C ARG A 27 -13.26 4.78 14.58
N TYR A 28 -12.53 3.87 15.25
CA TYR A 28 -13.13 2.89 16.14
C TYR A 28 -13.35 3.46 17.56
N GLN A 29 -12.76 4.63 17.85
CA GLN A 29 -12.90 5.26 19.16
C GLN A 29 -14.23 6.00 19.25
N ARG A 30 -14.51 6.81 18.22
CA ARG A 30 -15.74 7.59 18.17
C ARG A 30 -16.41 7.44 16.80
N GLY B 1 14.97 -17.94 -11.10
CA GLY B 1 15.55 -16.77 -11.83
C GLY B 1 14.41 -15.94 -12.43
N THR B 2 14.77 -14.80 -13.03
CA THR B 2 13.79 -13.91 -13.66
C THR B 2 12.67 -13.55 -12.66
N THR B 3 12.77 -12.37 -12.06
CA THR B 3 11.75 -11.91 -11.09
C THR B 3 11.23 -10.52 -11.48
N VAL B 4 11.01 -10.32 -12.78
CA VAL B 4 10.50 -9.05 -13.30
C VAL B 4 9.03 -8.85 -12.90
N LEU B 5 8.26 -9.94 -12.91
CA LEU B 5 6.83 -9.90 -12.58
C LEU B 5 6.58 -9.62 -11.09
N LEU B 6 7.44 -10.14 -10.20
CA LEU B 6 7.23 -9.95 -8.76
C LEU B 6 7.04 -8.46 -8.39
N PRO B 7 7.98 -7.56 -8.69
CA PRO B 7 7.81 -6.10 -8.36
C PRO B 7 6.63 -5.46 -9.09
N LEU B 8 6.34 -5.94 -10.31
CA LEU B 8 5.25 -5.37 -11.12
C LEU B 8 3.90 -5.56 -10.44
N VAL B 9 3.64 -6.76 -9.92
CA VAL B 9 2.38 -7.05 -9.25
C VAL B 9 2.31 -6.28 -7.91
N ILE B 10 3.45 -6.15 -7.22
CA ILE B 10 3.48 -5.41 -5.95
C ILE B 10 3.12 -3.95 -6.20
N PHE B 11 3.67 -3.38 -7.29
CA PHE B 11 3.36 -1.99 -7.66
C PHE B 11 1.87 -1.82 -7.94
N PHE B 12 1.26 -2.86 -8.54
CA PHE B 12 -0.16 -2.84 -8.86
C PHE B 12 -1.01 -2.59 -7.62
N GLY B 13 -0.66 -3.28 -6.53
CA GLY B 13 -1.39 -3.14 -5.26
C GLY B 13 -1.26 -1.71 -4.74
N LEU B 14 -0.11 -1.10 -4.99
CA LEU B 14 0.17 0.26 -4.56
C LEU B 14 -0.79 1.26 -5.21
N ALA B 15 -1.13 1.00 -6.48
CA ALA B 15 -2.02 1.88 -7.23
C ALA B 15 -3.40 1.95 -6.58
N LEU B 16 -3.87 0.81 -6.05
CA LEU B 16 -5.17 0.74 -5.39
C LEU B 16 -5.22 1.68 -4.19
N LEU B 17 -4.15 1.67 -3.38
CA LEU B 17 -4.07 2.53 -2.20
C LEU B 17 -4.05 4.00 -2.64
N SER B 18 -3.35 4.28 -3.73
CA SER B 18 -3.26 5.64 -4.26
C SER B 18 -4.66 6.18 -4.55
N LEU B 19 -5.50 5.37 -5.19
CA LEU B 19 -6.87 5.78 -5.52
C LEU B 19 -7.65 6.10 -4.25
N LEU B 20 -7.54 5.22 -3.25
CA LEU B 20 -8.23 5.42 -1.97
C LEU B 20 -7.71 6.69 -1.28
N PHE B 21 -6.40 6.94 -1.39
CA PHE B 21 -5.80 8.13 -0.78
C PHE B 21 -6.37 9.40 -1.40
N ILE B 22 -6.53 9.40 -2.74
CA ILE B 22 -7.09 10.56 -3.44
C ILE B 22 -8.56 10.75 -3.06
N GLY B 23 -9.29 9.64 -3.00
CA GLY B 23 -10.71 9.66 -2.65
C GLY B 23 -10.93 10.07 -1.18
N LEU B 24 -9.98 9.71 -0.32
CA LEU B 24 -10.06 10.04 1.11
C LEU B 24 -10.14 11.54 1.31
N ALA B 25 -9.29 12.28 0.62
CA ALA B 25 -9.25 13.73 0.71
C ALA B 25 -10.58 14.35 0.28
N TYR B 26 -11.14 13.83 -0.83
CA TYR B 26 -12.42 14.33 -1.35
C TYR B 26 -13.52 14.14 -0.29
N ARG B 27 -13.54 12.96 0.33
CA ARG B 27 -14.55 12.65 1.35
C ARG B 27 -14.32 13.50 2.61
N TYR B 28 -13.05 13.73 2.95
CA TYR B 28 -12.69 14.52 4.14
C TYR B 28 -12.64 16.03 3.84
N GLN B 29 -13.01 16.44 2.62
CA GLN B 29 -12.99 17.85 2.23
C GLN B 29 -14.40 18.31 1.85
N ARG B 30 -15.40 17.85 2.60
CA ARG B 30 -16.80 18.22 2.36
C ARG B 30 -17.19 17.90 0.91
N GLY C 1 22.53 -11.76 -4.51
CA GLY C 1 21.40 -11.01 -3.90
C GLY C 1 21.82 -10.45 -2.55
N THR C 2 21.68 -9.13 -2.37
CA THR C 2 22.06 -8.47 -1.11
C THR C 2 20.88 -7.70 -0.53
N THR C 3 20.06 -7.10 -1.40
CA THR C 3 18.89 -6.33 -0.97
C THR C 3 17.63 -7.21 -1.01
N VAL C 4 17.76 -8.41 -0.46
CA VAL C 4 16.65 -9.37 -0.42
C VAL C 4 15.55 -8.90 0.57
N LEU C 5 15.97 -8.22 1.64
CA LEU C 5 15.04 -7.73 2.66
C LEU C 5 14.11 -6.63 2.12
N LEU C 6 14.65 -5.73 1.29
CA LEU C 6 13.86 -4.63 0.75
C LEU C 6 12.54 -5.14 0.12
N PRO C 7 12.56 -6.05 -0.86
CA PRO C 7 11.30 -6.57 -1.50
C PRO C 7 10.40 -7.34 -0.52
N LEU C 8 11.02 -8.05 0.44
CA LEU C 8 10.26 -8.84 1.41
C LEU C 8 9.35 -7.97 2.26
N VAL C 9 9.86 -6.84 2.75
CA VAL C 9 9.08 -5.93 3.57
C VAL C 9 7.96 -5.29 2.73
N ILE C 10 8.24 -4.97 1.45
CA ILE C 10 7.24 -4.37 0.57
C ILE C 10 6.13 -5.39 0.28
N PHE C 11 6.52 -6.65 0.03
CA PHE C 11 5.56 -7.72 -0.25
C PHE C 11 4.68 -7.98 0.97
N PHE C 12 5.30 -7.98 2.16
CA PHE C 12 4.57 -8.21 3.41
C PHE C 12 3.50 -7.14 3.60
N GLY C 13 3.87 -5.89 3.34
CA GLY C 13 2.94 -4.77 3.47
C GLY C 13 1.79 -4.92 2.47
N LEU C 14 2.11 -5.48 1.30
CA LEU C 14 1.14 -5.69 0.24
C LEU C 14 -0.01 -6.57 0.74
N ALA C 15 0.33 -7.61 1.51
CA ALA C 15 -0.68 -8.52 2.05
C ALA C 15 -1.63 -7.75 2.96
N LEU C 16 -1.07 -6.88 3.81
CA LEU C 16 -1.87 -6.05 4.72
C LEU C 16 -2.73 -5.08 3.89
N LEU C 17 -2.15 -4.56 2.81
CA LEU C 17 -2.85 -3.63 1.92
C LEU C 17 -4.12 -4.28 1.37
N SER C 18 -4.00 -5.54 0.95
CA SER C 18 -5.13 -6.29 0.41
C SER C 18 -6.26 -6.39 1.43
N LEU C 19 -5.90 -6.68 2.69
CA LEU C 19 -6.89 -6.80 3.76
C LEU C 19 -7.53 -5.44 4.04
N LEU C 20 -6.73 -4.38 4.06
CA LEU C 20 -7.23 -3.03 4.30
C LEU C 20 -8.12 -2.56 3.15
N PHE C 21 -7.80 -2.98 1.92
CA PHE C 21 -8.58 -2.61 0.75
C PHE C 21 -9.97 -3.26 0.82
N ILE C 22 -10.00 -4.53 1.24
CA ILE C 22 -11.26 -5.26 1.37
C ILE C 22 -12.16 -4.60 2.43
N GLY C 23 -11.52 -4.09 3.48
CA GLY C 23 -12.25 -3.43 4.58
C GLY C 23 -13.09 -2.27 4.03
N LEU C 24 -12.59 -1.61 2.97
CA LEU C 24 -13.29 -0.49 2.35
C LEU C 24 -14.68 -0.93 1.88
N ALA C 25 -14.75 -2.14 1.32
CA ALA C 25 -16.00 -2.69 0.83
C ALA C 25 -17.05 -2.77 1.93
N TYR C 26 -16.60 -3.14 3.14
CA TYR C 26 -17.50 -3.27 4.29
C TYR C 26 -18.17 -1.93 4.60
N ARG C 27 -17.38 -0.86 4.65
CA ARG C 27 -17.90 0.48 4.94
C ARG C 27 -18.68 1.04 3.75
N TYR C 28 -18.36 0.59 2.54
CA TYR C 28 -19.04 1.05 1.33
C TYR C 28 -20.33 0.23 1.07
N GLN C 29 -20.51 -0.88 1.79
CA GLN C 29 -21.69 -1.73 1.61
C GLN C 29 -21.81 -2.21 0.16
N ARG C 30 -21.15 -3.33 -0.14
CA ARG C 30 -21.18 -3.89 -1.49
C ARG C 30 -21.61 -5.36 -1.46
N GLY A 1 22.51 4.91 -16.56
CA GLY A 1 21.08 5.13 -16.23
C GLY A 1 20.42 3.81 -15.83
N THR A 2 19.88 3.77 -14.61
CA THR A 2 19.22 2.56 -14.11
C THR A 2 17.88 2.92 -13.46
N THR A 3 17.02 1.91 -13.27
CA THR A 3 15.70 2.13 -12.66
C THR A 3 15.79 2.06 -11.13
N VAL A 4 16.68 2.87 -10.56
CA VAL A 4 16.87 2.94 -9.11
C VAL A 4 15.66 3.59 -8.43
N LEU A 5 15.01 4.52 -9.13
CA LEU A 5 13.84 5.22 -8.61
C LEU A 5 12.63 4.28 -8.48
N LEU A 6 12.50 3.33 -9.41
CA LEU A 6 11.38 2.39 -9.39
C LEU A 6 11.23 1.73 -7.99
N PRO A 7 12.24 1.06 -7.44
CA PRO A 7 12.12 0.44 -6.08
C PRO A 7 11.92 1.47 -4.96
N LEU A 8 12.62 2.62 -5.07
CA LEU A 8 12.55 3.67 -4.06
C LEU A 8 11.13 4.16 -3.83
N VAL A 9 10.38 4.38 -4.90
CA VAL A 9 9.00 4.85 -4.79
C VAL A 9 8.14 3.78 -4.10
N ILE A 10 8.42 2.48 -4.36
CA ILE A 10 7.64 1.41 -3.74
C ILE A 10 7.83 1.45 -2.22
N PHE A 11 9.08 1.63 -1.77
CA PHE A 11 9.38 1.71 -0.34
C PHE A 11 8.64 2.89 0.28
N PHE A 12 8.72 4.05 -0.39
CA PHE A 12 8.08 5.28 0.09
C PHE A 12 6.57 5.09 0.22
N GLY A 13 5.95 4.45 -0.77
CA GLY A 13 4.52 4.21 -0.75
C GLY A 13 4.13 3.36 0.46
N LEU A 14 5.02 2.44 0.84
CA LEU A 14 4.78 1.56 1.98
C LEU A 14 4.62 2.37 3.27
N ALA A 15 5.49 3.37 3.43
CA ALA A 15 5.45 4.22 4.62
C ALA A 15 4.10 4.96 4.71
N LEU A 16 3.58 5.40 3.56
CA LEU A 16 2.30 6.11 3.53
C LEU A 16 1.20 5.21 4.08
N LEU A 17 1.14 3.96 3.61
CA LEU A 17 0.15 2.99 4.08
C LEU A 17 0.34 2.75 5.58
N SER A 18 1.59 2.64 6.00
CA SER A 18 1.92 2.42 7.41
C SER A 18 1.34 3.56 8.25
N LEU A 19 1.56 4.80 7.81
CA LEU A 19 1.06 5.97 8.50
C LEU A 19 -0.47 5.97 8.50
N LEU A 20 -1.06 5.62 7.35
CA LEU A 20 -2.52 5.58 7.23
C LEU A 20 -3.10 4.54 8.21
N PHE A 21 -2.36 3.44 8.43
CA PHE A 21 -2.79 2.40 9.34
C PHE A 21 -2.98 2.97 10.76
N ILE A 22 -2.10 3.90 11.15
CA ILE A 22 -2.18 4.53 12.47
C ILE A 22 -3.51 5.32 12.57
N GLY A 23 -3.86 6.02 11.49
CA GLY A 23 -5.09 6.80 11.45
C GLY A 23 -6.33 5.92 11.57
N LEU A 24 -6.23 4.68 11.06
CA LEU A 24 -7.35 3.75 11.11
C LEU A 24 -7.78 3.51 12.56
N ALA A 25 -6.80 3.31 13.42
CA ALA A 25 -7.06 3.07 14.84
C ALA A 25 -7.86 4.22 15.45
N TYR A 26 -7.52 5.45 15.07
CA TYR A 26 -8.20 6.64 15.58
C TYR A 26 -9.68 6.61 15.16
N ARG A 27 -9.92 6.30 13.89
CA ARG A 27 -11.28 6.23 13.35
C ARG A 27 -12.09 5.14 14.04
N TYR A 28 -11.42 4.05 14.44
CA TYR A 28 -12.09 2.93 15.10
C TYR A 28 -12.21 3.15 16.62
N GLN A 29 -11.72 4.29 17.13
CA GLN A 29 -11.78 4.60 18.56
C GLN A 29 -13.24 4.73 19.03
N ARG A 30 -14.12 5.13 18.12
CA ARG A 30 -15.54 5.31 18.43
C ARG A 30 -16.20 3.95 18.67
N GLY B 1 15.47 -15.78 -17.54
CA GLY B 1 14.60 -16.07 -16.37
C GLY B 1 14.61 -14.88 -15.41
N THR B 2 14.35 -13.69 -15.95
CA THR B 2 14.33 -12.46 -15.14
C THR B 2 13.10 -12.43 -14.22
N THR B 3 13.06 -11.44 -13.33
CA THR B 3 11.95 -11.29 -12.39
C THR B 3 11.42 -9.84 -12.41
N VAL B 4 11.15 -9.34 -13.61
CA VAL B 4 10.63 -7.98 -13.78
C VAL B 4 9.18 -7.90 -13.28
N LEU B 5 8.46 -9.02 -13.36
CA LEU B 5 7.06 -9.08 -12.92
C LEU B 5 6.93 -8.91 -11.40
N LEU B 6 7.88 -9.48 -10.64
CA LEU B 6 7.84 -9.39 -9.18
C LEU B 6 7.66 -7.92 -8.70
N PRO B 7 8.54 -6.99 -9.07
CA PRO B 7 8.40 -5.55 -8.65
C PRO B 7 7.14 -4.89 -9.20
N LEU B 8 6.73 -5.28 -10.41
CA LEU B 8 5.55 -4.69 -11.06
C LEU B 8 4.27 -4.95 -10.26
N VAL B 9 4.10 -6.20 -9.81
CA VAL B 9 2.92 -6.57 -9.04
C VAL B 9 2.91 -5.85 -7.68
N ILE B 10 4.09 -5.67 -7.07
CA ILE B 10 4.18 -4.99 -5.78
C ILE B 10 3.76 -3.53 -5.95
N PHE B 11 4.24 -2.89 -7.01
CA PHE B 11 3.88 -1.49 -7.30
C PHE B 11 2.40 -1.41 -7.71
N PHE B 12 1.94 -2.43 -8.45
CA PHE B 12 0.56 -2.49 -8.92
C PHE B 12 -0.41 -2.45 -7.74
N GLY B 13 -0.09 -3.19 -6.68
CA GLY B 13 -0.94 -3.24 -5.49
C GLY B 13 -1.08 -1.84 -4.89
N LEU B 14 0.01 -1.06 -5.00
CA LEU B 14 0.05 0.31 -4.49
C LEU B 14 -1.01 1.19 -5.17
N ALA B 15 -1.43 0.79 -6.39
CA ALA B 15 -2.43 1.54 -7.14
C ALA B 15 -3.75 1.60 -6.38
N LEU B 16 -4.11 0.50 -5.71
CA LEU B 16 -5.33 0.44 -4.94
C LEU B 16 -5.34 1.52 -3.85
N LEU B 17 -4.18 1.74 -3.22
CA LEU B 17 -4.06 2.76 -2.17
C LEU B 17 -4.26 4.16 -2.76
N SER B 18 -3.82 4.36 -4.01
CA SER B 18 -3.97 5.66 -4.67
C SER B 18 -5.45 6.06 -4.73
N LEU B 19 -6.31 5.10 -5.08
CA LEU B 19 -7.75 5.35 -5.16
C LEU B 19 -8.27 5.79 -3.79
N LEU B 20 -7.82 5.09 -2.74
CA LEU B 20 -8.24 5.40 -1.38
C LEU B 20 -7.74 6.80 -0.98
N PHE B 21 -6.53 7.15 -1.41
CA PHE B 21 -5.95 8.45 -1.09
C PHE B 21 -6.81 9.57 -1.69
N ILE B 22 -7.27 9.37 -2.93
CA ILE B 22 -8.11 10.35 -3.61
C ILE B 22 -9.47 10.47 -2.88
N GLY B 23 -10.02 9.32 -2.51
CA GLY B 23 -11.31 9.27 -1.81
C GLY B 23 -11.22 9.91 -0.42
N LEU B 24 -10.05 9.79 0.22
CA LEU B 24 -9.84 10.35 1.56
C LEU B 24 -10.10 11.85 1.58
N ALA B 25 -9.67 12.53 0.52
CA ALA B 25 -9.85 13.98 0.40
C ALA B 25 -11.34 14.33 0.22
N TYR B 26 -12.06 13.48 -0.51
CA TYR B 26 -13.49 13.69 -0.76
C TYR B 26 -14.28 13.71 0.54
N ARG B 27 -14.02 12.73 1.42
CA ARG B 27 -14.70 12.63 2.71
C ARG B 27 -14.25 13.75 3.67
N TYR B 28 -12.99 14.15 3.55
CA TYR B 28 -12.44 15.20 4.41
C TYR B 28 -12.73 16.61 3.85
N GLN B 29 -13.24 16.69 2.61
CA GLN B 29 -13.56 17.97 1.99
C GLN B 29 -15.06 18.27 2.07
N ARG B 30 -15.87 17.24 1.92
CA ARG B 30 -17.33 17.38 1.97
C ARG B 30 -17.94 16.34 2.92
N GLY C 1 18.58 -13.05 7.36
CA GLY C 1 19.77 -13.17 6.46
C GLY C 1 20.35 -11.78 6.22
N THR C 2 21.08 -11.63 5.10
CA THR C 2 21.69 -10.34 4.74
C THR C 2 20.61 -9.28 4.52
N THR C 3 19.72 -9.54 3.56
CA THR C 3 18.63 -8.60 3.25
C THR C 3 17.41 -9.32 2.67
N VAL C 4 17.18 -10.54 3.14
CA VAL C 4 16.05 -11.36 2.70
C VAL C 4 14.73 -10.76 3.24
N LEU C 5 14.77 -10.30 4.49
CA LEU C 5 13.60 -9.72 5.16
C LEU C 5 13.17 -8.41 4.51
N LEU C 6 14.14 -7.59 4.09
CA LEU C 6 13.83 -6.29 3.49
C LEU C 6 12.73 -6.40 2.40
N PRO C 7 12.88 -7.23 1.36
CA PRO C 7 11.83 -7.38 0.30
C PRO C 7 10.51 -7.97 0.83
N LEU C 8 10.63 -8.96 1.72
CA LEU C 8 9.46 -9.65 2.26
C LEU C 8 8.49 -8.68 2.94
N VAL C 9 9.02 -7.77 3.75
CA VAL C 9 8.20 -6.80 4.46
C VAL C 9 7.47 -5.87 3.47
N ILE C 10 8.12 -5.50 2.36
CA ILE C 10 7.46 -4.61 1.38
C ILE C 10 6.24 -5.32 0.81
N PHE C 11 6.41 -6.60 0.46
CA PHE C 11 5.31 -7.41 -0.07
C PHE C 11 4.27 -7.65 1.03
N PHE C 12 4.75 -7.83 2.27
CA PHE C 12 3.88 -8.07 3.42
C PHE C 12 2.89 -6.93 3.59
N GLY C 13 3.39 -5.69 3.48
CA GLY C 13 2.54 -4.50 3.60
C GLY C 13 1.50 -4.47 2.48
N LEU C 14 1.91 -4.98 1.31
CA LEU C 14 1.02 -5.02 0.15
C LEU C 14 -0.21 -5.87 0.44
N ALA C 15 0.00 -7.00 1.12
CA ALA C 15 -1.09 -7.92 1.47
C ALA C 15 -2.10 -7.22 2.38
N LEU C 16 -1.60 -6.40 3.30
CA LEU C 16 -2.46 -5.67 4.24
C LEU C 16 -3.44 -4.78 3.47
N LEU C 17 -2.95 -4.14 2.41
CA LEU C 17 -3.78 -3.27 1.59
C LEU C 17 -4.97 -4.04 1.01
N SER C 18 -4.73 -5.28 0.61
CA SER C 18 -5.78 -6.12 0.04
C SER C 18 -6.94 -6.27 1.03
N LEU C 19 -6.61 -6.55 2.30
CA LEU C 19 -7.61 -6.72 3.33
C LEU C 19 -8.39 -5.41 3.54
N LEU C 20 -7.67 -4.28 3.54
CA LEU C 20 -8.29 -2.98 3.75
C LEU C 20 -9.20 -2.62 2.56
N PHE C 21 -8.79 -3.00 1.35
CA PHE C 21 -9.58 -2.72 0.15
C PHE C 21 -10.86 -3.56 0.10
N ILE C 22 -10.75 -4.84 0.46
CA ILE C 22 -11.91 -5.74 0.45
C ILE C 22 -12.89 -5.32 1.57
N GLY C 23 -12.34 -4.97 2.72
CA GLY C 23 -13.15 -4.56 3.86
C GLY C 23 -13.92 -3.26 3.58
N LEU C 24 -13.34 -2.37 2.76
CA LEU C 24 -13.97 -1.10 2.43
C LEU C 24 -15.32 -1.35 1.75
N ALA C 25 -15.32 -2.26 0.79
CA ALA C 25 -16.54 -2.60 0.05
C ALA C 25 -17.54 -3.34 0.94
N TYR C 26 -17.03 -4.18 1.84
CA TYR C 26 -17.88 -4.95 2.75
C TYR C 26 -18.75 -4.04 3.61
N ARG C 27 -18.13 -3.02 4.21
CA ARG C 27 -18.84 -2.07 5.06
C ARG C 27 -19.74 -1.14 4.23
N TYR C 28 -19.22 -0.70 3.09
CA TYR C 28 -19.95 0.21 2.20
C TYR C 28 -20.88 -0.55 1.23
N GLN C 29 -20.98 -1.88 1.39
CA GLN C 29 -21.83 -2.69 0.53
C GLN C 29 -21.87 -4.13 1.05
N ARG C 30 -22.88 -4.43 1.89
CA ARG C 30 -23.04 -5.76 2.48
C ARG C 30 -22.96 -6.86 1.41
N GLY A 1 24.28 -0.41 -11.81
CA GLY A 1 24.15 -1.72 -11.11
C GLY A 1 22.75 -2.28 -11.33
N THR A 2 21.78 -1.77 -10.55
CA THR A 2 20.39 -2.22 -10.65
C THR A 2 19.41 -1.07 -10.37
N THR A 3 18.12 -1.32 -10.60
CA THR A 3 17.09 -0.31 -10.37
C THR A 3 16.76 -0.19 -8.87
N VAL A 4 17.78 0.18 -8.09
CA VAL A 4 17.61 0.35 -6.64
C VAL A 4 16.52 1.39 -6.35
N LEU A 5 16.29 2.30 -7.30
CA LEU A 5 15.27 3.34 -7.17
C LEU A 5 13.86 2.73 -7.20
N LEU A 6 13.68 1.63 -7.98
CA LEU A 6 12.38 0.99 -8.09
C LEU A 6 11.77 0.68 -6.69
N PRO A 7 12.44 -0.07 -5.82
CA PRO A 7 11.90 -0.40 -4.46
C PRO A 7 11.74 0.84 -3.57
N LEU A 8 12.61 1.85 -3.75
CA LEU A 8 12.56 3.07 -2.94
C LEU A 8 11.25 3.83 -3.14
N VAL A 9 10.86 3.98 -4.42
CA VAL A 9 9.62 4.69 -4.74
C VAL A 9 8.40 3.88 -4.28
N ILE A 10 8.47 2.55 -4.37
CA ILE A 10 7.36 1.69 -3.93
C ILE A 10 7.25 1.74 -2.41
N PHE A 11 8.40 1.71 -1.73
CA PHE A 11 8.45 1.78 -0.27
C PHE A 11 7.90 3.13 0.22
N PHE A 12 8.19 4.19 -0.54
CA PHE A 12 7.75 5.54 -0.19
C PHE A 12 6.22 5.58 -0.08
N GLY A 13 5.54 4.94 -1.03
CA GLY A 13 4.08 4.88 -1.02
C GLY A 13 3.61 3.99 0.16
N LEU A 14 4.41 2.98 0.46
CA LEU A 14 4.13 2.03 1.54
C LEU A 14 4.06 2.76 2.88
N ALA A 15 4.91 3.79 3.04
CA ALA A 15 4.95 4.56 4.29
C ALA A 15 3.60 5.25 4.56
N LEU A 16 2.96 5.75 3.50
CA LEU A 16 1.68 6.41 3.63
C LEU A 16 0.64 5.47 4.24
N LEU A 17 0.68 4.19 3.84
CA LEU A 17 -0.26 3.20 4.34
C LEU A 17 -0.14 3.08 5.87
N SER A 18 1.10 3.17 6.38
CA SER A 18 1.35 3.07 7.82
C SER A 18 0.62 4.19 8.57
N LEU A 19 0.67 5.40 8.02
CA LEU A 19 0.01 6.55 8.64
C LEU A 19 -1.51 6.34 8.68
N LEU A 20 -2.07 5.84 7.59
CA LEU A 20 -3.51 5.59 7.49
C LEU A 20 -3.93 4.41 8.38
N PHE A 21 -3.07 3.40 8.50
CA PHE A 21 -3.37 2.22 9.31
C PHE A 21 -3.36 2.54 10.81
N ILE A 22 -2.38 3.32 11.24
CA ILE A 22 -2.26 3.69 12.65
C ILE A 22 -3.41 4.63 13.07
N GLY A 23 -3.80 5.51 12.15
CA GLY A 23 -4.88 6.48 12.41
C GLY A 23 -6.25 5.79 12.42
N LEU A 24 -6.39 4.73 11.61
CA LEU A 24 -7.65 3.99 11.52
C LEU A 24 -8.03 3.42 12.88
N ALA A 25 -7.06 2.81 13.55
CA ALA A 25 -7.28 2.21 14.87
C ALA A 25 -7.62 3.30 15.90
N TYR A 26 -6.94 4.44 15.80
CA TYR A 26 -7.16 5.55 16.72
C TYR A 26 -8.61 6.06 16.61
N ARG A 27 -9.05 6.26 15.36
CA ARG A 27 -10.41 6.73 15.11
C ARG A 27 -11.46 5.71 15.54
N TYR A 28 -11.10 4.42 15.46
CA TYR A 28 -12.02 3.34 15.84
C TYR A 28 -11.93 3.02 17.35
N GLN A 29 -11.06 3.74 18.09
CA GLN A 29 -10.91 3.54 19.52
C GLN A 29 -11.20 4.84 20.28
N ARG A 30 -12.46 5.28 20.21
CA ARG A 30 -12.89 6.51 20.87
C ARG A 30 -13.81 6.19 22.05
N GLY B 1 13.82 -17.14 -12.38
CA GLY B 1 15.02 -16.47 -11.81
C GLY B 1 14.86 -14.95 -11.92
N THR B 2 14.39 -14.49 -13.09
CA THR B 2 14.19 -13.07 -13.33
C THR B 2 13.11 -12.50 -12.41
N THR B 3 12.04 -13.28 -12.20
CA THR B 3 10.93 -12.88 -11.35
C THR B 3 10.50 -11.43 -11.66
N VAL B 4 10.19 -11.19 -12.94
CA VAL B 4 9.75 -9.86 -13.39
C VAL B 4 8.33 -9.56 -12.86
N LEU B 5 7.51 -10.60 -12.73
CA LEU B 5 6.14 -10.43 -12.25
C LEU B 5 6.10 -10.05 -10.76
N LEU B 6 7.08 -10.51 -9.98
CA LEU B 6 7.13 -10.21 -8.55
C LEU B 6 7.05 -8.68 -8.30
N PRO B 7 7.94 -7.86 -8.86
CA PRO B 7 7.88 -6.38 -8.67
C PRO B 7 6.62 -5.75 -9.27
N LEU B 8 6.14 -6.30 -10.37
CA LEU B 8 4.96 -5.77 -11.05
C LEU B 8 3.72 -5.83 -10.16
N VAL B 9 3.51 -6.96 -9.50
CA VAL B 9 2.36 -7.13 -8.62
C VAL B 9 2.50 -6.23 -7.38
N ILE B 10 3.74 -6.05 -6.88
CA ILE B 10 3.96 -5.18 -5.72
C ILE B 10 3.67 -3.73 -6.11
N PHE B 11 4.15 -3.33 -7.30
CA PHE B 11 3.93 -1.98 -7.81
C PHE B 11 2.44 -1.76 -8.09
N PHE B 12 1.76 -2.80 -8.57
CA PHE B 12 0.34 -2.73 -8.89
C PHE B 12 -0.47 -2.34 -7.65
N GLY B 13 -0.05 -2.83 -6.47
CA GLY B 13 -0.73 -2.51 -5.22
C GLY B 13 -0.59 -1.01 -4.90
N LEU B 14 0.55 -0.44 -5.28
CA LEU B 14 0.84 0.96 -5.04
C LEU B 14 -0.21 1.85 -5.73
N ALA B 15 -0.63 1.45 -6.93
CA ALA B 15 -1.61 2.22 -7.69
C ALA B 15 -2.95 2.28 -6.95
N LEU B 16 -3.32 1.18 -6.30
CA LEU B 16 -4.56 1.10 -5.55
C LEU B 16 -4.55 2.11 -4.39
N LEU B 17 -3.39 2.28 -3.75
CA LEU B 17 -3.25 3.22 -2.64
C LEU B 17 -3.56 4.64 -3.10
N SER B 18 -3.08 5.00 -4.30
CA SER B 18 -3.30 6.33 -4.85
C SER B 18 -4.81 6.62 -4.95
N LEU B 19 -5.56 5.65 -5.46
CA LEU B 19 -7.01 5.78 -5.60
C LEU B 19 -7.66 5.90 -4.21
N LEU B 20 -7.19 5.08 -3.27
CA LEU B 20 -7.72 5.10 -1.91
C LEU B 20 -7.45 6.45 -1.24
N PHE B 21 -6.30 7.06 -1.55
CA PHE B 21 -5.93 8.35 -0.99
C PHE B 21 -6.91 9.44 -1.46
N ILE B 22 -7.27 9.39 -2.75
CA ILE B 22 -8.19 10.36 -3.33
C ILE B 22 -9.56 10.25 -2.67
N GLY B 23 -10.02 9.01 -2.47
CA GLY B 23 -11.31 8.73 -1.85
C GLY B 23 -11.33 9.16 -0.37
N LEU B 24 -10.18 9.03 0.30
CA LEU B 24 -10.07 9.39 1.72
C LEU B 24 -10.39 10.86 1.94
N ALA B 25 -9.81 11.71 1.10
CA ALA B 25 -10.03 13.16 1.18
C ALA B 25 -11.50 13.51 0.93
N TYR B 26 -12.12 12.81 -0.03
CA TYR B 26 -13.52 13.05 -0.37
C TYR B 26 -14.42 12.76 0.83
N ARG B 27 -14.19 11.62 1.48
CA ARG B 27 -14.97 11.23 2.65
C ARG B 27 -14.73 12.19 3.82
N TYR B 28 -13.46 12.62 3.97
CA TYR B 28 -13.09 13.54 5.06
C TYR B 28 -13.30 15.01 4.64
N GLN B 29 -13.85 15.25 3.45
CA GLN B 29 -14.10 16.61 2.96
C GLN B 29 -15.08 16.59 1.78
N ARG B 30 -16.37 16.64 2.11
CA ARG B 30 -17.43 16.63 1.09
C ARG B 30 -18.40 17.79 1.30
N GLY C 1 26.54 -4.36 -0.73
CA GLY C 1 25.31 -3.81 -0.08
C GLY C 1 24.08 -4.57 -0.58
N THR C 2 23.81 -5.73 0.04
CA THR C 2 22.67 -6.56 -0.34
C THR C 2 21.46 -6.24 0.55
N THR C 3 20.35 -5.83 -0.08
CA THR C 3 19.13 -5.48 0.65
C THR C 3 17.97 -6.36 0.17
N VAL C 4 18.15 -7.68 0.27
CA VAL C 4 17.12 -8.64 -0.15
C VAL C 4 15.88 -8.51 0.75
N LEU C 5 16.09 -8.04 1.99
CA LEU C 5 15.00 -7.85 2.95
C LEU C 5 14.09 -6.69 2.52
N LEU C 6 14.67 -5.65 1.90
CA LEU C 6 13.88 -4.49 1.48
C LEU C 6 12.58 -4.91 0.72
N PRO C 7 12.65 -5.67 -0.37
CA PRO C 7 11.41 -6.10 -1.12
C PRO C 7 10.47 -6.99 -0.28
N LEU C 8 11.04 -7.83 0.57
CA LEU C 8 10.24 -8.74 1.40
C LEU C 8 9.30 -7.98 2.33
N VAL C 9 9.81 -6.95 2.99
CA VAL C 9 8.99 -6.14 3.90
C VAL C 9 7.91 -5.37 3.12
N ILE C 10 8.24 -4.90 1.91
CA ILE C 10 7.26 -4.17 1.09
C ILE C 10 6.09 -5.10 0.75
N PHE C 11 6.39 -6.37 0.45
CA PHE C 11 5.36 -7.36 0.11
C PHE C 11 4.37 -7.51 1.27
N PHE C 12 4.89 -7.57 2.50
CA PHE C 12 4.05 -7.73 3.69
C PHE C 12 3.05 -6.58 3.79
N GLY C 13 3.51 -5.35 3.56
CA GLY C 13 2.65 -4.17 3.61
C GLY C 13 1.57 -4.25 2.53
N LEU C 14 1.94 -4.84 1.39
CA LEU C 14 1.02 -5.00 0.26
C LEU C 14 -0.20 -5.82 0.67
N ALA C 15 0.02 -6.86 1.47
CA ALA C 15 -1.06 -7.74 1.92
C ALA C 15 -2.08 -6.95 2.75
N LEU C 16 -1.60 -6.03 3.58
CA LEU C 16 -2.46 -5.21 4.42
C LEU C 16 -3.41 -4.36 3.56
N LEU C 17 -2.87 -3.81 2.46
CA LEU C 17 -3.67 -2.98 1.55
C LEU C 17 -4.82 -3.79 0.96
N SER C 18 -4.54 -5.05 0.61
CA SER C 18 -5.55 -5.93 0.03
C SER C 18 -6.71 -6.14 1.02
N LEU C 19 -6.38 -6.28 2.31
CA LEU C 19 -7.39 -6.48 3.35
C LEU C 19 -8.26 -5.22 3.50
N LEU C 20 -7.63 -4.05 3.46
CA LEU C 20 -8.35 -2.78 3.59
C LEU C 20 -9.20 -2.49 2.35
N PHE C 21 -8.70 -2.88 1.17
CA PHE C 21 -9.40 -2.65 -0.09
C PHE C 21 -10.74 -3.38 -0.15
N ILE C 22 -10.73 -4.64 0.29
CA ILE C 22 -11.93 -5.45 0.28
C ILE C 22 -12.93 -4.92 1.31
N GLY C 23 -12.43 -4.43 2.44
CA GLY C 23 -13.28 -3.89 3.49
C GLY C 23 -14.16 -2.76 2.94
N LEU C 24 -13.64 -2.02 1.95
CA LEU C 24 -14.39 -0.92 1.33
C LEU C 24 -15.72 -1.44 0.78
N ALA C 25 -15.68 -2.64 0.20
CA ALA C 25 -16.89 -3.26 -0.37
C ALA C 25 -17.97 -3.42 0.71
N TYR C 26 -17.56 -3.87 1.89
CA TYR C 26 -18.49 -4.05 3.01
C TYR C 26 -19.07 -2.71 3.46
N ARG C 27 -18.20 -1.71 3.56
CA ARG C 27 -18.62 -0.37 3.98
C ARG C 27 -19.57 0.28 2.96
N TYR C 28 -19.48 -0.15 1.69
CA TYR C 28 -20.32 0.40 0.63
C TYR C 28 -21.69 -0.32 0.55
N GLN C 29 -21.96 -1.24 1.49
CA GLN C 29 -23.24 -1.97 1.50
C GLN C 29 -24.43 -1.01 1.44
N ARG C 30 -24.28 0.14 2.09
CA ARG C 30 -25.35 1.15 2.11
C ARG C 30 -24.78 2.51 2.51
N GLY A 1 23.57 6.61 -13.75
CA GLY A 1 22.60 5.78 -14.52
C GLY A 1 22.20 4.55 -13.69
N THR A 2 21.22 4.73 -12.79
CA THR A 2 20.75 3.65 -11.94
C THR A 2 19.23 3.71 -11.79
N THR A 3 18.64 2.62 -11.29
CA THR A 3 17.20 2.54 -11.09
C THR A 3 16.86 2.57 -9.59
N VAL A 4 17.52 3.48 -8.89
CA VAL A 4 17.32 3.66 -7.45
C VAL A 4 15.93 4.26 -7.16
N LEU A 5 15.46 5.12 -8.07
CA LEU A 5 14.16 5.78 -7.91
C LEU A 5 13.01 4.78 -7.94
N LEU A 6 13.08 3.77 -8.82
CA LEU A 6 12.00 2.78 -8.92
C LEU A 6 11.64 2.18 -7.53
N PRO A 7 12.58 1.57 -6.80
CA PRO A 7 12.26 1.00 -5.45
C PRO A 7 11.85 2.08 -4.43
N LEU A 8 12.42 3.28 -4.56
CA LEU A 8 12.14 4.38 -3.63
C LEU A 8 10.67 4.76 -3.66
N VAL A 9 10.11 4.90 -4.87
CA VAL A 9 8.71 5.28 -5.02
C VAL A 9 7.79 4.16 -4.51
N ILE A 10 8.18 2.88 -4.74
CA ILE A 10 7.36 1.75 -4.27
C ILE A 10 7.41 1.69 -2.74
N PHE A 11 8.60 1.87 -2.18
CA PHE A 11 8.79 1.85 -0.72
C PHE A 11 8.05 3.02 -0.07
N PHE A 12 8.05 4.18 -0.74
CA PHE A 12 7.40 5.38 -0.23
C PHE A 12 5.90 5.11 0.04
N GLY A 13 5.27 4.34 -0.84
CA GLY A 13 3.84 4.02 -0.69
C GLY A 13 3.63 3.18 0.57
N LEU A 14 4.59 2.31 0.89
CA LEU A 14 4.52 1.45 2.06
C LEU A 14 4.39 2.31 3.32
N ALA A 15 5.21 3.35 3.40
CA ALA A 15 5.19 4.27 4.53
C ALA A 15 3.83 4.96 4.63
N LEU A 16 3.26 5.30 3.47
CA LEU A 16 1.96 5.97 3.40
C LEU A 16 0.89 5.10 4.08
N LEU A 17 0.96 3.79 3.86
CA LEU A 17 -0.01 2.86 4.46
C LEU A 17 0.02 2.96 5.99
N SER A 18 1.21 3.14 6.55
CA SER A 18 1.36 3.26 8.00
C SER A 18 0.49 4.40 8.53
N LEU A 19 0.49 5.53 7.81
CA LEU A 19 -0.30 6.69 8.19
C LEU A 19 -1.80 6.37 8.14
N LEU A 20 -2.20 5.61 7.13
CA LEU A 20 -3.61 5.23 6.96
C LEU A 20 -4.04 4.19 8.01
N PHE A 21 -3.11 3.30 8.38
CA PHE A 21 -3.40 2.24 9.35
C PHE A 21 -3.85 2.78 10.71
N ILE A 22 -3.18 3.84 11.21
CA ILE A 22 -3.54 4.41 12.51
C ILE A 22 -4.95 5.02 12.49
N GLY A 23 -5.31 5.59 11.35
CA GLY A 23 -6.63 6.21 11.17
C GLY A 23 -7.75 5.17 11.30
N LEU A 24 -7.46 3.93 10.89
CA LEU A 24 -8.45 2.85 10.96
C LEU A 24 -8.95 2.68 12.39
N ALA A 25 -8.03 2.72 13.34
CA ALA A 25 -8.35 2.58 14.76
C ALA A 25 -9.12 3.81 15.27
N TYR A 26 -8.77 4.99 14.75
CA TYR A 26 -9.43 6.23 15.18
C TYR A 26 -10.93 6.19 14.90
N ARG A 27 -11.31 5.79 13.67
CA ARG A 27 -12.73 5.71 13.29
C ARG A 27 -13.46 4.66 14.12
N TYR A 28 -12.78 3.55 14.40
CA TYR A 28 -13.38 2.46 15.19
C TYR A 28 -13.13 2.64 16.71
N GLN A 29 -12.54 3.78 17.10
CA GLN A 29 -12.26 4.05 18.53
C GLN A 29 -11.41 2.94 19.16
N ARG A 30 -10.64 2.22 18.31
CA ARG A 30 -9.77 1.14 18.79
C ARG A 30 -10.59 0.07 19.51
N GLY B 1 13.19 -17.14 -17.97
CA GLY B 1 12.57 -17.00 -16.62
C GLY B 1 11.67 -15.76 -16.61
N THR B 2 12.25 -14.61 -16.95
CA THR B 2 11.51 -13.35 -16.98
C THR B 2 10.84 -13.09 -15.63
N THR B 3 11.46 -12.26 -14.79
CA THR B 3 10.92 -11.94 -13.47
C THR B 3 10.33 -10.53 -13.45
N VAL B 4 9.72 -10.16 -14.57
CA VAL B 4 9.09 -8.83 -14.71
C VAL B 4 7.82 -8.74 -13.85
N LEU B 5 7.12 -9.87 -13.70
CA LEU B 5 5.88 -9.93 -12.92
C LEU B 5 6.13 -9.66 -11.44
N LEU B 6 7.29 -10.06 -10.91
CA LEU B 6 7.59 -9.85 -9.48
C LEU B 6 7.44 -8.36 -9.12
N PRO B 7 8.17 -7.43 -9.76
CA PRO B 7 8.02 -5.97 -9.46
C PRO B 7 6.63 -5.44 -9.83
N LEU B 8 6.05 -6.00 -10.90
CA LEU B 8 4.75 -5.57 -11.38
C LEU B 8 3.66 -5.78 -10.33
N VAL B 9 3.65 -6.95 -9.69
CA VAL B 9 2.65 -7.25 -8.66
C VAL B 9 2.84 -6.32 -7.45
N ILE B 10 4.09 -6.01 -7.10
CA ILE B 10 4.35 -5.12 -5.96
C ILE B 10 3.84 -3.72 -6.31
N PHE B 11 4.14 -3.27 -7.52
CA PHE B 11 3.69 -1.96 -8.01
C PHE B 11 2.16 -1.94 -8.12
N PHE B 12 1.57 -3.08 -8.52
CA PHE B 12 0.13 -3.20 -8.68
C PHE B 12 -0.58 -2.87 -7.37
N GLY B 13 -0.06 -3.42 -6.26
CA GLY B 13 -0.64 -3.15 -4.94
C GLY B 13 -0.54 -1.67 -4.61
N LEU B 14 0.57 -1.05 -5.05
CA LEU B 14 0.82 0.36 -4.82
C LEU B 14 -0.30 1.20 -5.42
N ALA B 15 -0.71 0.84 -6.65
CA ALA B 15 -1.77 1.56 -7.35
C ALA B 15 -3.08 1.47 -6.57
N LEU B 16 -3.35 0.31 -5.97
CA LEU B 16 -4.57 0.09 -5.21
C LEU B 16 -4.64 1.11 -4.06
N LEU B 17 -3.49 1.36 -3.40
CA LEU B 17 -3.44 2.31 -2.30
C LEU B 17 -3.89 3.71 -2.75
N SER B 18 -3.54 4.07 -3.98
CA SER B 18 -3.92 5.37 -4.54
C SER B 18 -5.44 5.55 -4.52
N LEU B 19 -6.17 4.46 -4.80
CA LEU B 19 -7.64 4.51 -4.82
C LEU B 19 -8.18 4.96 -3.45
N LEU B 20 -7.66 4.34 -2.37
CA LEU B 20 -8.09 4.69 -1.02
C LEU B 20 -7.54 6.07 -0.61
N PHE B 21 -6.32 6.38 -1.04
CA PHE B 21 -5.66 7.65 -0.71
C PHE B 21 -6.38 8.85 -1.34
N ILE B 22 -6.87 8.68 -2.57
CA ILE B 22 -7.54 9.77 -3.27
C ILE B 22 -8.82 10.23 -2.54
N GLY B 23 -9.52 9.27 -1.93
CA GLY B 23 -10.75 9.57 -1.20
C GLY B 23 -10.47 10.30 0.12
N LEU B 24 -9.31 10.01 0.73
CA LEU B 24 -8.93 10.63 2.00
C LEU B 24 -8.81 12.14 1.85
N ALA B 25 -8.21 12.58 0.75
CA ALA B 25 -8.02 14.00 0.48
C ALA B 25 -9.37 14.72 0.29
N TYR B 26 -10.33 14.02 -0.33
CA TYR B 26 -11.65 14.60 -0.58
C TYR B 26 -12.32 14.99 0.74
N ARG B 27 -12.29 14.07 1.71
CA ARG B 27 -12.89 14.34 3.03
C ARG B 27 -12.17 15.48 3.75
N TYR B 28 -10.87 15.65 3.46
CA TYR B 28 -10.06 16.71 4.07
C TYR B 28 -10.20 18.04 3.30
N GLN B 29 -10.86 18.01 2.13
CA GLN B 29 -11.04 19.22 1.31
C GLN B 29 -9.70 19.86 0.98
N ARG B 30 -9.08 19.38 -0.11
CA ARG B 30 -7.79 19.91 -0.56
C ARG B 30 -7.36 19.24 -1.87
N GLY C 1 26.50 -12.37 0.20
CA GLY C 1 25.52 -11.25 0.33
C GLY C 1 24.10 -11.81 0.45
N THR C 2 23.18 -10.99 0.96
CA THR C 2 21.79 -11.40 1.13
C THR C 2 20.88 -10.19 1.36
N THR C 3 20.11 -9.80 0.33
CA THR C 3 19.20 -8.66 0.43
C THR C 3 17.76 -9.07 0.09
N VAL C 4 17.42 -10.30 0.43
CA VAL C 4 16.07 -10.84 0.19
C VAL C 4 15.05 -10.18 1.12
N LEU C 5 15.51 -9.71 2.29
CA LEU C 5 14.65 -9.07 3.27
C LEU C 5 14.07 -7.76 2.74
N LEU C 6 14.87 -6.97 2.01
CA LEU C 6 14.40 -5.68 1.48
C LEU C 6 13.09 -5.85 0.68
N PRO C 7 13.05 -6.68 -0.37
CA PRO C 7 11.78 -6.89 -1.16
C PRO C 7 10.67 -7.53 -0.33
N LEU C 8 11.05 -8.43 0.58
CA LEU C 8 10.08 -9.15 1.42
C LEU C 8 9.28 -8.20 2.30
N VAL C 9 9.96 -7.25 2.94
CA VAL C 9 9.29 -6.29 3.81
C VAL C 9 8.34 -5.38 3.00
N ILE C 10 8.74 -5.01 1.78
CA ILE C 10 7.89 -4.15 0.94
C ILE C 10 6.60 -4.92 0.58
N PHE C 11 6.77 -6.19 0.21
CA PHE C 11 5.63 -7.05 -0.12
C PHE C 11 4.79 -7.33 1.13
N PHE C 12 5.47 -7.47 2.27
CA PHE C 12 4.82 -7.75 3.55
C PHE C 12 3.80 -6.67 3.89
N GLY C 13 4.16 -5.41 3.67
CA GLY C 13 3.26 -4.28 3.95
C GLY C 13 1.99 -4.42 3.12
N LEU C 14 2.14 -4.96 1.92
CA LEU C 14 1.02 -5.18 0.99
C LEU C 14 -0.05 -6.08 1.62
N ALA C 15 0.38 -6.98 2.52
CA ALA C 15 -0.55 -7.91 3.18
C ALA C 15 -1.58 -7.13 4.02
N LEU C 16 -1.14 -6.05 4.66
CA LEU C 16 -2.00 -5.22 5.49
C LEU C 16 -3.11 -4.60 4.63
N LEU C 17 -2.76 -4.21 3.40
CA LEU C 17 -3.73 -3.60 2.48
C LEU C 17 -4.89 -4.55 2.20
N SER C 18 -4.61 -5.85 2.12
CA SER C 18 -5.65 -6.85 1.87
C SER C 18 -6.72 -6.79 2.95
N LEU C 19 -6.30 -6.58 4.20
CA LEU C 19 -7.21 -6.49 5.32
C LEU C 19 -8.17 -5.30 5.15
N LEU C 20 -7.62 -4.15 4.75
CA LEU C 20 -8.42 -2.95 4.54
C LEU C 20 -9.31 -3.07 3.29
N PHE C 21 -8.78 -3.76 2.26
CA PHE C 21 -9.49 -3.92 0.98
C PHE C 21 -10.81 -4.68 1.13
N ILE C 22 -10.82 -5.76 1.92
CA ILE C 22 -12.04 -6.57 2.09
C ILE C 22 -13.14 -5.77 2.78
N GLY C 23 -12.75 -4.95 3.76
CA GLY C 23 -13.70 -4.13 4.52
C GLY C 23 -14.30 -3.02 3.65
N LEU C 24 -13.51 -2.51 2.69
CA LEU C 24 -13.96 -1.43 1.80
C LEU C 24 -15.20 -1.86 1.01
N ALA C 25 -15.18 -3.09 0.52
CA ALA C 25 -16.30 -3.64 -0.25
C ALA C 25 -17.57 -3.67 0.60
N TYR C 26 -17.43 -4.06 1.86
CA TYR C 26 -18.57 -4.12 2.78
C TYR C 26 -19.13 -2.72 3.03
N ARG C 27 -18.23 -1.75 3.23
CA ARG C 27 -18.64 -0.36 3.49
C ARG C 27 -19.35 0.24 2.26
N TYR C 28 -19.18 -0.38 1.08
CA TYR C 28 -19.80 0.11 -0.14
C TYR C 28 -21.24 -0.41 -0.32
N GLN C 29 -21.75 -1.14 0.69
CA GLN C 29 -23.11 -1.69 0.63
C GLN C 29 -24.01 -0.99 1.66
N ARG C 30 -24.17 0.33 1.48
CA ARG C 30 -25.00 1.14 2.37
C ARG C 30 -26.44 0.63 2.40
N GLY A 1 22.08 2.18 -16.39
CA GLY A 1 21.15 3.13 -15.71
C GLY A 1 20.48 2.44 -14.52
N THR A 2 21.03 2.68 -13.32
CA THR A 2 20.49 2.08 -12.10
C THR A 2 19.15 2.73 -11.73
N THR A 3 18.20 1.90 -11.28
CA THR A 3 16.86 2.39 -10.89
C THR A 3 16.64 2.19 -9.39
N VAL A 4 17.54 2.78 -8.60
CA VAL A 4 17.45 2.70 -7.13
C VAL A 4 16.20 3.43 -6.61
N LEU A 5 15.78 4.46 -7.33
CA LEU A 5 14.60 5.25 -6.95
C LEU A 5 13.32 4.43 -7.12
N LEU A 6 13.27 3.57 -8.15
CA LEU A 6 12.07 2.75 -8.41
C LEU A 6 11.60 2.05 -7.11
N PRO A 7 12.42 1.23 -6.44
CA PRO A 7 12.00 0.54 -5.17
C PRO A 7 11.69 1.52 -4.03
N LEU A 8 12.42 2.64 -3.99
CA LEU A 8 12.24 3.64 -2.92
C LEU A 8 10.84 4.24 -2.95
N VAL A 9 10.36 4.60 -4.14
CA VAL A 9 9.02 5.18 -4.28
C VAL A 9 7.95 4.14 -3.92
N ILE A 10 8.17 2.86 -4.25
CA ILE A 10 7.19 1.82 -3.93
C ILE A 10 7.07 1.70 -2.41
N PHE A 11 8.22 1.71 -1.72
CA PHE A 11 8.25 1.64 -0.26
C PHE A 11 7.68 2.94 0.33
N PHE A 12 7.98 4.07 -0.33
CA PHE A 12 7.50 5.38 0.10
C PHE A 12 5.98 5.41 0.16
N GLY A 13 5.33 4.83 -0.86
CA GLY A 13 3.87 4.79 -0.92
C GLY A 13 3.31 3.99 0.27
N LEU A 14 4.07 2.96 0.66
CA LEU A 14 3.70 2.10 1.78
C LEU A 14 3.63 2.89 3.09
N ALA A 15 4.44 3.95 3.19
CA ALA A 15 4.47 4.79 4.39
C ALA A 15 3.11 5.45 4.64
N LEU A 16 2.46 5.87 3.56
CA LEU A 16 1.16 6.51 3.64
C LEU A 16 0.13 5.54 4.21
N LEU A 17 0.17 4.28 3.75
CA LEU A 17 -0.75 3.25 4.23
C LEU A 17 -0.59 3.07 5.73
N SER A 18 0.66 3.08 6.21
CA SER A 18 0.93 2.91 7.63
C SER A 18 0.23 3.99 8.45
N LEU A 19 0.34 5.24 8.01
CA LEU A 19 -0.29 6.37 8.71
C LEU A 19 -1.81 6.20 8.73
N LEU A 20 -2.38 5.77 7.60
CA LEU A 20 -3.83 5.56 7.50
C LEU A 20 -4.27 4.40 8.40
N PHE A 21 -3.43 3.36 8.49
CA PHE A 21 -3.74 2.19 9.32
C PHE A 21 -3.75 2.56 10.81
N ILE A 22 -2.78 3.37 11.24
CA ILE A 22 -2.67 3.80 12.63
C ILE A 22 -3.92 4.61 13.02
N GLY A 23 -4.34 5.49 12.13
CA GLY A 23 -5.52 6.35 12.37
C GLY A 23 -6.78 5.51 12.58
N LEU A 24 -6.87 4.36 11.90
CA LEU A 24 -8.04 3.49 12.01
C LEU A 24 -8.24 2.99 13.45
N ALA A 25 -7.14 2.70 14.13
CA ALA A 25 -7.19 2.20 15.50
C ALA A 25 -7.79 3.25 16.45
N TYR A 26 -7.49 4.52 16.19
CA TYR A 26 -7.98 5.62 17.02
C TYR A 26 -9.52 5.63 17.03
N ARG A 27 -10.11 5.41 15.85
CA ARG A 27 -11.57 5.39 15.72
C ARG A 27 -12.19 4.29 16.59
N TYR A 28 -11.39 3.25 16.91
CA TYR A 28 -11.87 2.14 17.73
C TYR A 28 -11.72 2.45 19.24
N GLN A 29 -11.00 3.53 19.57
CA GLN A 29 -10.80 3.92 20.96
C GLN A 29 -12.10 4.45 21.58
N ARG A 30 -12.94 5.06 20.75
CA ARG A 30 -14.22 5.61 21.21
C ARG A 30 -15.39 5.01 20.42
N GLY B 1 17.42 -16.71 -14.13
CA GLY B 1 16.32 -16.49 -15.11
C GLY B 1 15.86 -15.03 -15.05
N THR B 2 14.57 -14.82 -15.29
CA THR B 2 13.98 -13.47 -15.27
C THR B 2 12.89 -13.37 -14.19
N THR B 3 12.81 -12.20 -13.54
CA THR B 3 11.82 -11.98 -12.49
C THR B 3 11.23 -10.57 -12.62
N VAL B 4 10.82 -10.23 -13.84
CA VAL B 4 10.23 -8.92 -14.12
C VAL B 4 8.82 -8.82 -13.49
N LEU B 5 8.15 -9.96 -13.33
CA LEU B 5 6.81 -10.01 -12.74
C LEU B 5 6.85 -9.62 -11.25
N LEU B 6 7.87 -10.10 -10.52
CA LEU B 6 7.98 -9.80 -9.09
C LEU B 6 7.81 -8.27 -8.81
N PRO B 7 8.61 -7.38 -9.40
CA PRO B 7 8.46 -5.91 -9.17
C PRO B 7 7.13 -5.35 -9.69
N LEU B 8 6.59 -5.98 -10.74
CA LEU B 8 5.34 -5.52 -11.34
C LEU B 8 4.15 -5.73 -10.42
N VAL B 9 4.07 -6.92 -9.81
CA VAL B 9 2.96 -7.23 -8.92
C VAL B 9 2.97 -6.34 -7.66
N ILE B 10 4.16 -6.01 -7.12
CA ILE B 10 4.24 -5.16 -5.95
C ILE B 10 3.86 -3.72 -6.31
N PHE B 11 4.31 -3.26 -7.48
CA PHE B 11 4.02 -1.91 -7.95
C PHE B 11 2.52 -1.76 -8.25
N PHE B 12 1.92 -2.84 -8.78
CA PHE B 12 0.49 -2.83 -9.12
C PHE B 12 -0.35 -2.52 -7.89
N GLY B 13 0.03 -3.08 -6.73
CA GLY B 13 -0.69 -2.84 -5.48
C GLY B 13 -0.58 -1.37 -5.07
N LEU B 14 0.57 -0.77 -5.38
CA LEU B 14 0.81 0.64 -5.07
C LEU B 14 -0.24 1.51 -5.76
N ALA B 15 -0.58 1.15 -7.00
CA ALA B 15 -1.57 1.87 -7.78
C ALA B 15 -2.93 1.81 -7.08
N LEU B 16 -3.23 0.65 -6.47
CA LEU B 16 -4.49 0.44 -5.77
C LEU B 16 -4.65 1.47 -4.66
N LEU B 17 -3.56 1.73 -3.93
CA LEU B 17 -3.56 2.71 -2.84
C LEU B 17 -3.99 4.09 -3.37
N SER B 18 -3.64 4.38 -4.64
CA SER B 18 -3.98 5.66 -5.25
C SER B 18 -5.50 5.86 -5.20
N LEU B 19 -6.25 4.81 -5.52
CA LEU B 19 -7.71 4.89 -5.51
C LEU B 19 -8.22 5.28 -4.12
N LEU B 20 -7.65 4.67 -3.08
CA LEU B 20 -8.04 4.96 -1.70
C LEU B 20 -7.64 6.39 -1.32
N PHE B 21 -6.45 6.82 -1.77
CA PHE B 21 -5.97 8.17 -1.48
C PHE B 21 -6.88 9.24 -2.10
N ILE B 22 -7.32 8.99 -3.34
CA ILE B 22 -8.20 9.94 -4.04
C ILE B 22 -9.54 10.05 -3.28
N GLY B 23 -10.02 8.92 -2.77
CA GLY B 23 -11.29 8.88 -2.03
C GLY B 23 -11.25 9.81 -0.82
N LEU B 24 -10.07 9.97 -0.21
CA LEU B 24 -9.90 10.84 0.97
C LEU B 24 -10.30 12.28 0.66
N ALA B 25 -10.06 12.71 -0.57
CA ALA B 25 -10.39 14.08 -1.00
C ALA B 25 -11.88 14.36 -0.81
N TYR B 26 -12.72 13.34 -1.04
CA TYR B 26 -14.16 13.49 -0.89
C TYR B 26 -14.52 13.89 0.54
N ARG B 27 -13.81 13.32 1.51
CA ARG B 27 -14.05 13.63 2.93
C ARG B 27 -13.79 15.11 3.24
N TYR B 28 -13.10 15.81 2.33
CA TYR B 28 -12.78 17.23 2.50
C TYR B 28 -13.93 18.13 2.02
N GLN B 29 -14.90 17.55 1.28
CA GLN B 29 -16.05 18.32 0.78
C GLN B 29 -17.32 17.95 1.55
N ARG B 30 -17.28 18.16 2.87
CA ARG B 30 -18.41 17.85 3.74
C ARG B 30 -19.67 18.59 3.26
N GLY C 1 20.39 -16.19 2.67
CA GLY C 1 20.45 -15.01 1.75
C GLY C 1 20.84 -13.78 2.56
N THR C 2 21.31 -12.74 1.86
CA THR C 2 21.74 -11.50 2.52
C THR C 2 20.66 -10.40 2.39
N THR C 3 20.26 -10.08 1.15
CA THR C 3 19.24 -9.04 0.93
C THR C 3 17.92 -9.65 0.45
N VAL C 4 17.68 -10.89 0.82
CA VAL C 4 16.44 -11.59 0.47
C VAL C 4 15.25 -11.02 1.24
N LEU C 5 15.50 -10.52 2.45
CA LEU C 5 14.45 -9.97 3.30
C LEU C 5 13.89 -8.66 2.74
N LEU C 6 14.73 -7.86 2.07
CA LEU C 6 14.28 -6.57 1.51
C LEU C 6 12.97 -6.75 0.70
N PRO C 7 12.91 -7.60 -0.32
CA PRO C 7 11.64 -7.80 -1.12
C PRO C 7 10.50 -8.39 -0.28
N LEU C 8 10.84 -9.28 0.66
CA LEU C 8 9.83 -9.94 1.49
C LEU C 8 9.05 -8.93 2.34
N VAL C 9 9.77 -7.99 2.97
CA VAL C 9 9.13 -6.98 3.80
C VAL C 9 8.27 -6.04 2.95
N ILE C 10 8.72 -5.72 1.72
CA ILE C 10 7.95 -4.83 0.83
C ILE C 10 6.68 -5.57 0.37
N PHE C 11 6.83 -6.85 0.03
CA PHE C 11 5.70 -7.67 -0.41
C PHE C 11 4.71 -7.87 0.75
N PHE C 12 5.25 -8.06 1.96
CA PHE C 12 4.44 -8.26 3.16
C PHE C 12 3.50 -7.08 3.37
N GLY C 13 4.00 -5.88 3.10
CA GLY C 13 3.21 -4.65 3.24
C GLY C 13 1.98 -4.70 2.32
N LEU C 14 2.14 -5.35 1.17
CA LEU C 14 1.06 -5.49 0.19
C LEU C 14 -0.14 -6.20 0.81
N ALA C 15 0.13 -7.21 1.64
CA ALA C 15 -0.91 -7.96 2.32
C ALA C 15 -1.71 -7.04 3.25
N LEU C 16 -1.00 -6.11 3.90
CA LEU C 16 -1.63 -5.17 4.82
C LEU C 16 -2.70 -4.34 4.08
N LEU C 17 -2.40 -3.95 2.84
CA LEU C 17 -3.34 -3.18 2.03
C LEU C 17 -4.63 -3.98 1.81
N SER C 18 -4.52 -5.31 1.77
CA SER C 18 -5.68 -6.18 1.58
C SER C 18 -6.72 -5.94 2.68
N LEU C 19 -6.25 -5.74 3.92
CA LEU C 19 -7.15 -5.51 5.05
C LEU C 19 -7.99 -4.24 4.85
N LEU C 20 -7.33 -3.15 4.45
CA LEU C 20 -8.02 -1.89 4.21
C LEU C 20 -8.87 -1.94 2.94
N PHE C 21 -8.40 -2.67 1.92
CA PHE C 21 -9.11 -2.78 0.65
C PHE C 21 -10.39 -3.62 0.79
N ILE C 22 -10.30 -4.74 1.52
CA ILE C 22 -11.45 -5.61 1.70
C ILE C 22 -12.56 -4.95 2.53
N GLY C 23 -12.13 -4.16 3.52
CA GLY C 23 -13.07 -3.44 4.39
C GLY C 23 -13.80 -2.32 3.62
N LEU C 24 -13.12 -1.73 2.64
CA LEU C 24 -13.70 -0.64 1.85
C LEU C 24 -14.95 -1.12 1.11
N ALA C 25 -14.87 -2.31 0.52
CA ALA C 25 -15.99 -2.87 -0.22
C ALA C 25 -17.15 -3.23 0.73
N TYR C 26 -16.81 -3.73 1.91
CA TYR C 26 -17.82 -4.11 2.91
C TYR C 26 -18.63 -2.88 3.33
N ARG C 27 -17.93 -1.79 3.64
CA ARG C 27 -18.57 -0.55 4.06
C ARG C 27 -19.39 0.08 2.91
N TYR C 28 -19.05 -0.29 1.67
CA TYR C 28 -19.76 0.24 0.49
C TYR C 28 -21.01 -0.59 0.17
N GLN C 29 -21.20 -1.73 0.84
CA GLN C 29 -22.36 -2.59 0.61
C GLN C 29 -22.52 -3.62 1.74
N ARG C 30 -23.24 -3.24 2.79
CA ARG C 30 -23.48 -4.12 3.94
C ARG C 30 -23.91 -5.52 3.49
N GLY A 1 22.19 1.38 -14.85
CA GLY A 1 21.56 0.60 -13.74
C GLY A 1 20.54 1.47 -13.02
N THR A 2 21.01 2.29 -12.08
CA THR A 2 20.14 3.19 -11.31
C THR A 2 18.89 2.47 -10.81
N THR A 3 19.01 1.16 -10.50
CA THR A 3 17.87 0.39 -10.01
C THR A 3 17.62 0.60 -8.52
N VAL A 4 18.34 1.54 -7.93
CA VAL A 4 18.20 1.88 -6.50
C VAL A 4 16.85 2.58 -6.27
N LEU A 5 16.49 3.47 -7.21
CA LEU A 5 15.26 4.25 -7.12
C LEU A 5 14.01 3.37 -7.26
N LEU A 6 14.12 2.27 -8.03
CA LEU A 6 12.97 1.39 -8.24
C LEU A 6 12.36 0.93 -6.88
N PRO A 7 13.11 0.30 -5.99
CA PRO A 7 12.56 -0.13 -4.66
C PRO A 7 12.15 1.05 -3.78
N LEU A 8 12.86 2.17 -3.91
CA LEU A 8 12.59 3.37 -3.10
C LEU A 8 11.19 3.92 -3.38
N VAL A 9 10.82 4.02 -4.66
CA VAL A 9 9.50 4.54 -5.03
C VAL A 9 8.39 3.60 -4.52
N ILE A 10 8.62 2.27 -4.57
CA ILE A 10 7.61 1.32 -4.08
C ILE A 10 7.51 1.42 -2.56
N PHE A 11 8.67 1.49 -1.91
CA PHE A 11 8.74 1.60 -0.45
C PHE A 11 8.07 2.90 0.02
N PHE A 12 8.23 3.97 -0.77
CA PHE A 12 7.65 5.27 -0.44
C PHE A 12 6.14 5.15 -0.28
N GLY A 13 5.50 4.42 -1.21
CA GLY A 13 4.06 4.21 -1.14
C GLY A 13 3.69 3.37 0.09
N LEU A 14 4.59 2.43 0.43
CA LEU A 14 4.39 1.56 1.59
C LEU A 14 4.31 2.38 2.88
N ALA A 15 5.15 3.41 2.97
CA ALA A 15 5.20 4.28 4.14
C ALA A 15 3.85 4.99 4.33
N LEU A 16 3.24 5.39 3.21
CA LEU A 16 1.94 6.08 3.25
C LEU A 16 0.89 5.20 3.94
N LEU A 17 0.96 3.87 3.70
CA LEU A 17 0.02 2.94 4.32
C LEU A 17 0.12 3.02 5.84
N SER A 18 1.35 3.13 6.36
CA SER A 18 1.58 3.24 7.79
C SER A 18 0.89 4.49 8.35
N LEU A 19 0.97 5.59 7.59
CA LEU A 19 0.36 6.86 7.99
C LEU A 19 -1.16 6.68 8.11
N LEU A 20 -1.76 6.00 7.14
CA LEU A 20 -3.20 5.76 7.13
C LEU A 20 -3.61 4.76 8.23
N PHE A 21 -2.74 3.78 8.50
CA PHE A 21 -3.01 2.73 9.49
C PHE A 21 -3.26 3.31 10.90
N ILE A 22 -2.46 4.30 11.31
CA ILE A 22 -2.61 4.88 12.66
C ILE A 22 -3.97 5.59 12.81
N GLY A 23 -4.41 6.23 11.72
CA GLY A 23 -5.68 6.95 11.71
C GLY A 23 -6.87 5.99 11.68
N LEU A 24 -6.68 4.82 11.06
CA LEU A 24 -7.74 3.81 10.96
C LEU A 24 -8.22 3.38 12.36
N ALA A 25 -7.29 3.33 13.30
CA ALA A 25 -7.62 2.95 14.68
C ALA A 25 -8.62 3.92 15.30
N TYR A 26 -8.44 5.22 15.02
CA TYR A 26 -9.33 6.26 15.56
C TYR A 26 -10.77 6.05 15.09
N ARG A 27 -10.95 5.82 13.79
CA ARG A 27 -12.27 5.63 13.22
C ARG A 27 -12.86 4.27 13.60
N TYR A 28 -12.01 3.25 13.68
CA TYR A 28 -12.43 1.90 14.03
C TYR A 28 -12.49 1.68 15.56
N GLN A 29 -12.28 2.75 16.33
CA GLN A 29 -12.32 2.66 17.79
C GLN A 29 -12.75 4.00 18.40
N ARG A 30 -14.06 4.25 18.41
CA ARG A 30 -14.61 5.49 18.95
C ARG A 30 -15.06 5.30 20.40
N GLY B 1 13.65 -11.97 -20.28
CA GLY B 1 12.97 -11.87 -18.95
C GLY B 1 14.03 -11.64 -17.86
N THR B 2 13.85 -10.58 -17.06
CA THR B 2 14.77 -10.26 -15.98
C THR B 2 14.01 -10.01 -14.67
N THR B 3 13.04 -10.89 -14.38
CA THR B 3 12.23 -10.78 -13.16
C THR B 3 11.55 -9.41 -13.09
N VAL B 4 11.14 -8.91 -14.26
CA VAL B 4 10.47 -7.61 -14.37
C VAL B 4 9.04 -7.69 -13.79
N LEU B 5 8.40 -8.84 -13.94
CA LEU B 5 7.03 -9.04 -13.47
C LEU B 5 6.93 -8.96 -11.95
N LEU B 6 7.94 -9.45 -11.23
CA LEU B 6 7.91 -9.42 -9.77
C LEU B 6 7.66 -7.99 -9.24
N PRO B 7 8.50 -7.00 -9.58
CA PRO B 7 8.27 -5.59 -9.11
C PRO B 7 6.98 -4.98 -9.66
N LEU B 8 6.61 -5.37 -10.88
CA LEU B 8 5.41 -4.83 -11.52
C LEU B 8 4.14 -5.12 -10.72
N VAL B 9 4.01 -6.36 -10.24
CA VAL B 9 2.83 -6.75 -9.46
C VAL B 9 2.80 -5.99 -8.12
N ILE B 10 3.97 -5.75 -7.50
CA ILE B 10 4.02 -5.01 -6.23
C ILE B 10 3.55 -3.57 -6.48
N PHE B 11 4.03 -2.98 -7.58
CA PHE B 11 3.66 -1.62 -7.96
C PHE B 11 2.16 -1.56 -8.30
N PHE B 12 1.65 -2.62 -8.93
CA PHE B 12 0.24 -2.68 -9.32
C PHE B 12 -0.64 -2.51 -8.08
N GLY B 13 -0.29 -3.20 -6.99
CA GLY B 13 -1.03 -3.08 -5.74
C GLY B 13 -0.84 -1.67 -5.15
N LEU B 14 0.35 -1.12 -5.37
CA LEU B 14 0.70 0.22 -4.90
C LEU B 14 -0.22 1.28 -5.53
N ALA B 15 -0.59 1.06 -6.79
CA ALA B 15 -1.45 2.00 -7.52
C ALA B 15 -2.81 2.13 -6.83
N LEU B 16 -3.35 1.02 -6.33
CA LEU B 16 -4.63 1.02 -5.67
C LEU B 16 -4.62 1.98 -4.47
N LEU B 17 -3.51 2.00 -3.73
CA LEU B 17 -3.38 2.88 -2.57
C LEU B 17 -3.50 4.35 -3.00
N SER B 18 -2.86 4.70 -4.12
CA SER B 18 -2.90 6.06 -4.63
C SER B 18 -4.34 6.47 -4.96
N LEU B 19 -5.07 5.58 -5.65
CA LEU B 19 -6.46 5.85 -6.01
C LEU B 19 -7.32 5.94 -4.75
N LEU B 20 -7.07 5.05 -3.78
CA LEU B 20 -7.83 5.06 -2.53
C LEU B 20 -7.61 6.39 -1.79
N PHE B 21 -6.39 6.94 -1.91
CA PHE B 21 -6.05 8.22 -1.28
C PHE B 21 -6.93 9.34 -1.85
N ILE B 22 -7.22 9.26 -3.15
CA ILE B 22 -8.05 10.27 -3.82
C ILE B 22 -9.46 10.29 -3.22
N GLY B 23 -10.02 9.10 -3.02
CA GLY B 23 -11.36 8.98 -2.45
C GLY B 23 -11.37 9.33 -0.96
N LEU B 24 -10.27 9.02 -0.27
CA LEU B 24 -10.15 9.30 1.16
C LEU B 24 -10.28 10.79 1.45
N ALA B 25 -9.59 11.60 0.66
CA ALA B 25 -9.63 13.05 0.83
C ALA B 25 -11.05 13.59 0.62
N TYR B 26 -11.74 13.04 -0.39
CA TYR B 26 -13.11 13.46 -0.69
C TYR B 26 -14.03 13.12 0.49
N ARG B 27 -13.90 11.90 1.01
CA ARG B 27 -14.71 11.45 2.14
C ARG B 27 -14.31 12.19 3.42
N TYR B 28 -13.05 12.59 3.53
CA TYR B 28 -12.55 13.31 4.71
C TYR B 28 -12.79 14.83 4.59
N GLN B 29 -13.30 15.29 3.44
CA GLN B 29 -13.57 16.71 3.23
C GLN B 29 -12.30 17.54 3.46
N ARG B 30 -11.50 17.69 2.41
CA ARG B 30 -10.26 18.46 2.49
C ARG B 30 -10.46 19.87 1.92
N GLY C 1 22.18 -14.50 0.33
CA GLY C 1 20.96 -13.84 0.87
C GLY C 1 21.25 -12.35 1.08
N THR C 2 21.11 -11.56 0.02
CA THR C 2 21.34 -10.12 0.09
C THR C 2 20.03 -9.34 0.05
N THR C 3 19.83 -8.47 1.06
CA THR C 3 18.62 -7.64 1.18
C THR C 3 17.35 -8.43 0.81
N VAL C 4 17.28 -9.66 1.29
CA VAL C 4 16.13 -10.53 1.03
C VAL C 4 14.89 -10.04 1.79
N LEU C 5 15.11 -9.51 3.00
CA LEU C 5 14.02 -9.01 3.84
C LEU C 5 13.36 -7.78 3.22
N LEU C 6 14.17 -6.88 2.64
CA LEU C 6 13.65 -5.65 2.04
C LEU C 6 12.40 -5.92 1.14
N PRO C 7 12.48 -6.77 0.11
CA PRO C 7 11.30 -7.06 -0.77
C PRO C 7 10.13 -7.73 -0.04
N LEU C 8 10.44 -8.61 0.92
CA LEU C 8 9.40 -9.33 1.65
C LEU C 8 8.50 -8.37 2.45
N VAL C 9 9.11 -7.41 3.14
CA VAL C 9 8.34 -6.44 3.93
C VAL C 9 7.47 -5.57 3.01
N ILE C 10 7.98 -5.20 1.81
CA ILE C 10 7.19 -4.39 0.89
C ILE C 10 5.93 -5.17 0.48
N PHE C 11 6.12 -6.45 0.15
CA PHE C 11 5.01 -7.32 -0.23
C PHE C 11 4.07 -7.52 0.99
N PHE C 12 4.67 -7.62 2.17
CA PHE C 12 3.92 -7.81 3.41
C PHE C 12 2.91 -6.68 3.61
N GLY C 13 3.38 -5.45 3.37
CA GLY C 13 2.51 -4.27 3.51
C GLY C 13 1.39 -4.31 2.47
N LEU C 14 1.71 -4.85 1.29
CA LEU C 14 0.75 -4.97 0.20
C LEU C 14 -0.45 -5.82 0.64
N ALA C 15 -0.14 -6.93 1.33
CA ALA C 15 -1.18 -7.83 1.82
C ALA C 15 -2.10 -7.10 2.81
N LEU C 16 -1.52 -6.25 3.65
CA LEU C 16 -2.28 -5.49 4.64
C LEU C 16 -3.35 -4.64 3.96
N LEU C 17 -3.00 -4.02 2.83
CA LEU C 17 -3.94 -3.18 2.08
C LEU C 17 -5.17 -3.99 1.65
N SER C 18 -4.95 -5.23 1.23
CA SER C 18 -6.05 -6.09 0.78
C SER C 18 -7.09 -6.23 1.90
N LEU C 19 -6.63 -6.38 3.14
CA LEU C 19 -7.53 -6.52 4.28
C LEU C 19 -8.31 -5.22 4.49
N LEU C 20 -7.64 -4.07 4.33
CA LEU C 20 -8.29 -2.77 4.48
C LEU C 20 -9.33 -2.56 3.38
N PHE C 21 -9.02 -2.99 2.16
CA PHE C 21 -9.94 -2.84 1.03
C PHE C 21 -11.22 -3.65 1.26
N ILE C 22 -11.06 -4.87 1.77
CA ILE C 22 -12.21 -5.76 2.04
C ILE C 22 -13.07 -5.17 3.17
N GLY C 23 -12.40 -4.66 4.20
CA GLY C 23 -13.09 -4.07 5.35
C GLY C 23 -13.76 -2.74 5.00
N LEU C 24 -13.12 -1.96 4.13
CA LEU C 24 -13.66 -0.65 3.73
C LEU C 24 -14.99 -0.81 3.00
N ALA C 25 -15.03 -1.74 2.05
CA ALA C 25 -16.25 -1.99 1.27
C ALA C 25 -17.32 -2.65 2.12
N TYR C 26 -16.92 -3.52 3.05
CA TYR C 26 -17.86 -4.22 3.91
C TYR C 26 -18.67 -3.22 4.74
N ARG C 27 -17.97 -2.26 5.35
CA ARG C 27 -18.62 -1.24 6.18
C ARG C 27 -19.44 -0.27 5.31
N TYR C 28 -19.13 -0.19 4.01
CA TYR C 28 -19.83 0.70 3.09
C TYR C 28 -21.09 0.04 2.50
N GLN C 29 -21.31 -1.26 2.80
CA GLN C 29 -22.47 -1.99 2.29
C GLN C 29 -22.49 -1.96 0.76
N ARG C 30 -21.83 -2.95 0.14
CA ARG C 30 -21.76 -3.05 -1.32
C ARG C 30 -23.17 -3.00 -1.94
N GLY A 1 20.43 3.20 -16.00
CA GLY A 1 21.58 3.46 -15.09
C GLY A 1 21.16 3.26 -13.64
N THR A 2 21.33 2.03 -13.13
CA THR A 2 20.96 1.68 -11.76
C THR A 2 19.56 2.21 -11.40
N THR A 3 18.54 1.36 -11.61
CA THR A 3 17.16 1.73 -11.32
C THR A 3 16.82 1.52 -9.84
N VAL A 4 17.67 2.05 -8.98
CA VAL A 4 17.48 1.96 -7.52
C VAL A 4 16.26 2.79 -7.09
N LEU A 5 15.90 3.79 -7.91
CA LEU A 5 14.75 4.66 -7.62
C LEU A 5 13.44 3.89 -7.70
N LEU A 6 13.34 2.93 -8.64
CA LEU A 6 12.10 2.16 -8.80
C LEU A 6 11.64 1.56 -7.44
N PRO A 7 12.45 0.76 -6.73
CA PRO A 7 12.04 0.18 -5.42
C PRO A 7 11.80 1.25 -4.34
N LEU A 8 12.56 2.35 -4.41
CA LEU A 8 12.45 3.43 -3.42
C LEU A 8 11.06 4.06 -3.42
N VAL A 9 10.54 4.34 -4.62
CA VAL A 9 9.22 4.95 -4.75
C VAL A 9 8.13 3.97 -4.28
N ILE A 10 8.32 2.66 -4.54
CA ILE A 10 7.32 1.66 -4.11
C ILE A 10 7.26 1.66 -2.59
N PHE A 11 8.42 1.70 -1.93
CA PHE A 11 8.47 1.74 -0.47
C PHE A 11 7.91 3.07 0.05
N PHE A 12 8.19 4.16 -0.70
CA PHE A 12 7.72 5.49 -0.32
C PHE A 12 6.19 5.50 -0.21
N GLY A 13 5.52 4.88 -1.19
CA GLY A 13 4.06 4.80 -1.18
C GLY A 13 3.59 3.91 -0.03
N LEU A 14 4.39 2.87 0.27
CA LEU A 14 4.08 1.93 1.33
C LEU A 14 4.05 2.63 2.70
N ALA A 15 4.94 3.60 2.87
CA ALA A 15 5.05 4.34 4.13
C ALA A 15 3.74 5.09 4.43
N LEU A 16 3.11 5.64 3.40
CA LEU A 16 1.86 6.36 3.56
C LEU A 16 0.78 5.48 4.18
N LEU A 17 0.67 4.23 3.69
CA LEU A 17 -0.33 3.30 4.22
C LEU A 17 -0.06 3.02 5.70
N SER A 18 1.21 3.04 6.11
CA SER A 18 1.59 2.78 7.50
C SER A 18 0.97 3.83 8.43
N LEU A 19 1.08 5.11 8.05
CA LEU A 19 0.52 6.20 8.85
C LEU A 19 -1.00 6.13 8.87
N LEU A 20 -1.60 5.80 7.72
CA LEU A 20 -3.04 5.69 7.59
C LEU A 20 -3.59 4.46 8.35
N PHE A 21 -2.81 3.38 8.37
CA PHE A 21 -3.23 2.14 9.03
C PHE A 21 -3.39 2.32 10.54
N ILE A 22 -2.45 3.03 11.15
CA ILE A 22 -2.47 3.29 12.57
C ILE A 22 -3.61 4.24 12.92
N GLY A 23 -3.88 5.20 12.04
CA GLY A 23 -4.95 6.17 12.25
C GLY A 23 -6.30 5.46 12.39
N LEU A 24 -6.45 4.31 11.70
CA LEU A 24 -7.70 3.54 11.76
C LEU A 24 -8.00 3.12 13.21
N ALA A 25 -6.95 2.89 13.99
CA ALA A 25 -7.08 2.48 15.39
C ALA A 25 -7.86 3.53 16.19
N TYR A 26 -7.54 4.80 15.96
CA TYR A 26 -8.20 5.90 16.66
C TYR A 26 -9.69 5.94 16.31
N ARG A 27 -10.00 5.77 15.02
CA ARG A 27 -11.38 5.78 14.55
C ARG A 27 -12.18 4.60 15.09
N TYR A 28 -11.48 3.53 15.52
CA TYR A 28 -12.14 2.35 16.08
C TYR A 28 -12.42 2.51 17.59
N GLN A 29 -11.83 3.55 18.22
CA GLN A 29 -12.04 3.79 19.65
C GLN A 29 -12.69 5.17 19.86
N ARG A 30 -13.75 5.45 19.08
CA ARG A 30 -14.47 6.72 19.18
C ARG A 30 -14.89 6.99 20.63
N GLY B 1 10.94 -13.19 -17.73
CA GLY B 1 12.43 -13.15 -17.73
C GLY B 1 12.95 -13.50 -16.34
N THR B 2 13.45 -12.50 -15.61
CA THR B 2 13.98 -12.71 -14.26
C THR B 2 13.02 -12.14 -13.22
N THR B 3 11.97 -12.91 -12.91
CA THR B 3 10.95 -12.49 -11.93
C THR B 3 10.50 -11.05 -12.18
N VAL B 4 10.19 -10.75 -13.44
CA VAL B 4 9.73 -9.42 -13.84
C VAL B 4 8.32 -9.13 -13.30
N LEU B 5 7.49 -10.17 -13.23
CA LEU B 5 6.12 -10.04 -12.74
C LEU B 5 6.08 -9.72 -11.24
N LEU B 6 7.08 -10.19 -10.49
CA LEU B 6 7.13 -9.95 -9.04
C LEU B 6 7.04 -8.44 -8.73
N PRO B 7 7.95 -7.59 -9.24
CA PRO B 7 7.89 -6.12 -8.98
C PRO B 7 6.64 -5.46 -9.56
N LEU B 8 6.17 -5.99 -10.70
CA LEU B 8 5.00 -5.42 -11.38
C LEU B 8 3.75 -5.50 -10.51
N VAL B 9 3.53 -6.64 -9.88
CA VAL B 9 2.37 -6.83 -9.00
C VAL B 9 2.49 -5.94 -7.75
N ILE B 10 3.71 -5.78 -7.23
CA ILE B 10 3.92 -4.93 -6.05
C ILE B 10 3.64 -3.47 -6.42
N PHE B 11 4.14 -3.05 -7.59
CA PHE B 11 3.92 -1.69 -8.09
C PHE B 11 2.42 -1.47 -8.39
N PHE B 12 1.77 -2.50 -8.93
CA PHE B 12 0.35 -2.43 -9.27
C PHE B 12 -0.46 -2.11 -8.02
N GLY B 13 -0.13 -2.76 -6.91
CA GLY B 13 -0.82 -2.53 -5.65
C GLY B 13 -0.58 -1.10 -5.17
N LEU B 14 0.62 -0.58 -5.48
CA LEU B 14 0.99 0.79 -5.10
C LEU B 14 0.01 1.79 -5.70
N ALA B 15 -0.39 1.54 -6.95
CA ALA B 15 -1.34 2.42 -7.63
C ALA B 15 -2.66 2.44 -6.86
N LEU B 16 -3.06 1.27 -6.34
CA LEU B 16 -4.27 1.14 -5.55
C LEU B 16 -4.18 2.06 -4.32
N LEU B 17 -2.99 2.12 -3.73
CA LEU B 17 -2.72 2.95 -2.56
C LEU B 17 -3.01 4.42 -2.88
N SER B 18 -2.53 4.87 -4.05
CA SER B 18 -2.74 6.24 -4.48
C SER B 18 -4.24 6.54 -4.63
N LEU B 19 -4.97 5.59 -5.22
CA LEU B 19 -6.41 5.75 -5.42
C LEU B 19 -7.12 5.80 -4.06
N LEU B 20 -6.69 4.94 -3.13
CA LEU B 20 -7.30 4.90 -1.81
C LEU B 20 -7.03 6.19 -1.03
N PHE B 21 -5.82 6.76 -1.19
CA PHE B 21 -5.46 8.00 -0.49
C PHE B 21 -6.25 9.19 -1.05
N ILE B 22 -6.39 9.26 -2.38
CA ILE B 22 -7.13 10.34 -3.02
C ILE B 22 -8.63 10.21 -2.67
N GLY B 23 -9.12 8.98 -2.68
CA GLY B 23 -10.53 8.70 -2.37
C GLY B 23 -10.90 9.19 -0.96
N LEU B 24 -9.93 9.17 -0.04
CA LEU B 24 -10.18 9.61 1.33
C LEU B 24 -10.64 11.06 1.37
N ALA B 25 -10.04 11.89 0.52
CA ALA B 25 -10.39 13.31 0.45
C ALA B 25 -11.80 13.49 -0.12
N TYR B 26 -12.17 12.65 -1.09
CA TYR B 26 -13.49 12.71 -1.72
C TYR B 26 -14.60 12.47 -0.69
N ARG B 27 -14.42 11.42 0.12
CA ARG B 27 -15.41 11.07 1.15
C ARG B 27 -15.43 12.13 2.27
N TYR B 28 -14.26 12.64 2.61
CA TYR B 28 -14.13 13.65 3.66
C TYR B 28 -14.36 15.08 3.11
N GLN B 29 -14.58 15.20 1.80
CA GLN B 29 -14.81 16.50 1.17
C GLN B 29 -13.73 17.51 1.58
N ARG B 30 -12.46 17.10 1.43
CA ARG B 30 -11.31 17.94 1.77
C ARG B 30 -11.32 18.30 3.27
N GLY C 1 25.80 -8.05 1.57
CA GLY C 1 24.73 -7.05 1.82
C GLY C 1 23.38 -7.77 1.95
N THR C 2 23.29 -8.69 2.92
CA THR C 2 22.06 -9.45 3.15
C THR C 2 20.89 -8.51 3.42
N THR C 3 19.89 -8.54 2.53
CA THR C 3 18.71 -7.69 2.67
C THR C 3 17.45 -8.44 2.19
N VAL C 4 17.26 -9.64 2.73
CA VAL C 4 16.10 -10.48 2.39
C VAL C 4 14.82 -9.87 2.97
N LEU C 5 14.93 -9.27 4.15
CA LEU C 5 13.77 -8.66 4.82
C LEU C 5 13.26 -7.44 4.07
N LEU C 6 14.17 -6.67 3.45
CA LEU C 6 13.77 -5.46 2.73
C LEU C 6 12.63 -5.74 1.72
N PRO C 7 12.79 -6.68 0.77
CA PRO C 7 11.69 -6.99 -0.22
C PRO C 7 10.43 -7.58 0.45
N LEU C 8 10.64 -8.40 1.47
CA LEU C 8 9.53 -9.07 2.16
C LEU C 8 8.55 -8.06 2.77
N VAL C 9 9.09 -7.02 3.43
CA VAL C 9 8.24 -6.01 4.06
C VAL C 9 7.43 -5.24 3.00
N ILE C 10 8.02 -4.99 1.81
CA ILE C 10 7.29 -4.26 0.77
C ILE C 10 6.06 -5.08 0.34
N PHE C 11 6.25 -6.39 0.15
CA PHE C 11 5.16 -7.27 -0.23
C PHE C 11 4.17 -7.43 0.94
N PHE C 12 4.71 -7.48 2.16
CA PHE C 12 3.91 -7.62 3.37
C PHE C 12 2.91 -6.47 3.49
N GLY C 13 3.40 -5.24 3.24
CA GLY C 13 2.55 -4.05 3.32
C GLY C 13 1.46 -4.11 2.25
N LEU C 14 1.80 -4.69 1.10
CA LEU C 14 0.87 -4.82 -0.02
C LEU C 14 -0.33 -5.70 0.38
N ALA C 15 -0.05 -6.80 1.08
CA ALA C 15 -1.09 -7.73 1.50
C ALA C 15 -2.08 -7.04 2.44
N LEU C 16 -1.57 -6.18 3.32
CA LEU C 16 -2.41 -5.44 4.27
C LEU C 16 -3.39 -4.55 3.51
N LEU C 17 -2.91 -3.89 2.45
CA LEU C 17 -3.75 -3.00 1.65
C LEU C 17 -4.89 -3.80 1.01
N SER C 18 -4.59 -5.03 0.57
CA SER C 18 -5.59 -5.89 -0.06
C SER C 18 -6.76 -6.12 0.91
N LEU C 19 -6.45 -6.45 2.16
CA LEU C 19 -7.47 -6.70 3.17
C LEU C 19 -8.30 -5.43 3.42
N LEU C 20 -7.62 -4.28 3.48
CA LEU C 20 -8.29 -3.00 3.71
C LEU C 20 -9.24 -2.68 2.54
N PHE C 21 -8.80 -3.01 1.32
CA PHE C 21 -9.62 -2.75 0.13
C PHE C 21 -10.93 -3.55 0.21
N ILE C 22 -10.83 -4.81 0.64
CA ILE C 22 -12.00 -5.68 0.77
C ILE C 22 -12.90 -5.16 1.90
N GLY C 23 -12.27 -4.76 3.00
CA GLY C 23 -13.00 -4.24 4.16
C GLY C 23 -13.72 -2.92 3.84
N LEU C 24 -13.11 -2.13 2.94
CA LEU C 24 -13.68 -0.83 2.56
C LEU C 24 -15.10 -1.01 2.02
N ALA C 25 -15.27 -1.99 1.14
CA ALA C 25 -16.58 -2.28 0.53
C ALA C 25 -17.60 -2.67 1.61
N TYR C 26 -17.15 -3.43 2.60
CA TYR C 26 -18.03 -3.88 3.70
C TYR C 26 -18.55 -2.67 4.49
N ARG C 27 -17.63 -1.77 4.86
CA ARG C 27 -17.99 -0.59 5.63
C ARG C 27 -18.85 0.37 4.80
N TYR C 28 -18.49 0.55 3.53
CA TYR C 28 -19.23 1.44 2.63
C TYR C 28 -20.38 0.71 1.92
N GLN C 29 -20.63 -0.56 2.29
CA GLN C 29 -21.71 -1.34 1.67
C GLN C 29 -21.82 -2.72 2.35
N ARG C 30 -22.68 -2.80 3.37
CA ARG C 30 -22.88 -4.06 4.11
C ARG C 30 -23.28 -5.18 3.14
N GLY A 1 22.30 4.60 -17.56
CA GLY A 1 20.99 4.81 -16.89
C GLY A 1 20.77 3.71 -15.85
N THR A 2 20.07 4.03 -14.76
CA THR A 2 19.79 3.07 -13.70
C THR A 2 18.35 3.23 -13.21
N THR A 3 17.83 2.19 -12.56
CA THR A 3 16.45 2.21 -12.04
C THR A 3 16.43 2.09 -10.51
N VAL A 4 17.31 2.86 -9.88
CA VAL A 4 17.42 2.88 -8.41
C VAL A 4 16.19 3.56 -7.78
N LEU A 5 15.68 4.58 -8.46
CA LEU A 5 14.52 5.33 -8.00
C LEU A 5 13.25 4.47 -7.93
N LEU A 6 13.05 3.60 -8.93
CA LEU A 6 11.86 2.76 -8.97
C LEU A 6 11.62 2.04 -7.63
N PRO A 7 12.57 1.24 -7.12
CA PRO A 7 12.38 0.52 -5.81
C PRO A 7 12.22 1.47 -4.61
N LEU A 8 12.94 2.59 -4.64
CA LEU A 8 12.90 3.56 -3.53
C LEU A 8 11.50 4.14 -3.34
N VAL A 9 10.86 4.52 -4.45
CA VAL A 9 9.51 5.09 -4.38
C VAL A 9 8.50 4.05 -3.86
N ILE A 10 8.68 2.77 -4.25
CA ILE A 10 7.77 1.72 -3.79
C ILE A 10 7.87 1.57 -2.27
N PHE A 11 9.10 1.56 -1.75
CA PHE A 11 9.33 1.46 -0.30
C PHE A 11 8.74 2.69 0.40
N PHE A 12 8.97 3.87 -0.18
CA PHE A 12 8.48 5.13 0.37
C PHE A 12 6.96 5.08 0.51
N GLY A 13 6.29 4.56 -0.53
CA GLY A 13 4.84 4.44 -0.52
C GLY A 13 4.37 3.56 0.63
N LEU A 14 5.19 2.55 0.97
CA LEU A 14 4.88 1.62 2.04
C LEU A 14 4.70 2.38 3.35
N ALA A 15 5.57 3.37 3.59
CA ALA A 15 5.50 4.17 4.80
C ALA A 15 4.16 4.93 4.84
N LEU A 16 3.73 5.41 3.66
CA LEU A 16 2.45 6.12 3.54
C LEU A 16 1.30 5.19 3.92
N LEU A 17 1.37 3.94 3.43
CA LEU A 17 0.36 2.94 3.70
C LEU A 17 0.24 2.69 5.21
N SER A 18 1.37 2.70 5.91
CA SER A 18 1.39 2.49 7.35
C SER A 18 0.54 3.54 8.06
N LEU A 19 0.68 4.81 7.62
CA LEU A 19 -0.08 5.91 8.21
C LEU A 19 -1.59 5.70 8.01
N LEU A 20 -1.97 5.29 6.80
CA LEU A 20 -3.37 5.03 6.49
C LEU A 20 -3.91 3.85 7.30
N PHE A 21 -3.07 2.81 7.47
CA PHE A 21 -3.47 1.63 8.23
C PHE A 21 -3.64 1.98 9.72
N ILE A 22 -2.72 2.78 10.25
CA ILE A 22 -2.80 3.19 11.66
C ILE A 22 -4.03 4.08 11.88
N GLY A 23 -4.35 4.90 10.88
CA GLY A 23 -5.48 5.81 10.96
C GLY A 23 -6.78 5.04 11.24
N LEU A 24 -6.86 3.80 10.75
CA LEU A 24 -8.05 2.97 10.96
C LEU A 24 -8.28 2.75 12.46
N ALA A 25 -7.19 2.49 13.18
CA ALA A 25 -7.25 2.26 14.62
C ALA A 25 -7.76 3.50 15.36
N TYR A 26 -7.24 4.67 14.96
CA TYR A 26 -7.64 5.94 15.58
C TYR A 26 -9.11 6.25 15.30
N ARG A 27 -9.51 6.09 14.02
CA ARG A 27 -10.88 6.36 13.60
C ARG A 27 -11.87 5.44 14.33
N TYR A 28 -11.47 4.18 14.53
CA TYR A 28 -12.33 3.19 15.21
C TYR A 28 -12.18 3.27 16.74
N GLN A 29 -11.30 4.16 17.24
CA GLN A 29 -11.08 4.30 18.68
C GLN A 29 -10.62 5.73 19.01
N ARG A 30 -11.58 6.66 19.05
CA ARG A 30 -11.28 8.06 19.35
C ARG A 30 -10.61 8.18 20.73
N GLY B 1 16.87 -16.59 -13.15
CA GLY B 1 15.57 -16.79 -13.85
C GLY B 1 14.81 -15.46 -13.93
N THR B 2 14.03 -15.28 -14.99
CA THR B 2 13.26 -14.06 -15.19
C THR B 2 12.22 -13.89 -14.08
N THR B 3 12.13 -12.67 -13.53
CA THR B 3 11.16 -12.39 -12.45
C THR B 3 10.69 -10.93 -12.53
N VAL B 4 10.33 -10.51 -13.75
CA VAL B 4 9.85 -9.15 -13.98
C VAL B 4 8.47 -8.93 -13.35
N LEU B 5 7.66 -9.99 -13.30
CA LEU B 5 6.31 -9.92 -12.74
C LEU B 5 6.35 -9.66 -11.23
N LEU B 6 7.32 -10.25 -10.52
CA LEU B 6 7.42 -10.08 -9.07
C LEU B 6 7.40 -8.58 -8.69
N PRO B 7 8.31 -7.73 -9.18
CA PRO B 7 8.30 -6.27 -8.83
C PRO B 7 7.04 -5.54 -9.32
N LEU B 8 6.52 -5.95 -10.49
CA LEU B 8 5.35 -5.30 -11.09
C LEU B 8 4.13 -5.39 -10.17
N VAL B 9 3.88 -6.57 -9.60
CA VAL B 9 2.74 -6.77 -8.71
C VAL B 9 2.86 -5.89 -7.45
N ILE B 10 4.09 -5.71 -6.94
CA ILE B 10 4.27 -4.86 -5.75
C ILE B 10 3.86 -3.43 -6.09
N PHE B 11 4.29 -2.96 -7.26
CA PHE B 11 3.94 -1.62 -7.74
C PHE B 11 2.44 -1.53 -7.99
N PHE B 12 1.85 -2.62 -8.49
CA PHE B 12 0.41 -2.67 -8.79
C PHE B 12 -0.40 -2.35 -7.54
N GLY B 13 -0.01 -2.96 -6.40
CA GLY B 13 -0.72 -2.71 -5.14
C GLY B 13 -0.49 -1.27 -4.69
N LEU B 14 0.70 -0.75 -4.96
CA LEU B 14 1.05 0.62 -4.59
C LEU B 14 0.12 1.61 -5.32
N ALA B 15 -0.16 1.32 -6.59
CA ALA B 15 -1.04 2.17 -7.39
C ALA B 15 -2.44 2.22 -6.78
N LEU B 16 -2.90 1.08 -6.26
CA LEU B 16 -4.23 0.98 -5.67
C LEU B 16 -4.35 1.97 -4.49
N LEU B 17 -3.26 2.13 -3.73
CA LEU B 17 -3.25 3.05 -2.59
C LEU B 17 -3.55 4.48 -3.06
N SER B 18 -3.13 4.82 -4.28
CA SER B 18 -3.37 6.15 -4.83
C SER B 18 -4.86 6.45 -4.87
N LEU B 19 -5.65 5.50 -5.38
CA LEU B 19 -7.10 5.66 -5.47
C LEU B 19 -7.71 5.83 -4.07
N LEU B 20 -7.26 4.99 -3.13
CA LEU B 20 -7.76 5.05 -1.75
C LEU B 20 -7.44 6.43 -1.14
N PHE B 21 -6.26 6.97 -1.48
CA PHE B 21 -5.84 8.28 -0.98
C PHE B 21 -6.85 9.35 -1.39
N ILE B 22 -7.31 9.26 -2.65
CA ILE B 22 -8.30 10.21 -3.19
C ILE B 22 -9.63 10.07 -2.43
N GLY B 23 -10.01 8.83 -2.15
CA GLY B 23 -11.25 8.53 -1.45
C GLY B 23 -11.23 9.09 -0.02
N LEU B 24 -10.05 9.13 0.60
CA LEU B 24 -9.92 9.63 1.97
C LEU B 24 -10.37 11.09 2.06
N ALA B 25 -9.91 11.90 1.10
CA ALA B 25 -10.26 13.32 1.05
C ALA B 25 -11.73 13.49 0.67
N TYR B 26 -12.20 12.67 -0.25
CA TYR B 26 -13.59 12.73 -0.71
C TYR B 26 -14.57 12.40 0.43
N ARG B 27 -14.21 11.39 1.24
CA ARG B 27 -15.05 10.98 2.36
C ARG B 27 -15.24 12.09 3.40
N TYR B 28 -14.36 13.10 3.36
CA TYR B 28 -14.45 14.22 4.29
C TYR B 28 -15.42 15.29 3.77
N GLN B 29 -15.68 15.29 2.45
CA GLN B 29 -16.59 16.24 1.80
C GLN B 29 -16.44 17.67 2.37
N ARG B 30 -15.23 18.01 2.80
CA ARG B 30 -14.96 19.34 3.37
C ARG B 30 -15.91 19.63 4.54
N GLY C 1 21.53 -14.71 0.60
CA GLY C 1 20.46 -13.68 0.62
C GLY C 1 21.05 -12.33 1.05
N THR C 2 21.52 -11.55 0.07
CA THR C 2 22.12 -10.25 0.35
C THR C 2 21.08 -9.30 0.95
N THR C 3 19.90 -9.24 0.34
CA THR C 3 18.82 -8.37 0.81
C THR C 3 17.45 -8.98 0.45
N VAL C 4 17.29 -10.26 0.76
CA VAL C 4 16.04 -10.98 0.48
C VAL C 4 14.91 -10.49 1.40
N LEU C 5 15.26 -10.09 2.63
CA LEU C 5 14.30 -9.60 3.60
C LEU C 5 13.73 -8.25 3.18
N LEU C 6 14.53 -7.43 2.48
CA LEU C 6 14.08 -6.10 2.06
C LEU C 6 12.75 -6.19 1.27
N PRO C 7 12.67 -6.94 0.16
CA PRO C 7 11.40 -7.04 -0.63
C PRO C 7 10.25 -7.70 0.16
N LEU C 8 10.59 -8.67 1.01
CA LEU C 8 9.57 -9.41 1.79
C LEU C 8 8.76 -8.45 2.69
N VAL C 9 9.45 -7.55 3.38
CA VAL C 9 8.78 -6.60 4.26
C VAL C 9 7.88 -5.65 3.46
N ILE C 10 8.29 -5.26 2.24
CA ILE C 10 7.47 -4.36 1.42
C ILE C 10 6.16 -5.08 1.07
N PHE C 11 6.27 -6.36 0.67
CA PHE C 11 5.11 -7.18 0.35
C PHE C 11 4.20 -7.32 1.58
N PHE C 12 4.82 -7.44 2.76
CA PHE C 12 4.08 -7.60 4.01
C PHE C 12 3.12 -6.42 4.21
N GLY C 13 3.61 -5.21 3.96
CA GLY C 13 2.78 -4.01 4.09
C GLY C 13 1.66 -4.03 3.05
N LEU C 14 1.96 -4.59 1.87
CA LEU C 14 1.01 -4.69 0.78
C LEU C 14 -0.20 -5.53 1.18
N ALA C 15 0.06 -6.60 1.93
CA ALA C 15 -1.00 -7.52 2.38
C ALA C 15 -2.01 -6.79 3.26
N LEU C 16 -1.52 -5.88 4.12
CA LEU C 16 -2.38 -5.12 5.00
C LEU C 16 -3.41 -4.32 4.19
N LEU C 17 -2.95 -3.72 3.08
CA LEU C 17 -3.83 -2.94 2.21
C LEU C 17 -4.98 -3.81 1.69
N SER C 18 -4.72 -5.11 1.52
CA SER C 18 -5.75 -6.04 1.03
C SER C 18 -6.97 -6.00 1.95
N LEU C 19 -6.72 -6.01 3.26
CA LEU C 19 -7.80 -5.95 4.26
C LEU C 19 -8.51 -4.59 4.18
N LEU C 20 -7.72 -3.52 4.03
CA LEU C 20 -8.27 -2.17 3.93
C LEU C 20 -9.15 -2.03 2.70
N PHE C 21 -8.77 -2.70 1.60
CA PHE C 21 -9.56 -2.64 0.37
C PHE C 21 -10.90 -3.34 0.57
N ILE C 22 -10.88 -4.48 1.25
CA ILE C 22 -12.11 -5.23 1.53
C ILE C 22 -13.04 -4.39 2.42
N GLY C 23 -12.45 -3.64 3.34
CA GLY C 23 -13.22 -2.80 4.26
C GLY C 23 -14.11 -1.84 3.49
N LEU C 24 -13.64 -1.40 2.31
CA LEU C 24 -14.42 -0.47 1.47
C LEU C 24 -15.76 -1.10 1.12
N ALA C 25 -15.75 -2.38 0.78
CA ALA C 25 -16.95 -3.11 0.42
C ALA C 25 -17.93 -3.15 1.59
N TYR C 26 -17.40 -3.42 2.79
CA TYR C 26 -18.21 -3.50 4.00
C TYR C 26 -18.86 -2.14 4.30
N ARG C 27 -18.06 -1.07 4.19
CA ARG C 27 -18.54 0.28 4.45
C ARG C 27 -19.70 0.65 3.51
N TYR C 28 -19.83 -0.07 2.37
CA TYR C 28 -20.88 0.21 1.40
C TYR C 28 -22.20 -0.52 1.76
N GLN C 29 -22.17 -1.36 2.80
CA GLN C 29 -23.37 -2.09 3.23
C GLN C 29 -23.60 -1.91 4.74
N ARG C 30 -23.69 -0.65 5.17
CA ARG C 30 -23.91 -0.32 6.58
C ARG C 30 -22.84 -0.98 7.45
N GLY A 1 18.72 4.32 -17.20
CA GLY A 1 19.48 3.07 -16.91
C GLY A 1 19.42 2.77 -15.41
N THR A 2 20.20 3.51 -14.62
CA THR A 2 20.22 3.31 -13.17
C THR A 2 18.80 3.48 -12.60
N THR A 3 18.24 2.41 -12.04
CA THR A 3 16.90 2.46 -11.46
C THR A 3 16.96 2.38 -9.93
N VAL A 4 17.79 3.23 -9.34
CA VAL A 4 17.95 3.26 -7.88
C VAL A 4 16.69 3.83 -7.21
N LEU A 5 16.13 4.87 -7.83
CA LEU A 5 14.92 5.52 -7.32
C LEU A 5 13.69 4.62 -7.46
N LEU A 6 13.65 3.84 -8.55
CA LEU A 6 12.51 2.95 -8.81
C LEU A 6 12.08 2.17 -7.54
N PRO A 7 12.96 1.40 -6.89
CA PRO A 7 12.58 0.64 -5.64
C PRO A 7 12.21 1.54 -4.45
N LEU A 8 12.91 2.67 -4.30
CA LEU A 8 12.65 3.58 -3.17
C LEU A 8 11.22 4.11 -3.17
N VAL A 9 10.74 4.52 -4.33
CA VAL A 9 9.38 5.04 -4.44
C VAL A 9 8.34 3.96 -4.07
N ILE A 10 8.60 2.69 -4.41
CA ILE A 10 7.66 1.61 -4.07
C ILE A 10 7.51 1.51 -2.54
N PHE A 11 8.65 1.56 -1.84
CA PHE A 11 8.64 1.48 -0.37
C PHE A 11 7.95 2.72 0.21
N PHE A 12 8.15 3.87 -0.43
CA PHE A 12 7.57 5.15 0.01
C PHE A 12 6.04 5.06 0.10
N GLY A 13 5.44 4.43 -0.91
CA GLY A 13 3.97 4.30 -0.94
C GLY A 13 3.47 3.53 0.29
N LEU A 14 4.28 2.58 0.75
CA LEU A 14 3.93 1.76 1.90
C LEU A 14 3.92 2.59 3.20
N ALA A 15 4.78 3.62 3.26
CA ALA A 15 4.86 4.47 4.44
C ALA A 15 3.53 5.18 4.69
N LEU A 16 2.88 5.61 3.60
CA LEU A 16 1.61 6.32 3.70
C LEU A 16 0.56 5.46 4.41
N LEU A 17 0.59 4.14 4.16
CA LEU A 17 -0.36 3.21 4.80
C LEU A 17 -0.25 3.29 6.32
N SER A 18 0.98 3.51 6.83
CA SER A 18 1.20 3.59 8.28
C SER A 18 0.36 4.71 8.89
N LEU A 19 0.30 5.85 8.20
CA LEU A 19 -0.46 7.01 8.68
C LEU A 19 -1.95 6.66 8.79
N LEU A 20 -2.46 5.96 7.78
CA LEU A 20 -3.87 5.56 7.75
C LEU A 20 -4.15 4.46 8.78
N PHE A 21 -3.19 3.54 8.97
CA PHE A 21 -3.35 2.44 9.92
C PHE A 21 -3.32 2.93 11.36
N ILE A 22 -2.40 3.85 11.67
CA ILE A 22 -2.28 4.38 13.03
C ILE A 22 -3.49 5.26 13.39
N GLY A 23 -3.95 6.02 12.41
CA GLY A 23 -5.10 6.91 12.59
C GLY A 23 -6.41 6.11 12.70
N LEU A 24 -6.48 4.97 12.02
CA LEU A 24 -7.69 4.13 12.03
C LEU A 24 -8.00 3.65 13.44
N ALA A 25 -6.96 3.35 14.21
CA ALA A 25 -7.13 2.86 15.58
C ALA A 25 -7.81 3.90 16.47
N TYR A 26 -7.46 5.18 16.24
CA TYR A 26 -8.04 6.28 17.02
C TYR A 26 -9.55 6.31 16.84
N ARG A 27 -10.00 6.19 15.58
CA ARG A 27 -11.43 6.21 15.27
C ARG A 27 -12.11 4.87 15.59
N TYR A 28 -11.32 3.84 15.90
CA TYR A 28 -11.87 2.52 16.23
C TYR A 28 -12.22 2.43 17.73
N GLN A 29 -11.66 3.33 18.54
CA GLN A 29 -11.91 3.34 19.98
C GLN A 29 -11.67 4.74 20.57
N ARG A 30 -12.08 5.77 19.81
CA ARG A 30 -11.93 7.17 20.22
C ARG A 30 -10.44 7.50 20.45
N GLY B 1 12.05 -18.40 -18.10
CA GLY B 1 11.29 -17.20 -18.56
C GLY B 1 11.83 -15.95 -17.86
N THR B 2 10.92 -15.10 -17.38
CA THR B 2 11.31 -13.86 -16.69
C THR B 2 10.32 -13.56 -15.56
N THR B 3 10.83 -12.99 -14.46
CA THR B 3 9.98 -12.65 -13.32
C THR B 3 9.60 -11.16 -13.34
N VAL B 4 9.12 -10.72 -14.50
CA VAL B 4 8.67 -9.33 -14.68
C VAL B 4 7.39 -9.07 -13.89
N LEU B 5 6.54 -10.10 -13.77
CA LEU B 5 5.28 -10.00 -13.05
C LEU B 5 5.49 -9.70 -11.55
N LEU B 6 6.50 -10.33 -10.94
CA LEU B 6 6.76 -10.14 -9.50
C LEU B 6 6.82 -8.63 -9.14
N PRO B 7 7.69 -7.83 -9.75
CA PRO B 7 7.78 -6.36 -9.44
C PRO B 7 6.51 -5.60 -9.83
N LEU B 8 5.93 -5.98 -10.98
CA LEU B 8 4.74 -5.32 -11.50
C LEU B 8 3.56 -5.41 -10.52
N VAL B 9 3.34 -6.59 -9.93
CA VAL B 9 2.23 -6.77 -9.00
C VAL B 9 2.45 -5.94 -7.73
N ILE B 10 3.71 -5.80 -7.26
CA ILE B 10 4.00 -5.00 -6.07
C ILE B 10 3.68 -3.53 -6.37
N PHE B 11 4.12 -3.07 -7.55
CA PHE B 11 3.87 -1.70 -7.99
C PHE B 11 2.37 -1.48 -8.24
N PHE B 12 1.69 -2.52 -8.76
CA PHE B 12 0.27 -2.45 -9.05
C PHE B 12 -0.51 -2.10 -7.79
N GLY B 13 -0.15 -2.74 -6.67
CA GLY B 13 -0.80 -2.48 -5.40
C GLY B 13 -0.55 -1.03 -4.97
N LEU B 14 0.63 -0.50 -5.32
CA LEU B 14 1.01 0.87 -4.99
C LEU B 14 0.00 1.85 -5.59
N ALA B 15 -0.40 1.58 -6.85
CA ALA B 15 -1.38 2.42 -7.54
C ALA B 15 -2.72 2.40 -6.77
N LEU B 16 -3.06 1.21 -6.26
CA LEU B 16 -4.29 1.04 -5.49
C LEU B 16 -4.27 1.93 -4.25
N LEU B 17 -3.10 2.02 -3.61
CA LEU B 17 -2.91 2.83 -2.41
C LEU B 17 -3.08 4.30 -2.75
N SER B 18 -2.50 4.72 -3.89
CA SER B 18 -2.59 6.11 -4.33
C SER B 18 -4.05 6.46 -4.62
N LEU B 19 -4.75 5.55 -5.31
CA LEU B 19 -6.16 5.76 -5.65
C LEU B 19 -7.01 5.78 -4.38
N LEU B 20 -6.70 4.87 -3.44
CA LEU B 20 -7.42 4.78 -2.18
C LEU B 20 -7.25 6.08 -1.36
N PHE B 21 -6.07 6.69 -1.46
CA PHE B 21 -5.79 7.93 -0.73
C PHE B 21 -6.61 9.09 -1.30
N ILE B 22 -6.73 9.14 -2.63
CA ILE B 22 -7.50 10.20 -3.30
C ILE B 22 -8.99 10.02 -2.93
N GLY B 23 -9.45 8.77 -2.94
CA GLY B 23 -10.84 8.45 -2.62
C GLY B 23 -11.21 8.90 -1.21
N LEU B 24 -10.24 8.88 -0.29
CA LEU B 24 -10.49 9.27 1.11
C LEU B 24 -10.99 10.71 1.18
N ALA B 25 -10.31 11.60 0.45
CA ALA B 25 -10.69 13.00 0.42
C ALA B 25 -12.10 13.18 -0.17
N TYR B 26 -12.42 12.39 -1.19
CA TYR B 26 -13.73 12.46 -1.83
C TYR B 26 -14.83 12.14 -0.81
N ARG B 27 -14.61 11.08 -0.03
CA ARG B 27 -15.56 10.65 0.99
C ARG B 27 -15.59 11.64 2.17
N TYR B 28 -14.43 12.26 2.45
CA TYR B 28 -14.33 13.23 3.55
C TYR B 28 -14.74 14.64 3.08
N GLN B 29 -14.94 14.82 1.76
CA GLN B 29 -15.35 16.12 1.20
C GLN B 29 -14.47 17.27 1.75
N ARG B 30 -13.26 16.95 2.23
CA ARG B 30 -12.34 17.93 2.79
C ARG B 30 -12.92 18.57 4.06
N GLY C 1 24.73 -12.99 1.63
CA GLY C 1 23.88 -11.77 1.76
C GLY C 1 22.79 -12.03 2.81
N THR C 2 22.64 -11.09 3.75
CA THR C 2 21.63 -11.22 4.82
C THR C 2 20.56 -10.12 4.72
N THR C 3 20.36 -9.57 3.53
CA THR C 3 19.35 -8.52 3.32
C THR C 3 18.21 -9.01 2.41
N VAL C 4 17.96 -10.30 2.46
CA VAL C 4 16.89 -10.93 1.66
C VAL C 4 15.50 -10.53 2.20
N LEU C 5 15.43 -10.23 3.51
CA LEU C 5 14.18 -9.85 4.16
C LEU C 5 13.69 -8.47 3.69
N LEU C 6 14.62 -7.56 3.39
CA LEU C 6 14.25 -6.21 2.95
C LEU C 6 13.15 -6.24 1.86
N PRO C 7 13.35 -6.90 0.71
CA PRO C 7 12.29 -6.98 -0.35
C PRO C 7 11.03 -7.72 0.08
N LEU C 8 11.22 -8.85 0.78
CA LEU C 8 10.10 -9.68 1.22
C LEU C 8 9.10 -8.90 2.08
N VAL C 9 9.61 -8.11 3.03
CA VAL C 9 8.74 -7.32 3.91
C VAL C 9 7.90 -6.34 3.09
N ILE C 10 8.45 -5.77 2.00
CA ILE C 10 7.68 -4.83 1.17
C ILE C 10 6.47 -5.56 0.59
N PHE C 11 6.68 -6.77 0.07
CA PHE C 11 5.60 -7.58 -0.48
C PHE C 11 4.57 -7.87 0.62
N PHE C 12 5.04 -8.17 1.82
CA PHE C 12 4.17 -8.47 2.97
C PHE C 12 3.24 -7.28 3.24
N GLY C 13 3.77 -6.07 3.07
CA GLY C 13 2.98 -4.85 3.28
C GLY C 13 1.78 -4.82 2.34
N LEU C 14 1.97 -5.36 1.13
CA LEU C 14 0.91 -5.41 0.11
C LEU C 14 -0.32 -6.15 0.65
N ALA C 15 -0.08 -7.22 1.41
CA ALA C 15 -1.16 -8.02 1.97
C ALA C 15 -2.04 -7.19 2.90
N LEU C 16 -1.41 -6.30 3.69
CA LEU C 16 -2.12 -5.45 4.62
C LEU C 16 -3.09 -4.53 3.86
N LEU C 17 -2.61 -3.89 2.80
CA LEU C 17 -3.44 -3.00 1.99
C LEU C 17 -4.66 -3.75 1.44
N SER C 18 -4.45 -5.01 1.04
CA SER C 18 -5.51 -5.84 0.50
C SER C 18 -6.65 -6.01 1.52
N LEU C 19 -6.28 -6.20 2.79
CA LEU C 19 -7.26 -6.36 3.87
C LEU C 19 -8.09 -5.08 4.03
N LEU C 20 -7.40 -3.94 3.99
CA LEU C 20 -8.06 -2.63 4.14
C LEU C 20 -8.91 -2.30 2.91
N PHE C 21 -8.44 -2.72 1.72
CA PHE C 21 -9.15 -2.44 0.47
C PHE C 21 -10.45 -3.23 0.37
N ILE C 22 -10.41 -4.51 0.76
CA ILE C 22 -11.59 -5.36 0.69
C ILE C 22 -12.64 -4.92 1.72
N GLY C 23 -12.17 -4.47 2.89
CA GLY C 23 -13.05 -4.02 3.96
C GLY C 23 -13.80 -2.74 3.57
N LEU C 24 -13.17 -1.90 2.75
CA LEU C 24 -13.80 -0.64 2.34
C LEU C 24 -15.14 -0.90 1.65
N ALA C 25 -15.18 -1.94 0.83
CA ALA C 25 -16.40 -2.32 0.10
C ALA C 25 -17.54 -2.59 1.07
N TYR C 26 -17.24 -3.19 2.22
CA TYR C 26 -18.25 -3.49 3.23
C TYR C 26 -18.91 -2.19 3.71
N ARG C 27 -18.08 -1.17 3.96
CA ARG C 27 -18.57 0.13 4.42
C ARG C 27 -19.43 0.83 3.34
N TYR C 28 -19.18 0.49 2.07
CA TYR C 28 -19.93 1.09 0.96
C TYR C 28 -21.25 0.34 0.70
N GLN C 29 -21.52 -0.74 1.46
CA GLN C 29 -22.74 -1.53 1.29
C GLN C 29 -23.49 -1.67 2.63
N ARG C 30 -23.25 -0.75 3.57
CA ARG C 30 -23.89 -0.78 4.88
C ARG C 30 -23.62 -2.11 5.59
N GLY A 1 20.92 6.85 -12.18
CA GLY A 1 21.43 5.58 -11.61
C GLY A 1 20.92 4.40 -12.45
N THR A 2 20.71 3.24 -11.81
CA THR A 2 20.23 2.05 -12.50
C THR A 2 18.92 1.55 -11.88
N THR A 3 17.80 1.98 -12.47
CA THR A 3 16.46 1.59 -12.01
C THR A 3 16.33 1.72 -10.48
N VAL A 4 17.06 2.68 -9.92
CA VAL A 4 17.03 2.93 -8.47
C VAL A 4 15.69 3.57 -8.05
N LEU A 5 15.06 4.31 -8.97
CA LEU A 5 13.79 4.97 -8.69
C LEU A 5 12.65 3.97 -8.45
N LEU A 6 12.61 2.89 -9.24
CA LEU A 6 11.54 1.89 -9.10
C LEU A 6 11.43 1.40 -7.63
N PRO A 7 12.48 0.86 -7.02
CA PRO A 7 12.40 0.37 -5.60
C PRO A 7 12.14 1.49 -4.59
N LEU A 8 12.63 2.69 -4.88
CA LEU A 8 12.48 3.83 -3.97
C LEU A 8 11.04 4.30 -3.90
N VAL A 9 10.37 4.42 -5.06
CA VAL A 9 9.00 4.89 -5.10
C VAL A 9 8.04 3.88 -4.42
N ILE A 10 8.28 2.56 -4.56
CA ILE A 10 7.43 1.57 -3.95
C ILE A 10 7.59 1.59 -2.42
N PHE A 11 8.82 1.79 -1.95
CA PHE A 11 9.10 1.85 -0.52
C PHE A 11 8.49 3.11 0.09
N PHE A 12 8.60 4.23 -0.63
CA PHE A 12 8.06 5.52 -0.18
C PHE A 12 6.55 5.41 0.06
N GLY A 13 5.85 4.64 -0.79
CA GLY A 13 4.40 4.45 -0.64
C GLY A 13 4.10 3.68 0.64
N LEU A 14 5.00 2.75 0.99
CA LEU A 14 4.85 1.93 2.18
C LEU A 14 4.76 2.79 3.44
N ALA A 15 5.52 3.89 3.48
CA ALA A 15 5.53 4.77 4.64
C ALA A 15 4.14 5.38 4.87
N LEU A 16 3.45 5.74 3.78
CA LEU A 16 2.13 6.31 3.86
C LEU A 16 1.13 5.28 4.43
N LEU A 17 1.28 4.03 4.00
CA LEU A 17 0.40 2.95 4.46
C LEU A 17 0.47 2.80 5.98
N SER A 18 1.68 2.94 6.53
CA SER A 18 1.87 2.83 7.98
C SER A 18 1.03 3.87 8.71
N LEU A 19 1.00 5.09 8.17
CA LEU A 19 0.22 6.18 8.77
C LEU A 19 -1.28 5.85 8.74
N LEU A 20 -1.76 5.32 7.61
CA LEU A 20 -3.17 4.96 7.47
C LEU A 20 -3.54 3.81 8.41
N PHE A 21 -2.61 2.84 8.57
CA PHE A 21 -2.85 1.69 9.43
C PHE A 21 -3.10 2.15 10.88
N ILE A 22 -2.32 3.13 11.36
CA ILE A 22 -2.48 3.64 12.72
C ILE A 22 -3.86 4.32 12.84
N GLY A 23 -4.26 5.04 11.79
CA GLY A 23 -5.55 5.74 11.78
C GLY A 23 -6.72 4.76 11.95
N LEU A 24 -6.56 3.54 11.45
CA LEU A 24 -7.61 2.52 11.56
C LEU A 24 -7.99 2.27 13.01
N ALA A 25 -6.97 2.13 13.86
CA ALA A 25 -7.19 1.88 15.29
C ALA A 25 -7.88 3.08 15.96
N TYR A 26 -7.51 4.29 15.53
CA TYR A 26 -8.09 5.51 16.08
C TYR A 26 -9.59 5.59 15.78
N ARG A 27 -9.97 5.14 14.58
CA ARG A 27 -11.37 5.16 14.17
C ARG A 27 -12.23 4.29 15.09
N TYR A 28 -11.68 3.16 15.54
CA TYR A 28 -12.41 2.24 16.43
C TYR A 28 -12.25 2.64 17.91
N GLN A 29 -11.60 3.79 18.18
CA GLN A 29 -11.40 4.25 19.55
C GLN A 29 -12.73 4.30 20.31
N ARG A 30 -13.82 4.58 19.59
CA ARG A 30 -15.16 4.67 20.18
C ARG A 30 -15.23 5.80 21.22
N GLY B 1 8.83 -11.70 -20.32
CA GLY B 1 9.73 -11.27 -19.22
C GLY B 1 9.89 -12.40 -18.20
N THR B 2 10.97 -12.36 -17.42
CA THR B 2 11.24 -13.38 -16.40
C THR B 2 10.83 -12.88 -15.02
N THR B 3 9.82 -13.53 -14.43
CA THR B 3 9.32 -13.16 -13.10
C THR B 3 8.97 -11.66 -13.06
N VAL B 4 8.48 -11.16 -14.18
CA VAL B 4 8.08 -9.75 -14.29
C VAL B 4 6.79 -9.49 -13.48
N LEU B 5 6.01 -10.54 -13.23
CA LEU B 5 4.76 -10.43 -12.50
C LEU B 5 4.99 -10.11 -11.01
N LEU B 6 6.00 -10.72 -10.39
CA LEU B 6 6.26 -10.49 -8.96
C LEU B 6 6.41 -8.97 -8.67
N PRO B 7 7.33 -8.25 -9.31
CA PRO B 7 7.49 -6.78 -9.06
C PRO B 7 6.25 -5.97 -9.47
N LEU B 8 5.64 -6.38 -10.58
CA LEU B 8 4.46 -5.69 -11.12
C LEU B 8 3.30 -5.66 -10.13
N VAL B 9 3.01 -6.80 -9.50
CA VAL B 9 1.91 -6.86 -8.53
C VAL B 9 2.20 -5.98 -7.32
N ILE B 10 3.47 -5.91 -6.88
CA ILE B 10 3.83 -5.07 -5.73
C ILE B 10 3.60 -3.60 -6.08
N PHE B 11 4.03 -3.20 -7.28
CA PHE B 11 3.85 -1.83 -7.75
C PHE B 11 2.36 -1.56 -8.00
N PHE B 12 1.66 -2.58 -8.51
CA PHE B 12 0.23 -2.47 -8.81
C PHE B 12 -0.55 -2.08 -7.56
N GLY B 13 -0.24 -2.73 -6.44
CA GLY B 13 -0.93 -2.43 -5.17
C GLY B 13 -0.68 -0.98 -4.77
N LEU B 14 0.53 -0.49 -5.09
CA LEU B 14 0.92 0.88 -4.78
C LEU B 14 -0.02 1.89 -5.45
N ALA B 15 -0.39 1.61 -6.70
CA ALA B 15 -1.28 2.50 -7.45
C ALA B 15 -2.64 2.62 -6.76
N LEU B 16 -3.14 1.49 -6.22
CA LEU B 16 -4.43 1.47 -5.53
C LEU B 16 -4.37 2.39 -4.30
N LEU B 17 -3.25 2.35 -3.58
CA LEU B 17 -3.06 3.19 -2.39
C LEU B 17 -3.19 4.66 -2.75
N SER B 18 -2.59 5.06 -3.87
CA SER B 18 -2.64 6.45 -4.32
C SER B 18 -4.09 6.85 -4.63
N LEU B 19 -4.81 5.96 -5.29
CA LEU B 19 -6.21 6.21 -5.65
C LEU B 19 -7.09 6.30 -4.39
N LEU B 20 -6.82 5.42 -3.42
CA LEU B 20 -7.58 5.39 -2.17
C LEU B 20 -7.25 6.61 -1.29
N PHE B 21 -5.99 7.07 -1.31
CA PHE B 21 -5.58 8.21 -0.50
C PHE B 21 -6.19 9.52 -1.02
N ILE B 22 -6.18 9.69 -2.34
CA ILE B 22 -6.72 10.90 -2.96
C ILE B 22 -8.25 10.95 -2.82
N GLY B 23 -8.87 9.78 -2.94
CA GLY B 23 -10.32 9.66 -2.84
C GLY B 23 -10.81 9.84 -1.40
N LEU B 24 -9.98 9.43 -0.43
CA LEU B 24 -10.35 9.54 0.99
C LEU B 24 -10.57 11.00 1.38
N ALA B 25 -9.71 11.87 0.88
CA ALA B 25 -9.80 13.29 1.19
C ALA B 25 -11.09 13.89 0.65
N TYR B 26 -11.47 13.50 -0.57
CA TYR B 26 -12.68 13.99 -1.22
C TYR B 26 -13.91 13.57 -0.42
N ARG B 27 -13.96 12.29 -0.05
CA ARG B 27 -15.07 11.74 0.73
C ARG B 27 -15.24 12.48 2.05
N TYR B 28 -14.10 12.85 2.68
CA TYR B 28 -14.12 13.55 3.96
C TYR B 28 -14.25 15.08 3.76
N GLN B 29 -14.43 15.53 2.51
CA GLN B 29 -14.56 16.96 2.21
C GLN B 29 -15.59 17.18 1.09
N ARG B 30 -16.69 16.41 1.16
CA ARG B 30 -17.77 16.51 0.17
C ARG B 30 -18.24 17.96 0.03
N GLY C 1 24.70 -10.39 5.74
CA GLY C 1 24.80 -9.56 4.50
C GLY C 1 23.49 -9.67 3.71
N THR C 2 23.46 -9.04 2.53
CA THR C 2 22.28 -9.06 1.64
C THR C 2 20.96 -8.91 2.41
N THR C 3 20.43 -7.69 2.43
CA THR C 3 19.17 -7.39 3.11
C THR C 3 17.98 -8.02 2.38
N VAL C 4 17.87 -9.34 2.48
CA VAL C 4 16.78 -10.09 1.86
C VAL C 4 15.43 -9.68 2.49
N LEU C 5 15.49 -9.21 3.74
CA LEU C 5 14.30 -8.78 4.48
C LEU C 5 13.72 -7.49 3.88
N LEU C 6 14.61 -6.60 3.39
CA LEU C 6 14.16 -5.32 2.81
C LEU C 6 12.98 -5.52 1.83
N PRO C 7 13.10 -6.33 0.78
CA PRO C 7 11.97 -6.58 -0.18
C PRO C 7 10.76 -7.26 0.47
N LEU C 8 11.03 -8.22 1.37
CA LEU C 8 9.97 -8.97 2.02
C LEU C 8 9.02 -8.06 2.80
N VAL C 9 9.57 -7.11 3.57
CA VAL C 9 8.75 -6.19 4.36
C VAL C 9 7.90 -5.31 3.43
N ILE C 10 8.45 -4.90 2.27
CA ILE C 10 7.68 -4.07 1.33
C ILE C 10 6.46 -4.86 0.86
N PHE C 11 6.69 -6.13 0.49
CA PHE C 11 5.63 -7.02 0.04
C PHE C 11 4.63 -7.27 1.19
N PHE C 12 5.16 -7.37 2.42
CA PHE C 12 4.33 -7.61 3.60
C PHE C 12 3.29 -6.50 3.76
N GLY C 13 3.73 -5.25 3.59
CA GLY C 13 2.82 -4.10 3.72
C GLY C 13 1.70 -4.20 2.68
N LEU C 14 2.04 -4.76 1.52
CA LEU C 14 1.08 -4.92 0.44
C LEU C 14 -0.10 -5.79 0.89
N ALA C 15 0.20 -6.83 1.66
CA ALA C 15 -0.84 -7.74 2.16
C ALA C 15 -1.84 -7.00 3.05
N LEU C 16 -1.34 -6.07 3.88
CA LEU C 16 -2.17 -5.30 4.77
C LEU C 16 -3.19 -4.47 3.98
N LEU C 17 -2.73 -3.90 2.84
CA LEU C 17 -3.60 -3.10 2.00
C LEU C 17 -4.77 -3.93 1.48
N SER C 18 -4.51 -5.22 1.21
CA SER C 18 -5.56 -6.11 0.72
C SER C 18 -6.72 -6.15 1.72
N LEU C 19 -6.38 -6.30 3.00
CA LEU C 19 -7.39 -6.35 4.06
C LEU C 19 -8.18 -5.04 4.09
N LEU C 20 -7.46 -3.91 3.94
CA LEU C 20 -8.10 -2.59 3.96
C LEU C 20 -9.03 -2.43 2.75
N PHE C 21 -8.63 -2.99 1.60
CA PHE C 21 -9.43 -2.90 0.38
C PHE C 21 -10.71 -3.75 0.49
N ILE C 22 -10.57 -4.96 1.06
CA ILE C 22 -11.72 -5.86 1.22
C ILE C 22 -12.76 -5.23 2.15
N GLY C 23 -12.29 -4.59 3.22
CA GLY C 23 -13.17 -3.95 4.19
C GLY C 23 -13.98 -2.81 3.57
N LEU C 24 -13.38 -2.12 2.59
CA LEU C 24 -14.05 -1.00 1.93
C LEU C 24 -15.33 -1.43 1.20
N ALA C 25 -15.30 -2.65 0.66
CA ALA C 25 -16.45 -3.19 -0.07
C ALA C 25 -17.69 -3.30 0.84
N TYR C 26 -17.46 -3.64 2.10
CA TYR C 26 -18.55 -3.81 3.06
C TYR C 26 -19.34 -2.50 3.20
N ARG C 27 -18.61 -1.38 3.31
CA ARG C 27 -19.24 -0.06 3.44
C ARG C 27 -20.04 0.29 2.18
N TYR C 28 -19.57 -0.20 1.02
CA TYR C 28 -20.24 0.05 -0.26
C TYR C 28 -21.36 -0.99 -0.51
N GLN C 29 -21.42 -2.03 0.33
CA GLN C 29 -22.44 -3.08 0.18
C GLN C 29 -22.53 -3.92 1.47
N ARG C 30 -23.37 -3.48 2.41
CA ARG C 30 -23.55 -4.18 3.68
C ARG C 30 -23.77 -5.67 3.46
N GLY A 1 22.95 4.14 -13.08
CA GLY A 1 23.04 2.90 -13.90
C GLY A 1 22.01 1.88 -13.41
N THR A 2 22.11 1.48 -12.14
CA THR A 2 21.19 0.51 -11.56
C THR A 2 19.81 1.16 -11.31
N THR A 3 18.82 0.33 -11.00
CA THR A 3 17.45 0.81 -10.75
C THR A 3 17.19 0.96 -9.25
N VAL A 4 18.00 1.80 -8.59
CA VAL A 4 17.85 2.04 -7.15
C VAL A 4 16.57 2.85 -6.87
N LEU A 5 16.23 3.75 -7.79
CA LEU A 5 15.06 4.60 -7.66
C LEU A 5 13.76 3.80 -7.73
N LEU A 6 13.75 2.72 -8.53
CA LEU A 6 12.53 1.91 -8.68
C LEU A 6 12.01 1.45 -7.30
N PRO A 7 12.78 0.75 -6.47
CA PRO A 7 12.31 0.31 -5.12
C PRO A 7 12.00 1.48 -4.17
N LEU A 8 12.76 2.57 -4.33
CA LEU A 8 12.58 3.75 -3.46
C LEU A 8 11.17 4.34 -3.60
N VAL A 9 10.69 4.47 -4.84
CA VAL A 9 9.36 5.02 -5.09
C VAL A 9 8.28 4.04 -4.58
N ILE A 10 8.53 2.74 -4.72
CA ILE A 10 7.56 1.73 -4.25
C ILE A 10 7.50 1.76 -2.72
N PHE A 11 8.67 1.86 -2.08
CA PHE A 11 8.76 1.93 -0.62
C PHE A 11 8.05 3.18 -0.10
N PHE A 12 8.16 4.28 -0.84
CA PHE A 12 7.55 5.55 -0.45
C PHE A 12 6.05 5.38 -0.28
N GLY A 13 5.43 4.65 -1.22
CA GLY A 13 3.99 4.39 -1.15
C GLY A 13 3.67 3.55 0.09
N LEU A 14 4.60 2.65 0.43
CA LEU A 14 4.45 1.78 1.60
C LEU A 14 4.31 2.61 2.88
N ALA A 15 5.09 3.70 2.95
CA ALA A 15 5.07 4.57 4.12
C ALA A 15 3.69 5.19 4.33
N LEU A 16 3.03 5.56 3.23
CA LEU A 16 1.70 6.15 3.27
C LEU A 16 0.71 5.18 3.94
N LEU A 17 0.88 3.88 3.70
CA LEU A 17 0.01 2.85 4.29
C LEU A 17 0.03 2.93 5.81
N SER A 18 1.20 3.23 6.38
CA SER A 18 1.34 3.34 7.84
C SER A 18 0.39 4.39 8.40
N LEU A 19 0.31 5.55 7.73
CA LEU A 19 -0.57 6.63 8.17
C LEU A 19 -2.04 6.16 8.14
N LEU A 20 -2.40 5.45 7.06
CA LEU A 20 -3.76 4.94 6.89
C LEU A 20 -4.06 3.86 7.95
N PHE A 21 -3.05 3.05 8.27
CA PHE A 21 -3.20 1.99 9.27
C PHE A 21 -3.43 2.61 10.65
N ILE A 22 -2.68 3.68 10.96
CA ILE A 22 -2.82 4.35 12.25
C ILE A 22 -4.23 4.95 12.38
N GLY A 23 -4.77 5.45 11.26
CA GLY A 23 -6.11 6.04 11.26
C GLY A 23 -7.14 5.04 11.79
N LEU A 24 -6.90 3.75 11.54
CA LEU A 24 -7.82 2.69 12.01
C LEU A 24 -7.95 2.74 13.54
N ALA A 25 -6.83 3.03 14.21
CA ALA A 25 -6.80 3.11 15.67
C ALA A 25 -7.79 4.15 16.20
N TYR A 26 -7.94 5.25 15.45
CA TYR A 26 -8.86 6.32 15.85
C TYR A 26 -10.29 5.80 15.94
N ARG A 27 -10.71 5.06 14.91
CA ARG A 27 -12.06 4.49 14.87
C ARG A 27 -12.27 3.47 16.00
N TYR A 28 -11.23 2.70 16.29
CA TYR A 28 -11.29 1.68 17.35
C TYR A 28 -10.97 2.27 18.74
N GLN A 29 -10.77 3.60 18.82
CA GLN A 29 -10.47 4.26 20.08
C GLN A 29 -10.85 5.75 19.99
N ARG A 30 -12.14 6.04 20.21
CA ARG A 30 -12.64 7.41 20.14
C ARG A 30 -12.05 8.28 21.26
N GLY B 1 11.19 -14.72 -15.34
CA GLY B 1 12.60 -15.17 -15.17
C GLY B 1 12.91 -15.31 -13.68
N THR B 2 13.57 -14.28 -13.13
CA THR B 2 13.93 -14.29 -11.70
C THR B 2 12.94 -13.41 -10.91
N THR B 3 11.79 -14.00 -10.57
CA THR B 3 10.75 -13.28 -9.81
C THR B 3 10.47 -11.91 -10.43
N VAL B 4 10.25 -11.89 -11.74
CA VAL B 4 9.95 -10.67 -12.48
C VAL B 4 8.55 -10.14 -12.09
N LEU B 5 7.61 -11.06 -11.87
CA LEU B 5 6.25 -10.70 -11.50
C LEU B 5 6.18 -10.10 -10.10
N LEU B 6 7.05 -10.58 -9.19
CA LEU B 6 7.05 -10.10 -7.80
C LEU B 6 7.05 -8.55 -7.74
N PRO B 7 8.01 -7.85 -8.35
CA PRO B 7 8.04 -6.35 -8.33
C PRO B 7 6.85 -5.70 -9.04
N LEU B 8 6.30 -6.39 -10.04
CA LEU B 8 5.18 -5.86 -10.82
C LEU B 8 3.89 -5.82 -9.98
N VAL B 9 3.61 -6.91 -9.27
CA VAL B 9 2.40 -7.00 -8.45
C VAL B 9 2.43 -5.99 -7.30
N ILE B 10 3.61 -5.73 -6.69
CA ILE B 10 3.69 -4.78 -5.60
C ILE B 10 3.47 -3.35 -6.11
N PHE B 11 3.99 -3.05 -7.31
CA PHE B 11 3.84 -1.74 -7.93
C PHE B 11 2.36 -1.47 -8.23
N PHE B 12 1.69 -2.48 -8.79
CA PHE B 12 0.26 -2.37 -9.13
C PHE B 12 -0.54 -2.06 -7.87
N GLY B 13 -0.24 -2.77 -6.79
CA GLY B 13 -0.91 -2.56 -5.50
C GLY B 13 -0.71 -1.12 -5.02
N LEU B 14 0.45 -0.56 -5.33
CA LEU B 14 0.78 0.81 -4.94
C LEU B 14 -0.25 1.79 -5.51
N ALA B 15 -0.64 1.56 -6.77
CA ALA B 15 -1.61 2.42 -7.45
C ALA B 15 -2.96 2.42 -6.71
N LEU B 16 -3.37 1.25 -6.21
CA LEU B 16 -4.62 1.12 -5.50
C LEU B 16 -4.64 2.02 -4.26
N LEU B 17 -3.49 2.13 -3.58
CA LEU B 17 -3.38 2.99 -2.40
C LEU B 17 -3.66 4.44 -2.77
N SER B 18 -3.18 4.86 -3.95
CA SER B 18 -3.38 6.23 -4.42
C SER B 18 -4.88 6.54 -4.50
N LEU B 19 -5.66 5.63 -5.09
CA LEU B 19 -7.10 5.82 -5.23
C LEU B 19 -7.75 5.99 -3.85
N LEU B 20 -7.35 5.15 -2.89
CA LEU B 20 -7.89 5.22 -1.54
C LEU B 20 -7.48 6.52 -0.84
N PHE B 21 -6.23 6.95 -1.07
CA PHE B 21 -5.73 8.18 -0.46
C PHE B 21 -6.45 9.41 -0.99
N ILE B 22 -6.68 9.44 -2.32
CA ILE B 22 -7.37 10.57 -2.95
C ILE B 22 -8.83 10.62 -2.44
N GLY B 23 -9.46 9.46 -2.35
CA GLY B 23 -10.84 9.36 -1.89
C GLY B 23 -11.00 9.94 -0.47
N LEU B 24 -9.94 9.83 0.34
CA LEU B 24 -9.98 10.33 1.71
C LEU B 24 -10.29 11.83 1.72
N ALA B 25 -9.65 12.56 0.82
CA ALA B 25 -9.86 14.00 0.71
C ALA B 25 -11.30 14.31 0.29
N TYR B 26 -11.85 13.48 -0.60
CA TYR B 26 -13.23 13.67 -1.07
C TYR B 26 -14.21 13.59 0.09
N ARG B 27 -13.99 12.62 0.98
CA ARG B 27 -14.84 12.42 2.14
C ARG B 27 -14.85 13.67 3.02
N TYR B 28 -13.67 14.26 3.22
CA TYR B 28 -13.53 15.47 4.04
C TYR B 28 -13.79 16.76 3.23
N GLN B 29 -14.18 16.61 1.94
CA GLN B 29 -14.44 17.76 1.09
C GLN B 29 -15.96 17.98 0.95
N ARG B 30 -16.62 18.15 2.09
CA ARG B 30 -18.07 18.38 2.12
C ARG B 30 -18.45 19.56 1.21
N GLY C 1 25.91 -7.53 -2.87
CA GLY C 1 25.10 -7.19 -1.67
C GLY C 1 23.67 -7.69 -1.87
N THR C 2 23.41 -8.92 -1.44
CA THR C 2 22.08 -9.52 -1.58
C THR C 2 21.05 -8.80 -0.69
N THR C 3 19.98 -8.30 -1.30
CA THR C 3 18.93 -7.60 -0.57
C THR C 3 17.56 -8.24 -0.83
N VAL C 4 17.48 -9.54 -0.56
CA VAL C 4 16.24 -10.30 -0.75
C VAL C 4 15.19 -9.88 0.30
N LEU C 5 15.66 -9.52 1.50
CA LEU C 5 14.78 -9.10 2.59
C LEU C 5 14.08 -7.77 2.25
N LEU C 6 14.80 -6.85 1.61
CA LEU C 6 14.23 -5.54 1.27
C LEU C 6 12.85 -5.68 0.57
N PRO C 7 12.73 -6.40 -0.55
CA PRO C 7 11.40 -6.57 -1.24
C PRO C 7 10.38 -7.34 -0.39
N LEU C 8 10.86 -8.31 0.39
CA LEU C 8 9.98 -9.14 1.23
C LEU C 8 9.22 -8.29 2.25
N VAL C 9 9.93 -7.38 2.93
CA VAL C 9 9.30 -6.52 3.93
C VAL C 9 8.31 -5.55 3.26
N ILE C 10 8.65 -5.06 2.05
CA ILE C 10 7.76 -4.15 1.33
C ILE C 10 6.50 -4.91 0.88
N PHE C 11 6.69 -6.14 0.41
CA PHE C 11 5.57 -6.98 -0.04
C PHE C 11 4.62 -7.27 1.12
N PHE C 12 5.18 -7.46 2.32
CA PHE C 12 4.39 -7.75 3.52
C PHE C 12 3.37 -6.64 3.75
N GLY C 13 3.82 -5.39 3.61
CA GLY C 13 2.94 -4.22 3.80
C GLY C 13 1.79 -4.27 2.80
N LEU C 14 2.07 -4.80 1.61
CA LEU C 14 1.07 -4.92 0.55
C LEU C 14 -0.12 -5.78 0.99
N ALA C 15 0.17 -6.82 1.77
CA ALA C 15 -0.87 -7.72 2.25
C ALA C 15 -1.90 -6.98 3.11
N LEU C 16 -1.43 -6.04 3.93
CA LEU C 16 -2.30 -5.27 4.80
C LEU C 16 -3.33 -4.50 3.96
N LEU C 17 -2.91 -3.96 2.81
CA LEU C 17 -3.81 -3.22 1.93
C LEU C 17 -4.94 -4.13 1.43
N SER C 18 -4.61 -5.39 1.14
CA SER C 18 -5.60 -6.35 0.65
C SER C 18 -6.76 -6.51 1.65
N LEU C 19 -6.41 -6.59 2.94
CA LEU C 19 -7.42 -6.74 4.00
C LEU C 19 -8.33 -5.51 4.05
N LEU C 20 -7.74 -4.33 3.93
CA LEU C 20 -8.49 -3.07 3.97
C LEU C 20 -9.33 -2.90 2.70
N PHE C 21 -8.80 -3.37 1.55
CA PHE C 21 -9.48 -3.24 0.27
C PHE C 21 -10.78 -4.04 0.23
N ILE C 22 -10.76 -5.26 0.77
CA ILE C 22 -11.95 -6.11 0.78
C ILE C 22 -13.02 -5.56 1.72
N GLY C 23 -12.58 -4.98 2.84
CA GLY C 23 -13.48 -4.39 3.82
C GLY C 23 -14.08 -3.08 3.31
N LEU C 24 -13.31 -2.34 2.50
CA LEU C 24 -13.77 -1.07 1.94
C LEU C 24 -15.07 -1.23 1.17
N ALA C 25 -15.13 -2.27 0.35
CA ALA C 25 -16.31 -2.56 -0.46
C ALA C 25 -17.52 -2.87 0.44
N TYR C 26 -17.28 -3.60 1.52
CA TYR C 26 -18.35 -3.97 2.46
C TYR C 26 -18.98 -2.70 3.06
N ARG C 27 -18.13 -1.76 3.48
CA ARG C 27 -18.59 -0.52 4.08
C ARG C 27 -19.45 0.28 3.10
N TYR C 28 -19.06 0.27 1.82
CA TYR C 28 -19.78 1.00 0.78
C TYR C 28 -20.95 0.15 0.21
N GLN C 29 -21.10 -1.09 0.68
CA GLN C 29 -22.17 -1.98 0.21
C GLN C 29 -23.39 -1.92 1.13
N ARG C 30 -23.16 -1.70 2.43
CA ARG C 30 -24.24 -1.62 3.41
C ARG C 30 -25.27 -0.56 3.00
N GLY A 1 24.23 0.48 -15.46
CA GLY A 1 22.80 0.78 -15.18
C GLY A 1 22.49 0.52 -13.71
N THR A 2 21.58 1.32 -13.15
CA THR A 2 21.19 1.17 -11.74
C THR A 2 19.69 1.39 -11.59
N THR A 3 19.01 0.47 -10.89
CA THR A 3 17.56 0.56 -10.69
C THR A 3 17.19 0.48 -9.20
N VAL A 4 18.06 1.06 -8.36
CA VAL A 4 17.84 1.08 -6.91
C VAL A 4 16.66 2.03 -6.56
N LEU A 5 16.43 3.04 -7.41
CA LEU A 5 15.35 4.00 -7.21
C LEU A 5 13.97 3.34 -7.34
N LEU A 6 13.82 2.43 -8.31
CA LEU A 6 12.55 1.76 -8.53
C LEU A 6 11.94 1.22 -7.21
N PRO A 7 12.62 0.37 -6.44
CA PRO A 7 12.07 -0.16 -5.14
C PRO A 7 11.85 0.94 -4.09
N LEU A 8 12.73 1.96 -4.10
CA LEU A 8 12.65 3.05 -3.13
C LEU A 8 11.33 3.81 -3.24
N VAL A 9 10.93 4.13 -4.46
CA VAL A 9 9.69 4.87 -4.69
C VAL A 9 8.48 4.02 -4.26
N ILE A 10 8.52 2.69 -4.48
CA ILE A 10 7.41 1.82 -4.07
C ILE A 10 7.30 1.84 -2.54
N PHE A 11 8.45 1.77 -1.87
CA PHE A 11 8.50 1.79 -0.40
C PHE A 11 7.90 3.11 0.12
N PHE A 12 8.15 4.20 -0.59
CA PHE A 12 7.65 5.52 -0.19
C PHE A 12 6.12 5.49 -0.08
N GLY A 13 5.48 4.83 -1.03
CA GLY A 13 4.02 4.69 -1.03
C GLY A 13 3.57 3.86 0.17
N LEU A 14 4.41 2.87 0.53
CA LEU A 14 4.13 1.99 1.65
C LEU A 14 3.96 2.78 2.95
N ALA A 15 4.73 3.87 3.09
CA ALA A 15 4.67 4.70 4.29
C ALA A 15 3.28 5.30 4.48
N LEU A 16 2.64 5.71 3.37
CA LEU A 16 1.31 6.28 3.42
C LEU A 16 0.31 5.27 3.99
N LEU A 17 0.47 4.00 3.62
CA LEU A 17 -0.42 2.94 4.10
C LEU A 17 -0.38 2.86 5.62
N SER A 18 0.82 2.98 6.19
CA SER A 18 0.99 2.90 7.64
C SER A 18 0.20 4.00 8.34
N LEU A 19 0.22 5.21 7.77
CA LEU A 19 -0.49 6.35 8.33
C LEU A 19 -2.00 6.08 8.33
N LEU A 20 -2.53 5.60 7.20
CA LEU A 20 -3.95 5.30 7.06
C LEU A 20 -4.38 4.15 7.98
N PHE A 21 -3.53 3.12 8.09
CA PHE A 21 -3.83 1.96 8.93
C PHE A 21 -3.78 2.33 10.41
N ILE A 22 -2.77 3.11 10.79
CA ILE A 22 -2.61 3.53 12.18
C ILE A 22 -3.72 4.49 12.58
N GLY A 23 -4.05 5.41 11.67
CA GLY A 23 -5.11 6.39 11.91
C GLY A 23 -6.48 5.71 12.09
N LEU A 24 -6.68 4.60 11.36
CA LEU A 24 -7.94 3.86 11.43
C LEU A 24 -8.11 3.19 12.80
N ALA A 25 -7.02 2.66 13.32
CA ALA A 25 -7.02 1.98 14.62
C ALA A 25 -7.24 2.95 15.78
N TYR A 26 -6.68 4.15 15.66
CA TYR A 26 -6.75 5.15 16.72
C TYR A 26 -8.19 5.55 17.10
N ARG A 27 -9.12 5.53 16.13
CA ARG A 27 -10.50 5.94 16.43
C ARG A 27 -11.21 4.98 17.39
N TYR A 28 -11.13 3.67 17.14
CA TYR A 28 -11.76 2.69 17.99
C TYR A 28 -10.77 2.10 19.03
N GLN A 29 -9.54 2.64 19.07
CA GLN A 29 -8.52 2.16 20.01
C GLN A 29 -9.06 2.15 21.43
N ARG A 30 -9.83 3.19 21.77
CA ARG A 30 -10.41 3.32 23.11
C ARG A 30 -9.32 3.24 24.18
N GLY B 1 10.65 -9.85 -18.45
CA GLY B 1 12.11 -9.94 -18.75
C GLY B 1 12.75 -10.98 -17.83
N THR B 2 13.29 -10.52 -16.70
CA THR B 2 13.94 -11.40 -15.73
C THR B 2 13.12 -11.50 -14.44
N THR B 3 12.92 -10.35 -13.77
CA THR B 3 12.14 -10.29 -12.54
C THR B 3 11.24 -9.05 -12.51
N VAL B 4 10.69 -8.72 -13.67
CA VAL B 4 9.80 -7.57 -13.82
C VAL B 4 8.44 -7.86 -13.13
N LEU B 5 8.08 -9.15 -13.02
CA LEU B 5 6.83 -9.56 -12.40
C LEU B 5 6.78 -9.19 -10.92
N LEU B 6 7.90 -9.38 -10.20
CA LEU B 6 7.95 -9.08 -8.77
C LEU B 6 7.49 -7.62 -8.48
N PRO B 7 8.13 -6.59 -9.05
CA PRO B 7 7.71 -5.17 -8.81
C PRO B 7 6.30 -4.86 -9.32
N LEU B 8 5.89 -5.51 -10.41
CA LEU B 8 4.58 -5.27 -11.01
C LEU B 8 3.45 -5.65 -10.04
N VAL B 9 3.57 -6.81 -9.40
CA VAL B 9 2.55 -7.26 -8.45
C VAL B 9 2.53 -6.34 -7.22
N ILE B 10 3.71 -5.85 -6.79
CA ILE B 10 3.76 -4.95 -5.63
C ILE B 10 3.10 -3.61 -6.00
N PHE B 11 3.42 -3.11 -7.20
CA PHE B 11 2.84 -1.86 -7.70
C PHE B 11 1.32 -2.04 -7.90
N PHE B 12 0.92 -3.23 -8.35
CA PHE B 12 -0.48 -3.53 -8.59
C PHE B 12 -1.30 -3.32 -7.32
N GLY B 13 -0.77 -3.79 -6.18
CA GLY B 13 -1.45 -3.63 -4.90
C GLY B 13 -1.42 -2.17 -4.48
N LEU B 14 -0.30 -1.49 -4.80
CA LEU B 14 -0.11 -0.09 -4.49
C LEU B 14 -1.13 0.78 -5.24
N ALA B 15 -1.60 0.30 -6.40
CA ALA B 15 -2.58 1.03 -7.21
C ALA B 15 -3.87 1.23 -6.43
N LEU B 16 -4.27 0.19 -5.67
CA LEU B 16 -5.48 0.24 -4.87
C LEU B 16 -5.39 1.38 -3.84
N LEU B 17 -4.20 1.58 -3.27
CA LEU B 17 -3.98 2.62 -2.28
C LEU B 17 -4.32 4.00 -2.86
N SER B 18 -4.04 4.18 -4.16
CA SER B 18 -4.32 5.45 -4.83
C SER B 18 -5.81 5.80 -4.74
N LEU B 19 -6.66 4.79 -4.90
CA LEU B 19 -8.12 5.00 -4.84
C LEU B 19 -8.54 5.49 -3.45
N LEU B 20 -8.01 4.85 -2.41
CA LEU B 20 -8.34 5.22 -1.03
C LEU B 20 -7.70 6.56 -0.64
N PHE B 21 -6.50 6.83 -1.18
CA PHE B 21 -5.78 8.07 -0.87
C PHE B 21 -6.41 9.28 -1.56
N ILE B 22 -6.82 9.12 -2.83
CA ILE B 22 -7.41 10.21 -3.58
C ILE B 22 -8.77 10.63 -2.99
N GLY B 23 -9.52 9.64 -2.49
CA GLY B 23 -10.84 9.91 -1.90
C GLY B 23 -10.71 10.57 -0.53
N LEU B 24 -9.69 10.19 0.23
CA LEU B 24 -9.47 10.75 1.57
C LEU B 24 -9.18 12.25 1.50
N ALA B 25 -8.32 12.62 0.59
CA ALA B 25 -7.94 14.03 0.40
C ALA B 25 -9.09 14.85 -0.22
N TYR B 26 -9.86 14.21 -1.11
CA TYR B 26 -10.96 14.88 -1.80
C TYR B 26 -12.01 15.45 -0.83
N ARG B 27 -12.42 14.65 0.16
CA ARG B 27 -13.42 15.11 1.14
C ARG B 27 -12.93 16.34 1.90
N TYR B 28 -11.61 16.40 2.15
CA TYR B 28 -11.00 17.51 2.87
C TYR B 28 -10.64 18.67 1.92
N GLN B 29 -10.81 18.47 0.60
CA GLN B 29 -10.49 19.51 -0.38
C GLN B 29 -11.72 20.40 -0.64
N ARG B 30 -12.40 20.80 0.43
CA ARG B 30 -13.58 21.65 0.33
C ARG B 30 -13.26 22.91 -0.49
N GLY C 1 25.71 -7.28 1.84
CA GLY C 1 25.44 -8.75 1.83
C GLY C 1 24.26 -9.06 0.90
N THR C 2 23.05 -8.70 1.36
CA THR C 2 21.84 -8.94 0.56
C THR C 2 20.74 -7.96 0.97
N THR C 3 19.86 -7.62 0.02
CA THR C 3 18.75 -6.69 0.28
C THR C 3 17.41 -7.39 0.05
N VAL C 4 17.32 -8.63 0.52
CA VAL C 4 16.11 -9.43 0.40
C VAL C 4 15.00 -8.87 1.32
N LEU C 5 15.40 -8.25 2.43
CA LEU C 5 14.45 -7.69 3.39
C LEU C 5 13.65 -6.53 2.80
N LEU C 6 14.32 -5.66 2.02
CA LEU C 6 13.64 -4.51 1.42
C LEU C 6 12.33 -4.92 0.69
N PRO C 7 12.36 -5.82 -0.30
CA PRO C 7 11.11 -6.26 -1.01
C PRO C 7 10.11 -6.98 -0.10
N LEU C 8 10.63 -7.75 0.87
CA LEU C 8 9.77 -8.51 1.78
C LEU C 8 8.88 -7.60 2.61
N VAL C 9 9.45 -6.52 3.16
CA VAL C 9 8.68 -5.58 3.96
C VAL C 9 7.65 -4.84 3.08
N ILE C 10 8.03 -4.53 1.83
CA ILE C 10 7.11 -3.84 0.92
C ILE C 10 5.94 -4.77 0.57
N PHE C 11 6.25 -6.03 0.26
CA PHE C 11 5.23 -7.02 -0.08
C PHE C 11 4.36 -7.31 1.16
N PHE C 12 4.98 -7.35 2.34
CA PHE C 12 4.27 -7.61 3.58
C PHE C 12 3.21 -6.54 3.81
N GLY C 13 3.59 -5.28 3.61
CA GLY C 13 2.66 -4.17 3.77
C GLY C 13 1.53 -4.25 2.73
N LEU C 14 1.90 -4.77 1.55
CA LEU C 14 0.94 -4.92 0.46
C LEU C 14 -0.21 -5.83 0.88
N ALA C 15 0.11 -6.87 1.64
CA ALA C 15 -0.90 -7.81 2.13
C ALA C 15 -1.90 -7.09 3.04
N LEU C 16 -1.40 -6.15 3.85
CA LEU C 16 -2.24 -5.40 4.76
C LEU C 16 -3.33 -4.65 3.99
N LEU C 17 -2.94 -3.98 2.90
CA LEU C 17 -3.89 -3.24 2.08
C LEU C 17 -4.93 -4.20 1.48
N SER C 18 -4.48 -5.39 1.07
CA SER C 18 -5.37 -6.38 0.48
C SER C 18 -6.50 -6.72 1.47
N LEU C 19 -6.14 -6.94 2.74
CA LEU C 19 -7.13 -7.26 3.77
C LEU C 19 -8.10 -6.09 3.96
N LEU C 20 -7.58 -4.87 3.97
CA LEU C 20 -8.42 -3.67 4.13
C LEU C 20 -9.36 -3.51 2.93
N PHE C 21 -8.88 -3.87 1.74
CA PHE C 21 -9.68 -3.76 0.52
C PHE C 21 -10.89 -4.70 0.57
N ILE C 22 -10.68 -5.90 1.13
CA ILE C 22 -11.76 -6.89 1.23
C ILE C 22 -12.89 -6.35 2.12
N GLY C 23 -12.51 -5.74 3.23
CA GLY C 23 -13.48 -5.17 4.18
C GLY C 23 -14.13 -3.90 3.62
N LEU C 24 -13.33 -3.09 2.91
CA LEU C 24 -13.82 -1.84 2.34
C LEU C 24 -14.91 -2.08 1.30
N ALA C 25 -14.68 -3.07 0.44
CA ALA C 25 -15.64 -3.42 -0.61
C ALA C 25 -16.95 -3.96 -0.01
N TYR C 26 -16.84 -4.70 1.09
CA TYR C 26 -18.01 -5.28 1.74
C TYR C 26 -18.98 -4.17 2.17
N ARG C 27 -18.43 -3.11 2.75
CA ARG C 27 -19.24 -1.97 3.20
C ARG C 27 -19.82 -1.18 2.01
N TYR C 28 -19.23 -1.37 0.82
CA TYR C 28 -19.69 -0.68 -0.38
C TYR C 28 -20.83 -1.45 -1.07
N GLN C 29 -21.06 -2.72 -0.67
CA GLN C 29 -22.13 -3.54 -1.25
C GLN C 29 -22.02 -3.56 -2.79
N ARG C 30 -20.80 -3.84 -3.28
CA ARG C 30 -20.55 -3.90 -4.72
C ARG C 30 -21.54 -4.83 -5.42
N GLY A 1 23.50 4.22 -11.41
CA GLY A 1 22.74 3.04 -10.90
C GLY A 1 21.76 2.56 -11.97
N THR A 2 20.95 1.56 -11.62
CA THR A 2 19.97 1.00 -12.56
C THR A 2 18.57 0.97 -11.93
N THR A 3 17.69 1.84 -12.44
CA THR A 3 16.31 1.94 -11.96
C THR A 3 16.25 1.94 -10.42
N VAL A 4 17.10 2.76 -9.80
CA VAL A 4 17.13 2.89 -8.35
C VAL A 4 15.85 3.60 -7.84
N LEU A 5 15.19 4.36 -8.74
CA LEU A 5 13.97 5.06 -8.40
C LEU A 5 12.81 4.08 -8.17
N LEU A 6 12.81 2.96 -8.89
CA LEU A 6 11.75 1.95 -8.77
C LEU A 6 11.56 1.51 -7.29
N PRO A 7 12.60 0.99 -6.61
CA PRO A 7 12.45 0.53 -5.19
C PRO A 7 12.09 1.67 -4.21
N LEU A 8 12.52 2.89 -4.51
CA LEU A 8 12.26 4.03 -3.64
C LEU A 8 10.78 4.40 -3.63
N VAL A 9 10.16 4.46 -4.82
CA VAL A 9 8.75 4.83 -4.94
C VAL A 9 7.84 3.77 -4.27
N ILE A 10 8.19 2.47 -4.36
CA ILE A 10 7.37 1.44 -3.75
C ILE A 10 7.47 1.50 -2.22
N PHE A 11 8.69 1.74 -1.71
CA PHE A 11 8.91 1.83 -0.28
C PHE A 11 8.23 3.09 0.27
N PHE A 12 8.35 4.19 -0.46
CA PHE A 12 7.76 5.47 -0.06
C PHE A 12 6.23 5.33 0.06
N GLY A 13 5.62 4.66 -0.92
CA GLY A 13 4.17 4.46 -0.92
C GLY A 13 3.77 3.59 0.26
N LEU A 14 4.64 2.64 0.63
CA LEU A 14 4.40 1.74 1.75
C LEU A 14 4.21 2.54 3.04
N ALA A 15 5.02 3.59 3.20
CA ALA A 15 4.96 4.43 4.39
C ALA A 15 3.58 5.10 4.51
N LEU A 16 3.02 5.50 3.36
CA LEU A 16 1.70 6.13 3.33
C LEU A 16 0.65 5.20 3.93
N LEU A 17 0.78 3.90 3.63
CA LEU A 17 -0.15 2.90 4.15
C LEU A 17 -0.12 2.88 5.69
N SER A 18 1.05 3.17 6.27
CA SER A 18 1.22 3.18 7.72
C SER A 18 0.28 4.20 8.38
N LEU A 19 0.18 5.40 7.79
CA LEU A 19 -0.68 6.45 8.32
C LEU A 19 -2.16 6.04 8.24
N LEU A 20 -2.53 5.42 7.12
CA LEU A 20 -3.91 4.96 6.90
C LEU A 20 -4.24 3.76 7.79
N PHE A 21 -3.25 2.88 8.03
CA PHE A 21 -3.46 1.68 8.84
C PHE A 21 -3.68 2.04 10.31
N ILE A 22 -2.88 2.98 10.82
CA ILE A 22 -2.99 3.39 12.23
C ILE A 22 -4.32 4.11 12.49
N GLY A 23 -4.76 4.89 11.50
CA GLY A 23 -6.02 5.64 11.60
C GLY A 23 -7.22 4.69 11.61
N LEU A 24 -7.10 3.54 10.93
CA LEU A 24 -8.18 2.56 10.86
C LEU A 24 -8.59 2.13 12.26
N ALA A 25 -7.60 1.89 13.11
CA ALA A 25 -7.85 1.45 14.49
C ALA A 25 -8.68 2.50 15.23
N TYR A 26 -8.39 3.78 14.98
CA TYR A 26 -9.12 4.88 15.63
C TYR A 26 -10.60 4.80 15.26
N ARG A 27 -10.88 4.57 13.98
CA ARG A 27 -12.26 4.46 13.49
C ARG A 27 -12.95 3.22 14.08
N TYR A 28 -12.18 2.15 14.27
CA TYR A 28 -12.71 0.90 14.82
C TYR A 28 -12.71 0.91 16.37
N GLN A 29 -12.25 2.01 16.97
CA GLN A 29 -12.21 2.13 18.43
C GLN A 29 -12.89 3.43 18.90
N ARG A 30 -13.98 3.81 18.21
CA ARG A 30 -14.73 5.02 18.53
C ARG A 30 -13.83 6.26 18.48
N GLY B 1 17.58 -16.00 -15.51
CA GLY B 1 16.23 -16.19 -14.93
C GLY B 1 15.34 -14.99 -15.29
N THR B 2 14.08 -15.03 -14.85
CA THR B 2 13.13 -13.95 -15.13
C THR B 2 12.10 -13.83 -14.01
N THR B 3 12.22 -12.77 -13.21
CA THR B 3 11.30 -12.51 -12.10
C THR B 3 10.79 -11.07 -12.13
N VAL B 4 10.49 -10.60 -13.35
CA VAL B 4 9.98 -9.24 -13.54
C VAL B 4 8.53 -9.12 -13.01
N LEU B 5 7.82 -10.26 -12.96
CA LEU B 5 6.44 -10.29 -12.48
C LEU B 5 6.36 -9.97 -10.99
N LEU B 6 7.34 -10.43 -10.20
CA LEU B 6 7.35 -10.20 -8.76
C LEU B 6 7.21 -8.68 -8.45
N PRO B 7 8.11 -7.82 -8.94
CA PRO B 7 8.01 -6.35 -8.68
C PRO B 7 6.75 -5.73 -9.30
N LEU B 8 6.34 -6.24 -10.46
CA LEU B 8 5.18 -5.70 -11.18
C LEU B 8 3.90 -5.84 -10.35
N VAL B 9 3.69 -7.01 -9.74
CA VAL B 9 2.51 -7.24 -8.93
C VAL B 9 2.54 -6.35 -7.67
N ILE B 10 3.73 -6.13 -7.10
CA ILE B 10 3.85 -5.29 -5.90
C ILE B 10 3.57 -3.83 -6.28
N PHE B 11 4.10 -3.40 -7.43
CA PHE B 11 3.89 -2.04 -7.92
C PHE B 11 2.41 -1.82 -8.26
N PHE B 12 1.80 -2.84 -8.86
CA PHE B 12 0.38 -2.77 -9.25
C PHE B 12 -0.50 -2.54 -8.02
N GLY B 13 -0.19 -3.21 -6.92
CA GLY B 13 -0.95 -3.06 -5.68
C GLY B 13 -0.87 -1.62 -5.18
N LEU B 14 0.28 -0.99 -5.42
CA LEU B 14 0.52 0.39 -5.01
C LEU B 14 -0.51 1.34 -5.63
N ALA B 15 -0.97 1.00 -6.84
CA ALA B 15 -1.94 1.84 -7.55
C ALA B 15 -3.25 1.96 -6.76
N LEU B 16 -3.66 0.85 -6.14
CA LEU B 16 -4.88 0.82 -5.34
C LEU B 16 -4.76 1.81 -4.17
N LEU B 17 -3.57 1.87 -3.57
CA LEU B 17 -3.32 2.77 -2.43
C LEU B 17 -3.58 4.22 -2.83
N SER B 18 -3.22 4.59 -4.06
CA SER B 18 -3.43 5.94 -4.56
C SER B 18 -4.92 6.31 -4.54
N LEU B 19 -5.77 5.37 -4.95
CA LEU B 19 -7.22 5.60 -4.97
C LEU B 19 -7.74 5.87 -3.56
N LEU B 20 -7.28 5.08 -2.58
CA LEU B 20 -7.71 5.24 -1.19
C LEU B 20 -7.18 6.57 -0.63
N PHE B 21 -5.92 6.88 -0.92
CA PHE B 21 -5.29 8.10 -0.44
C PHE B 21 -5.99 9.34 -1.02
N ILE B 22 -6.31 9.29 -2.33
CA ILE B 22 -6.98 10.40 -2.98
C ILE B 22 -8.40 10.59 -2.41
N GLY B 23 -9.05 9.48 -2.08
CA GLY B 23 -10.40 9.50 -1.52
C GLY B 23 -10.44 10.35 -0.25
N LEU B 24 -9.35 10.35 0.52
CA LEU B 24 -9.27 11.12 1.76
C LEU B 24 -9.40 12.62 1.47
N ALA B 25 -8.69 13.07 0.45
CA ALA B 25 -8.71 14.49 0.05
C ALA B 25 -10.08 14.89 -0.49
N TYR B 26 -10.73 13.98 -1.22
CA TYR B 26 -12.04 14.27 -1.81
C TYR B 26 -13.07 14.61 -0.71
N ARG B 27 -13.11 13.78 0.33
CA ARG B 27 -14.04 14.00 1.44
C ARG B 27 -13.71 15.27 2.23
N TYR B 28 -12.45 15.72 2.14
CA TYR B 28 -12.01 16.93 2.84
C TYR B 28 -12.30 18.21 2.03
N GLN B 29 -12.74 18.05 0.77
CA GLN B 29 -13.03 19.20 -0.10
C GLN B 29 -14.14 20.07 0.49
N ARG B 30 -15.11 19.42 1.13
CA ARG B 30 -16.25 20.14 1.74
C ARG B 30 -16.38 19.78 3.23
N GLY C 1 20.62 -14.09 1.85
CA GLY C 1 21.34 -12.98 1.16
C GLY C 1 21.72 -11.90 2.19
N THR C 2 21.99 -10.68 1.71
CA THR C 2 22.37 -9.58 2.58
C THR C 2 21.17 -8.68 2.92
N THR C 3 20.63 -7.98 1.92
CA THR C 3 19.49 -7.08 2.12
C THR C 3 18.23 -7.59 1.41
N VAL C 4 18.04 -8.91 1.45
CA VAL C 4 16.87 -9.54 0.85
C VAL C 4 15.60 -9.21 1.65
N LEU C 5 15.78 -8.85 2.92
CA LEU C 5 14.66 -8.51 3.81
C LEU C 5 13.98 -7.22 3.34
N LEU C 6 14.76 -6.26 2.81
CA LEU C 6 14.21 -4.99 2.36
C LEU C 6 12.99 -5.21 1.43
N PRO C 7 13.13 -5.92 0.31
CA PRO C 7 11.97 -6.20 -0.61
C PRO C 7 10.88 -7.06 0.04
N LEU C 8 11.30 -8.00 0.90
CA LEU C 8 10.37 -8.91 1.57
C LEU C 8 9.37 -8.14 2.44
N VAL C 9 9.85 -7.17 3.21
CA VAL C 9 8.98 -6.38 4.08
C VAL C 9 7.98 -5.56 3.26
N ILE C 10 8.41 -5.05 2.08
CA ILE C 10 7.50 -4.26 1.23
C ILE C 10 6.34 -5.16 0.78
N PHE C 11 6.65 -6.40 0.42
CA PHE C 11 5.64 -7.37 0.00
C PHE C 11 4.62 -7.59 1.14
N PHE C 12 5.12 -7.71 2.36
CA PHE C 12 4.27 -7.94 3.53
C PHE C 12 3.25 -6.81 3.68
N GLY C 13 3.65 -5.58 3.35
CA GLY C 13 2.76 -4.42 3.44
C GLY C 13 1.60 -4.58 2.46
N LEU C 14 1.86 -5.20 1.31
CA LEU C 14 0.86 -5.42 0.28
C LEU C 14 -0.32 -6.22 0.82
N ALA C 15 -0.01 -7.23 1.64
CA ALA C 15 -1.05 -8.09 2.22
C ALA C 15 -2.01 -7.29 3.09
N LEU C 16 -1.48 -6.34 3.86
CA LEU C 16 -2.29 -5.51 4.73
C LEU C 16 -3.28 -4.67 3.91
N LEU C 17 -2.83 -4.18 2.76
CA LEU C 17 -3.68 -3.38 1.87
C LEU C 17 -4.92 -4.17 1.45
N SER C 18 -4.74 -5.48 1.17
CA SER C 18 -5.85 -6.32 0.75
C SER C 18 -6.94 -6.37 1.83
N LEU C 19 -6.53 -6.49 3.10
CA LEU C 19 -7.47 -6.54 4.21
C LEU C 19 -8.26 -5.22 4.29
N LEU C 20 -7.53 -4.10 4.17
CA LEU C 20 -8.16 -2.77 4.22
C LEU C 20 -9.10 -2.58 3.03
N PHE C 21 -8.70 -3.10 1.86
CA PHE C 21 -9.52 -2.98 0.65
C PHE C 21 -10.85 -3.71 0.86
N ILE C 22 -10.79 -4.89 1.47
CA ILE C 22 -12.00 -5.68 1.74
C ILE C 22 -12.87 -4.95 2.77
N GLY C 23 -12.22 -4.34 3.76
CA GLY C 23 -12.93 -3.61 4.81
C GLY C 23 -13.80 -2.51 4.19
N LEU C 24 -13.37 -1.95 3.06
CA LEU C 24 -14.13 -0.91 2.38
C LEU C 24 -15.52 -1.42 2.00
N ALA C 25 -15.58 -2.66 1.56
CA ALA C 25 -16.85 -3.29 1.17
C ALA C 25 -17.81 -3.35 2.35
N TYR C 26 -17.29 -3.75 3.51
CA TYR C 26 -18.09 -3.85 4.72
C TYR C 26 -18.66 -2.48 5.12
N ARG C 27 -17.80 -1.46 5.10
CA ARG C 27 -18.20 -0.10 5.47
C ARG C 27 -19.17 0.50 4.45
N TYR C 28 -18.95 0.17 3.17
CA TYR C 28 -19.81 0.68 2.09
C TYR C 28 -21.01 -0.22 1.80
N GLN C 29 -21.20 -1.28 2.61
CA GLN C 29 -22.32 -2.20 2.43
C GLN C 29 -22.98 -2.51 3.78
N ARG C 30 -23.38 -1.46 4.50
CA ARG C 30 -24.03 -1.62 5.80
C ARG C 30 -25.54 -1.84 5.63
#